data_1JH3
#
_entry.id   1JH3
#
_cell.length_a   ?
_cell.length_b   ?
_cell.length_c   ?
_cell.angle_alpha   ?
_cell.angle_beta   ?
_cell.angle_gamma   ?
#
_entity_poly.entity_id   1
_entity_poly.type   'polypeptide(L)'
_entity_poly.pdbx_seq_one_letter_code
;ALFSGDIANLTAAEIEQGFKDVPSFVHEGGDVPLVELLVSAGISPSKRQAREDIQNGAIYVNGERLQDVGAILTAEHRLE
GRFTVIRRGKKKYYLIRYALEHHHHHH
;
_entity_poly.pdbx_strand_id   A
#
# COMPACT_ATOMS: atom_id res chain seq x y z
N ALA A 1 2.62 16.03 20.49
CA ALA A 1 3.98 16.41 20.09
C ALA A 1 3.94 16.97 18.67
N LEU A 2 4.87 16.59 17.80
CA LEU A 2 4.89 16.91 16.39
C LEU A 2 5.73 15.82 15.72
N PHE A 3 5.52 15.58 14.44
CA PHE A 3 6.34 14.68 13.63
C PHE A 3 6.59 15.32 12.27
N SER A 4 7.68 14.96 11.63
CA SER A 4 7.95 15.17 10.22
C SER A 4 8.85 14.02 9.75
N GLY A 5 8.93 13.80 8.45
CA GLY A 5 9.49 12.59 7.88
C GLY A 5 8.76 12.32 6.58
N ASP A 6 8.70 11.07 6.15
CA ASP A 6 7.98 10.71 4.92
C ASP A 6 6.51 10.68 5.27
N ILE A 7 6.09 9.74 6.10
CA ILE A 7 4.69 9.42 6.32
C ILE A 7 4.05 10.19 7.48
N ALA A 8 4.59 11.36 7.78
CA ALA A 8 4.20 12.14 8.96
C ALA A 8 2.82 12.78 8.85
N ASN A 9 2.13 12.63 7.72
CA ASN A 9 0.73 12.93 7.53
C ASN A 9 -0.14 11.68 7.57
N LEU A 10 0.46 10.52 7.35
CA LEU A 10 -0.18 9.21 7.31
C LEU A 10 0.67 8.16 8.04
N THR A 11 0.66 8.21 9.37
CA THR A 11 1.42 7.31 10.24
C THR A 11 0.62 6.05 10.59
N ALA A 12 0.93 5.27 11.62
CA ALA A 12 0.19 4.04 11.91
C ALA A 12 -1.24 4.30 12.35
N ALA A 13 -1.41 5.13 13.37
CA ALA A 13 -2.77 5.44 13.82
C ALA A 13 -3.46 6.31 12.78
N GLU A 14 -2.67 7.01 11.97
CA GLU A 14 -3.15 7.98 11.03
C GLU A 14 -3.55 7.26 9.75
N ILE A 15 -2.88 6.18 9.37
CA ILE A 15 -3.26 5.31 8.27
C ILE A 15 -4.49 4.55 8.72
N GLU A 16 -4.48 3.95 9.90
CA GLU A 16 -5.65 3.22 10.37
C GLU A 16 -6.90 4.09 10.30
N GLN A 17 -6.94 5.24 10.97
CA GLN A 17 -8.16 6.06 10.97
C GLN A 17 -8.33 6.76 9.63
N GLY A 18 -7.22 6.97 8.92
CA GLY A 18 -7.20 7.59 7.63
C GLY A 18 -7.96 6.72 6.64
N PHE A 19 -7.77 5.41 6.74
CA PHE A 19 -8.13 4.50 5.69
C PHE A 19 -9.03 3.36 6.17
N LYS A 20 -9.57 3.51 7.38
CA LYS A 20 -10.69 2.81 8.01
C LYS A 20 -11.99 2.86 7.18
N ASP A 21 -11.92 3.36 5.95
CA ASP A 21 -12.96 3.37 4.94
C ASP A 21 -13.06 1.99 4.31
N VAL A 22 -11.93 1.31 4.10
CA VAL A 22 -11.84 0.01 3.46
C VAL A 22 -11.20 -1.00 4.44
N PRO A 23 -11.23 -2.32 4.14
CA PRO A 23 -10.55 -3.30 4.96
C PRO A 23 -9.04 -3.26 4.70
N SER A 24 -8.33 -4.11 5.43
CA SER A 24 -6.88 -4.20 5.45
C SER A 24 -6.46 -5.65 5.25
N PHE A 25 -5.16 -5.87 5.09
CA PHE A 25 -4.55 -7.18 4.95
C PHE A 25 -3.26 -7.23 5.77
N VAL A 26 -2.73 -8.42 5.98
CA VAL A 26 -1.46 -8.67 6.63
C VAL A 26 -0.79 -9.79 5.85
N HIS A 27 0.49 -9.68 5.51
CA HIS A 27 1.28 -10.83 5.08
C HIS A 27 2.37 -11.12 6.11
N GLU A 28 3.16 -12.16 5.86
CA GLU A 28 4.03 -12.81 6.84
C GLU A 28 5.35 -12.06 7.10
N GLY A 29 5.43 -10.79 6.72
CA GLY A 29 6.71 -10.09 6.60
C GLY A 29 7.50 -10.63 5.40
N GLY A 30 8.71 -10.12 5.21
CA GLY A 30 9.44 -10.24 3.97
C GLY A 30 8.90 -9.18 3.03
N ASP A 31 9.75 -8.68 2.14
CA ASP A 31 9.34 -7.80 1.05
C ASP A 31 8.58 -8.58 -0.01
N VAL A 32 7.71 -7.86 -0.72
CA VAL A 32 6.68 -8.45 -1.57
C VAL A 32 6.29 -7.34 -2.52
N PRO A 33 6.22 -7.60 -3.82
CA PRO A 33 5.96 -6.57 -4.78
C PRO A 33 4.54 -6.07 -4.64
N LEU A 34 4.39 -4.78 -4.96
CA LEU A 34 3.12 -4.09 -4.93
C LEU A 34 1.98 -4.90 -5.58
N VAL A 35 2.30 -5.55 -6.69
CA VAL A 35 1.39 -6.31 -7.55
C VAL A 35 1.08 -7.71 -7.06
N GLU A 36 1.76 -8.17 -6.02
CA GLU A 36 1.38 -9.39 -5.35
C GLU A 36 0.71 -9.02 -4.03
N LEU A 37 1.06 -7.92 -3.35
CA LEU A 37 0.41 -7.62 -2.08
C LEU A 37 -0.95 -6.98 -2.32
N LEU A 38 -1.23 -6.40 -3.49
CA LEU A 38 -2.56 -5.91 -3.79
C LEU A 38 -3.48 -7.08 -4.13
N VAL A 39 -2.91 -8.13 -4.69
CA VAL A 39 -3.60 -9.29 -5.25
C VAL A 39 -4.08 -10.13 -4.09
N SER A 40 -3.16 -10.33 -3.15
CA SER A 40 -3.28 -10.85 -1.83
C SER A 40 -4.28 -10.00 -1.05
N ALA A 41 -4.09 -8.68 -1.03
CA ALA A 41 -4.93 -7.85 -0.18
C ALA A 41 -6.30 -7.55 -0.80
N GLY A 42 -6.52 -7.87 -2.08
CA GLY A 42 -7.85 -7.90 -2.68
C GLY A 42 -8.26 -6.55 -3.25
N ILE A 43 -7.25 -5.82 -3.69
CA ILE A 43 -7.35 -4.53 -4.34
C ILE A 43 -7.76 -4.91 -5.76
N SER A 44 -7.04 -5.84 -6.43
CA SER A 44 -7.45 -6.38 -7.72
C SER A 44 -6.75 -7.74 -7.86
N PRO A 45 -7.44 -8.87 -7.59
CA PRO A 45 -6.81 -10.19 -7.54
C PRO A 45 -6.60 -10.81 -8.92
N SER A 46 -7.26 -10.29 -9.95
CA SER A 46 -7.20 -10.87 -11.28
C SER A 46 -5.86 -10.45 -11.86
N LYS A 47 -4.93 -11.37 -12.15
CA LYS A 47 -3.52 -11.03 -12.38
C LYS A 47 -3.30 -9.94 -13.44
N ARG A 48 -4.08 -9.92 -14.52
CA ARG A 48 -4.04 -8.82 -15.50
C ARG A 48 -4.41 -7.51 -14.82
N GLN A 49 -5.58 -7.51 -14.18
CA GLN A 49 -6.09 -6.31 -13.56
C GLN A 49 -5.09 -5.82 -12.56
N ALA A 50 -4.61 -6.72 -11.71
CA ALA A 50 -3.60 -6.48 -10.71
C ALA A 50 -2.45 -5.69 -11.32
N ARG A 51 -1.88 -6.23 -12.40
CA ARG A 51 -0.71 -5.62 -13.00
C ARG A 51 -1.02 -4.25 -13.57
N GLU A 52 -2.20 -3.99 -14.11
CA GLU A 52 -2.51 -2.60 -14.48
C GLU A 52 -2.85 -1.74 -13.27
N ASP A 53 -3.53 -2.31 -12.29
CA ASP A 53 -3.89 -1.68 -11.05
C ASP A 53 -2.67 -1.30 -10.27
N ILE A 54 -1.52 -1.91 -10.60
CA ILE A 54 -0.23 -1.49 -10.16
C ILE A 54 0.42 -0.54 -11.14
N GLN A 55 0.53 -0.87 -12.42
CA GLN A 55 1.30 -0.08 -13.38
C GLN A 55 0.65 1.26 -13.67
N ASN A 56 -0.56 1.50 -13.16
CA ASN A 56 -1.16 2.81 -13.26
C ASN A 56 -0.64 3.80 -12.23
N GLY A 57 -0.45 5.03 -12.69
CA GLY A 57 -0.28 6.22 -11.88
C GLY A 57 -1.55 6.67 -11.15
N ALA A 58 -2.44 5.71 -10.89
CA ALA A 58 -3.62 5.81 -10.07
C ALA A 58 -3.52 4.90 -8.83
N ILE A 59 -2.39 4.22 -8.58
CA ILE A 59 -2.07 3.60 -7.30
C ILE A 59 -0.99 4.48 -6.66
N TYR A 60 -1.47 5.41 -5.83
CA TYR A 60 -0.67 6.19 -4.95
C TYR A 60 -0.36 5.34 -3.72
N VAL A 61 0.88 4.86 -3.58
CA VAL A 61 1.26 4.16 -2.38
C VAL A 61 1.64 5.24 -1.40
N ASN A 62 1.00 5.22 -0.24
CA ASN A 62 1.24 6.17 0.83
C ASN A 62 1.13 7.64 0.40
N GLY A 63 0.32 7.87 -0.63
CA GLY A 63 0.01 9.18 -1.16
C GLY A 63 0.84 9.56 -2.38
N GLU A 64 1.78 8.71 -2.82
CA GLU A 64 2.68 9.03 -3.91
C GLU A 64 2.43 8.00 -5.00
N ARG A 65 2.08 8.46 -6.21
CA ARG A 65 1.87 7.62 -7.38
C ARG A 65 3.12 6.80 -7.60
N LEU A 66 3.07 5.50 -7.34
CA LEU A 66 4.23 4.64 -7.35
C LEU A 66 3.73 3.31 -7.94
N GLN A 67 4.07 3.05 -9.21
CA GLN A 67 3.46 2.05 -10.09
C GLN A 67 4.49 1.12 -10.73
N ASP A 68 5.44 0.62 -9.94
CA ASP A 68 6.48 -0.31 -10.39
C ASP A 68 6.99 -1.17 -9.23
N VAL A 69 7.50 -2.36 -9.49
CA VAL A 69 8.19 -3.21 -8.51
C VAL A 69 9.46 -2.51 -8.02
N GLY A 70 10.17 -1.81 -8.90
CA GLY A 70 11.29 -0.96 -8.50
C GLY A 70 10.84 0.32 -7.81
N ALA A 71 9.54 0.57 -7.70
CA ALA A 71 8.97 1.65 -6.90
C ALA A 71 8.67 1.18 -5.47
N ILE A 72 7.86 0.14 -5.24
CA ILE A 72 7.58 -0.35 -3.89
C ILE A 72 7.51 -1.87 -3.87
N LEU A 73 7.91 -2.43 -2.74
CA LEU A 73 7.64 -3.78 -2.35
C LEU A 73 6.70 -3.59 -1.15
N THR A 74 7.19 -3.55 0.09
CA THR A 74 6.36 -3.61 1.30
C THR A 74 6.25 -2.30 2.09
N ALA A 75 5.67 -2.39 3.30
CA ALA A 75 5.53 -1.29 4.22
C ALA A 75 6.84 -0.64 4.59
N GLU A 76 7.85 -1.42 4.99
CA GLU A 76 9.21 -0.95 5.28
C GLU A 76 9.89 -0.40 4.02
N HIS A 77 9.37 -0.77 2.84
CA HIS A 77 9.85 -0.26 1.58
C HIS A 77 9.15 1.07 1.23
N ARG A 78 8.15 1.52 2.00
CA ARG A 78 7.47 2.80 1.73
C ARG A 78 7.63 3.74 2.92
N LEU A 79 7.08 3.42 4.09
CA LEU A 79 7.42 4.05 5.34
C LEU A 79 8.64 3.31 5.90
N GLU A 80 9.17 3.75 7.06
CA GLU A 80 10.22 3.02 7.77
C GLU A 80 9.80 1.58 8.09
N GLY A 81 8.50 1.33 8.22
CA GLY A 81 7.91 0.01 8.32
C GLY A 81 6.85 -0.10 9.38
N ARG A 82 5.62 0.28 9.07
CA ARG A 82 4.45 -0.01 9.90
C ARG A 82 3.39 -0.65 9.00
N PHE A 83 2.64 0.18 8.30
CA PHE A 83 1.56 -0.19 7.39
C PHE A 83 1.93 0.33 5.99
N THR A 84 0.97 0.37 5.07
CA THR A 84 1.07 1.13 3.85
C THR A 84 -0.36 1.36 3.35
N VAL A 85 -0.66 2.57 2.85
CA VAL A 85 -1.87 2.84 2.09
C VAL A 85 -1.61 2.47 0.64
N ILE A 86 -2.59 1.85 0.00
CA ILE A 86 -2.66 1.62 -1.43
C ILE A 86 -3.83 2.41 -1.93
N ARG A 87 -3.59 3.62 -2.40
CA ARG A 87 -4.65 4.52 -2.80
C ARG A 87 -4.84 4.24 -4.29
N ARG A 88 -5.48 3.11 -4.61
CA ARG A 88 -5.84 2.74 -5.95
C ARG A 88 -7.10 3.55 -6.26
N GLY A 89 -6.96 4.73 -6.85
CA GLY A 89 -8.05 5.67 -7.13
C GLY A 89 -9.23 5.02 -7.86
N LYS A 90 -8.98 4.03 -8.73
CA LYS A 90 -10.04 3.30 -9.43
C LYS A 90 -10.92 2.45 -8.48
N LYS A 91 -10.52 2.23 -7.24
CA LYS A 91 -11.15 1.36 -6.25
C LYS A 91 -11.17 2.16 -4.95
N LYS A 92 -10.22 1.97 -4.02
CA LYS A 92 -10.11 2.76 -2.82
C LYS A 92 -8.69 2.66 -2.27
N TYR A 93 -8.57 2.97 -0.99
CA TYR A 93 -7.33 3.19 -0.26
C TYR A 93 -7.14 2.06 0.71
N TYR A 94 -6.73 0.92 0.17
CA TYR A 94 -6.67 -0.30 0.93
C TYR A 94 -5.42 -0.24 1.78
N LEU A 95 -5.41 -1.13 2.76
CA LEU A 95 -4.49 -1.04 3.87
C LEU A 95 -3.72 -2.33 3.97
N ILE A 96 -2.40 -2.21 4.05
CA ILE A 96 -1.48 -3.31 3.98
C ILE A 96 -0.61 -3.26 5.24
N ARG A 97 -0.48 -4.38 5.96
CA ARG A 97 0.56 -4.57 6.98
C ARG A 97 1.27 -5.91 6.79
N TYR A 98 2.18 -6.16 7.72
CA TYR A 98 2.90 -7.39 7.87
C TYR A 98 2.70 -7.94 9.29
N ALA A 99 3.06 -9.21 9.49
CA ALA A 99 3.02 -9.95 10.74
C ALA A 99 4.09 -9.47 11.72
N ALA A 1 7.36 7.94 12.93
CA ALA A 1 8.68 8.43 12.51
C ALA A 1 9.37 9.19 13.64
N LEU A 2 10.66 9.44 13.46
CA LEU A 2 11.39 10.55 14.07
C LEU A 2 11.97 11.37 12.92
N PHE A 3 12.83 10.74 12.12
CA PHE A 3 13.50 11.35 10.99
C PHE A 3 12.50 11.78 9.92
N SER A 4 12.83 12.87 9.23
CA SER A 4 12.13 13.36 8.06
C SER A 4 12.46 12.48 6.84
N GLY A 5 12.15 12.97 5.64
CA GLY A 5 12.27 12.22 4.40
C GLY A 5 11.06 11.33 4.22
N ASP A 6 10.83 10.40 5.14
CA ASP A 6 9.80 9.36 5.00
C ASP A 6 8.43 9.98 5.30
N ILE A 7 7.35 9.29 4.93
CA ILE A 7 5.97 9.73 5.16
C ILE A 7 5.61 9.63 6.65
N ALA A 8 6.07 10.59 7.45
CA ALA A 8 5.75 10.75 8.87
C ALA A 8 4.32 11.25 9.08
N ASN A 9 3.66 11.66 8.00
CA ASN A 9 2.25 12.03 8.00
C ASN A 9 1.42 10.75 7.98
N LEU A 10 1.98 9.66 7.48
CA LEU A 10 1.37 8.36 7.42
C LEU A 10 1.90 7.55 8.62
N THR A 11 1.45 7.86 9.82
CA THR A 11 1.71 7.05 11.00
C THR A 11 0.75 5.86 10.99
N ALA A 12 0.94 4.93 11.91
CA ALA A 12 0.16 3.71 12.00
C ALA A 12 -1.27 4.00 12.36
N ALA A 13 -1.50 4.67 13.47
CA ALA A 13 -2.85 4.99 13.87
C ALA A 13 -3.50 5.97 12.89
N GLU A 14 -2.68 6.71 12.12
CA GLU A 14 -3.15 7.70 11.19
C GLU A 14 -3.54 7.03 9.87
N ILE A 15 -2.80 6.00 9.43
CA ILE A 15 -3.23 5.16 8.33
C ILE A 15 -4.45 4.39 8.77
N GLU A 16 -4.48 3.80 9.97
CA GLU A 16 -5.63 3.02 10.41
C GLU A 16 -6.90 3.85 10.33
N GLN A 17 -6.98 4.96 11.05
CA GLN A 17 -8.19 5.77 11.10
C GLN A 17 -8.32 6.58 9.81
N GLY A 18 -7.22 6.77 9.08
CA GLY A 18 -7.23 7.44 7.81
C GLY A 18 -7.95 6.61 6.77
N PHE A 19 -7.78 5.29 6.82
CA PHE A 19 -8.14 4.39 5.73
C PHE A 19 -9.05 3.25 6.18
N LYS A 20 -9.59 3.35 7.40
CA LYS A 20 -10.65 2.54 7.98
C LYS A 20 -11.96 2.50 7.18
N ASP A 21 -11.99 3.05 5.97
CA ASP A 21 -13.13 3.04 5.06
C ASP A 21 -13.21 1.68 4.37
N VAL A 22 -12.07 1.05 4.07
CA VAL A 22 -11.97 -0.23 3.41
C VAL A 22 -11.32 -1.22 4.39
N PRO A 23 -11.39 -2.54 4.12
CA PRO A 23 -10.61 -3.51 4.86
C PRO A 23 -9.12 -3.36 4.55
N SER A 24 -8.33 -4.19 5.23
CA SER A 24 -6.89 -4.18 5.23
C SER A 24 -6.37 -5.54 4.75
N PHE A 25 -5.06 -5.73 4.73
CA PHE A 25 -4.40 -7.02 4.61
C PHE A 25 -3.17 -7.05 5.47
N VAL A 26 -2.70 -8.24 5.77
CA VAL A 26 -1.48 -8.51 6.50
C VAL A 26 -0.84 -9.77 5.91
N HIS A 27 0.48 -9.78 5.68
CA HIS A 27 1.22 -11.03 5.47
C HIS A 27 2.27 -11.20 6.56
N GLU A 28 3.01 -12.29 6.53
CA GLU A 28 4.05 -12.60 7.51
C GLU A 28 5.40 -12.02 7.05
N GLY A 29 5.43 -10.70 6.82
CA GLY A 29 6.62 -9.99 6.39
C GLY A 29 7.17 -10.52 5.06
N GLY A 30 8.45 -10.25 4.81
CA GLY A 30 9.18 -10.57 3.60
C GLY A 30 8.97 -9.42 2.63
N ASP A 31 10.05 -8.79 2.13
CA ASP A 31 9.86 -7.81 1.06
C ASP A 31 9.22 -8.54 -0.11
N VAL A 32 8.15 -7.96 -0.64
CA VAL A 32 7.23 -8.69 -1.50
C VAL A 32 6.64 -7.63 -2.40
N PRO A 33 6.45 -7.95 -3.68
CA PRO A 33 6.13 -6.95 -4.66
C PRO A 33 4.66 -6.54 -4.57
N LEU A 34 4.42 -5.30 -4.98
CA LEU A 34 3.09 -4.73 -5.12
C LEU A 34 2.13 -5.67 -5.86
N VAL A 35 2.59 -6.48 -6.84
CA VAL A 35 1.78 -7.42 -7.60
C VAL A 35 1.31 -8.67 -6.86
N GLU A 36 1.91 -8.98 -5.71
CA GLU A 36 1.49 -10.10 -4.90
C GLU A 36 0.75 -9.55 -3.69
N LEU A 37 1.23 -8.48 -3.04
CA LEU A 37 0.58 -7.98 -1.83
C LEU A 37 -0.73 -7.36 -2.22
N LEU A 38 -0.91 -6.75 -3.40
CA LEU A 38 -2.14 -6.06 -3.67
C LEU A 38 -3.22 -7.06 -4.10
N VAL A 39 -2.79 -8.17 -4.68
CA VAL A 39 -3.62 -9.27 -5.12
C VAL A 39 -4.09 -10.03 -3.88
N SER A 40 -3.18 -10.35 -2.96
CA SER A 40 -3.51 -10.95 -1.69
C SER A 40 -4.31 -9.98 -0.85
N ALA A 41 -4.02 -8.67 -0.94
CA ALA A 41 -4.76 -7.70 -0.14
C ALA A 41 -6.12 -7.41 -0.76
N GLY A 42 -6.34 -7.80 -2.02
CA GLY A 42 -7.68 -7.88 -2.60
C GLY A 42 -8.05 -6.55 -3.22
N ILE A 43 -7.03 -5.82 -3.67
CA ILE A 43 -7.12 -4.58 -4.38
C ILE A 43 -7.47 -4.99 -5.80
N SER A 44 -6.81 -6.00 -6.39
CA SER A 44 -7.31 -6.57 -7.65
C SER A 44 -6.76 -7.99 -7.73
N PRO A 45 -7.58 -9.03 -7.55
CA PRO A 45 -7.08 -10.41 -7.50
C PRO A 45 -6.85 -10.99 -8.90
N SER A 46 -7.40 -10.35 -9.91
CA SER A 46 -7.50 -10.82 -11.26
C SER A 46 -6.22 -10.37 -11.93
N LYS A 47 -5.26 -11.26 -12.20
CA LYS A 47 -3.88 -10.85 -12.51
C LYS A 47 -3.69 -9.80 -13.62
N ARG A 48 -4.54 -9.76 -14.66
CA ARG A 48 -4.53 -8.65 -15.61
C ARG A 48 -4.86 -7.34 -14.88
N GLN A 49 -5.99 -7.35 -14.18
CA GLN A 49 -6.45 -6.17 -13.48
C GLN A 49 -5.38 -5.74 -12.52
N ALA A 50 -4.85 -6.68 -11.75
CA ALA A 50 -3.78 -6.45 -10.82
C ALA A 50 -2.65 -5.67 -11.51
N ARG A 51 -2.06 -6.25 -12.56
CA ARG A 51 -0.92 -5.62 -13.18
C ARG A 51 -1.25 -4.26 -13.79
N GLU A 52 -2.49 -3.95 -14.18
CA GLU A 52 -2.81 -2.56 -14.54
C GLU A 52 -3.06 -1.69 -13.31
N ASP A 53 -3.76 -2.21 -12.32
CA ASP A 53 -4.06 -1.51 -11.09
C ASP A 53 -2.79 -1.17 -10.32
N ILE A 54 -1.69 -1.79 -10.73
CA ILE A 54 -0.34 -1.43 -10.42
C ILE A 54 0.16 -0.47 -11.46
N GLN A 55 0.29 -0.87 -12.74
CA GLN A 55 1.02 -0.14 -13.77
C GLN A 55 0.43 1.23 -14.04
N ASN A 56 -0.75 1.53 -13.52
CA ASN A 56 -1.29 2.86 -13.59
C ASN A 56 -0.73 3.73 -12.50
N GLY A 57 -0.29 4.92 -12.89
CA GLY A 57 0.05 6.05 -12.04
C GLY A 57 -1.21 6.69 -11.43
N ALA A 58 -2.19 5.86 -11.12
CA ALA A 58 -3.33 6.14 -10.30
C ALA A 58 -3.33 5.25 -9.04
N ILE A 59 -2.37 4.34 -8.83
CA ILE A 59 -2.13 3.74 -7.51
C ILE A 59 -1.08 4.61 -6.82
N TYR A 60 -1.62 5.57 -6.06
CA TYR A 60 -0.91 6.44 -5.16
C TYR A 60 -0.67 5.67 -3.87
N VAL A 61 0.54 5.15 -3.67
CA VAL A 61 0.90 4.49 -2.42
C VAL A 61 1.25 5.60 -1.46
N ASN A 62 0.68 5.61 -0.25
CA ASN A 62 0.93 6.67 0.71
C ASN A 62 0.45 8.07 0.28
N GLY A 63 -0.03 8.24 -0.96
CA GLY A 63 -0.31 9.52 -1.58
C GLY A 63 0.64 9.85 -2.74
N GLU A 64 1.53 8.93 -3.11
CA GLU A 64 2.57 9.14 -4.10
C GLU A 64 2.32 8.10 -5.19
N ARG A 65 2.09 8.54 -6.42
CA ARG A 65 1.82 7.69 -7.58
C ARG A 65 3.06 6.82 -7.78
N LEU A 66 2.97 5.52 -7.49
CA LEU A 66 4.13 4.65 -7.50
C LEU A 66 3.66 3.33 -8.10
N GLN A 67 3.73 3.21 -9.43
CA GLN A 67 3.20 2.09 -10.21
C GLN A 67 4.23 0.98 -10.46
N ASP A 68 5.27 0.82 -9.63
CA ASP A 68 6.36 -0.11 -9.93
C ASP A 68 6.88 -0.88 -8.72
N VAL A 69 7.45 -2.06 -8.97
CA VAL A 69 8.14 -2.92 -8.01
C VAL A 69 9.35 -2.22 -7.40
N GLY A 70 10.12 -1.53 -8.23
CA GLY A 70 11.23 -0.72 -7.78
C GLY A 70 10.77 0.51 -7.00
N ALA A 71 9.48 0.81 -6.99
CA ALA A 71 8.87 1.82 -6.14
C ALA A 71 8.39 1.24 -4.81
N ILE A 72 7.66 0.12 -4.76
CA ILE A 72 7.21 -0.47 -3.50
C ILE A 72 7.29 -2.00 -3.49
N LEU A 73 7.82 -2.54 -2.37
CA LEU A 73 7.71 -3.91 -1.95
C LEU A 73 6.87 -3.82 -0.68
N THR A 74 7.46 -3.82 0.52
CA THR A 74 6.72 -3.84 1.79
C THR A 74 6.54 -2.46 2.43
N ALA A 75 5.93 -2.44 3.63
CA ALA A 75 5.77 -1.22 4.40
C ALA A 75 7.10 -0.61 4.83
N GLU A 76 8.10 -1.41 5.19
CA GLU A 76 9.43 -0.90 5.51
C GLU A 76 10.15 -0.42 4.25
N HIS A 77 9.70 -0.85 3.07
CA HIS A 77 10.18 -0.34 1.81
C HIS A 77 9.51 0.99 1.46
N ARG A 78 8.39 1.37 2.11
CA ARG A 78 7.65 2.57 1.71
C ARG A 78 7.74 3.64 2.78
N LEU A 79 7.28 3.38 4.00
CA LEU A 79 7.55 4.19 5.17
C LEU A 79 8.81 3.69 5.88
N GLU A 80 9.04 4.25 7.07
CA GLU A 80 9.92 3.80 8.14
C GLU A 80 9.71 2.35 8.61
N GLY A 81 8.67 1.66 8.11
CA GLY A 81 8.25 0.35 8.54
C GLY A 81 7.15 0.43 9.59
N ARG A 82 5.91 0.64 9.16
CA ARG A 82 4.74 0.63 10.03
C ARG A 82 3.58 -0.10 9.34
N PHE A 83 3.10 0.44 8.22
CA PHE A 83 1.95 0.01 7.41
C PHE A 83 2.19 0.53 5.99
N THR A 84 1.22 0.48 5.08
CA THR A 84 1.23 1.23 3.83
C THR A 84 -0.25 1.42 3.41
N VAL A 85 -0.56 2.49 2.67
CA VAL A 85 -1.87 2.70 2.06
C VAL A 85 -1.72 2.69 0.54
N ILE A 86 -2.78 2.28 -0.17
CA ILE A 86 -2.82 2.03 -1.59
C ILE A 86 -4.06 2.71 -2.13
N ARG A 87 -3.91 3.91 -2.68
CA ARG A 87 -5.04 4.68 -3.18
C ARG A 87 -5.08 4.40 -4.68
N ARG A 88 -5.75 3.34 -5.10
CA ARG A 88 -5.96 3.02 -6.51
C ARG A 88 -7.14 3.87 -6.95
N GLY A 89 -6.96 4.87 -7.79
CA GLY A 89 -8.03 5.78 -8.22
C GLY A 89 -9.22 5.10 -8.92
N LYS A 90 -9.07 3.88 -9.45
CA LYS A 90 -10.22 3.10 -9.97
C LYS A 90 -11.09 2.58 -8.82
N LYS A 91 -10.62 2.66 -7.58
CA LYS A 91 -11.14 1.97 -6.41
C LYS A 91 -10.88 2.89 -5.20
N LYS A 92 -10.81 2.34 -3.98
CA LYS A 92 -10.49 3.11 -2.78
C LYS A 92 -9.00 3.00 -2.41
N TYR A 93 -8.77 3.12 -1.10
CA TYR A 93 -7.51 3.38 -0.43
C TYR A 93 -7.23 2.24 0.54
N TYR A 94 -6.78 1.11 0.03
CA TYR A 94 -6.66 -0.08 0.84
C TYR A 94 -5.41 0.02 1.70
N LEU A 95 -5.35 -0.86 2.70
CA LEU A 95 -4.42 -0.74 3.81
C LEU A 95 -3.68 -2.05 3.96
N ILE A 96 -2.36 -2.00 4.00
CA ILE A 96 -1.49 -3.16 3.93
C ILE A 96 -0.53 -3.14 5.12
N ARG A 97 -0.33 -4.30 5.77
CA ARG A 97 0.73 -4.56 6.75
C ARG A 97 1.38 -5.95 6.62
N TYR A 98 2.28 -6.18 7.56
CA TYR A 98 2.81 -7.45 7.93
C TYR A 98 2.39 -7.74 9.37
N ALA A 99 2.45 -9.01 9.77
CA ALA A 99 2.02 -9.53 11.04
C ALA A 99 2.96 -9.00 12.11
N ALA A 1 8.46 18.84 16.85
CA ALA A 1 8.84 19.11 15.45
C ALA A 1 7.94 18.31 14.52
N LEU A 2 8.45 17.90 13.36
CA LEU A 2 7.87 16.89 12.47
C LEU A 2 9.07 16.14 11.88
N PHE A 3 8.93 14.84 11.59
CA PHE A 3 10.03 14.05 11.04
C PHE A 3 10.53 14.62 9.70
N SER A 4 9.62 15.17 8.88
CA SER A 4 9.85 15.92 7.64
C SER A 4 10.60 15.20 6.51
N GLY A 5 11.04 13.96 6.71
CA GLY A 5 11.60 13.13 5.66
C GLY A 5 10.45 12.44 4.96
N ASP A 6 10.17 11.19 5.33
CA ASP A 6 9.02 10.46 4.82
C ASP A 6 7.76 10.93 5.55
N ILE A 7 6.63 10.38 5.11
CA ILE A 7 5.21 10.57 5.43
C ILE A 7 4.86 10.80 6.91
N ALA A 8 5.33 11.87 7.48
CA ALA A 8 5.34 12.10 8.93
C ALA A 8 3.94 12.32 9.49
N ASN A 9 3.03 12.70 8.60
CA ASN A 9 1.63 12.86 8.86
C ASN A 9 0.91 11.53 8.86
N LEU A 10 1.44 10.55 8.14
CA LEU A 10 0.86 9.22 8.05
C LEU A 10 1.39 8.39 9.24
N THR A 11 0.82 8.58 10.41
CA THR A 11 1.09 7.72 11.55
C THR A 11 0.27 6.43 11.37
N ALA A 12 0.56 5.43 12.19
CA ALA A 12 -0.11 4.13 12.20
C ALA A 12 -1.59 4.28 12.49
N ALA A 13 -1.94 4.89 13.62
CA ALA A 13 -3.33 5.14 13.97
C ALA A 13 -4.00 6.08 12.97
N GLU A 14 -3.21 6.86 12.23
CA GLU A 14 -3.68 7.80 11.24
C GLU A 14 -3.99 7.08 9.93
N ILE A 15 -3.18 6.10 9.55
CA ILE A 15 -3.42 5.21 8.44
C ILE A 15 -4.60 4.32 8.79
N GLU A 16 -4.59 3.66 9.94
CA GLU A 16 -5.71 2.83 10.37
C GLU A 16 -7.03 3.62 10.29
N GLN A 17 -7.15 4.76 10.98
CA GLN A 17 -8.40 5.50 11.02
C GLN A 17 -8.63 6.24 9.71
N GLY A 18 -7.55 6.51 8.98
CA GLY A 18 -7.58 7.16 7.71
C GLY A 18 -8.29 6.26 6.72
N PHE A 19 -8.02 4.97 6.80
CA PHE A 19 -8.38 4.03 5.73
C PHE A 19 -9.35 2.94 6.20
N LYS A 20 -9.88 3.06 7.41
CA LYS A 20 -10.80 2.14 8.09
C LYS A 20 -12.10 1.79 7.34
N ASP A 21 -12.39 2.49 6.23
CA ASP A 21 -13.53 2.23 5.34
C ASP A 21 -13.25 1.06 4.41
N VAL A 22 -11.98 0.81 4.06
CA VAL A 22 -11.57 -0.26 3.17
C VAL A 22 -10.94 -1.35 4.04
N PRO A 23 -10.77 -2.59 3.55
CA PRO A 23 -10.08 -3.59 4.33
C PRO A 23 -8.59 -3.26 4.35
N SER A 24 -7.91 -4.03 5.17
CA SER A 24 -6.47 -4.04 5.28
C SER A 24 -5.97 -5.44 4.94
N PHE A 25 -4.67 -5.60 4.81
CA PHE A 25 -4.02 -6.89 4.69
C PHE A 25 -2.79 -6.85 5.56
N VAL A 26 -2.41 -8.03 6.02
CA VAL A 26 -1.24 -8.26 6.83
C VAL A 26 -0.59 -9.51 6.26
N HIS A 27 0.73 -9.49 6.09
CA HIS A 27 1.49 -10.72 5.89
C HIS A 27 2.63 -10.82 6.90
N GLU A 28 3.02 -12.03 7.21
CA GLU A 28 3.93 -12.40 8.30
C GLU A 28 5.40 -12.20 7.87
N GLY A 29 5.73 -10.99 7.40
CA GLY A 29 7.07 -10.47 7.18
C GLY A 29 7.68 -10.85 5.84
N GLY A 30 8.87 -10.31 5.56
CA GLY A 30 9.54 -10.43 4.28
C GLY A 30 9.07 -9.30 3.37
N ASP A 31 9.94 -8.84 2.47
CA ASP A 31 9.54 -8.00 1.35
C ASP A 31 8.85 -8.82 0.27
N VAL A 32 7.96 -8.16 -0.48
CA VAL A 32 6.97 -8.84 -1.30
C VAL A 32 6.49 -7.83 -2.32
N PRO A 33 6.37 -8.20 -3.59
CA PRO A 33 6.05 -7.25 -4.63
C PRO A 33 4.58 -6.82 -4.55
N LEU A 34 4.35 -5.57 -4.92
CA LEU A 34 3.03 -4.96 -5.02
C LEU A 34 2.05 -5.83 -5.82
N VAL A 35 2.50 -6.62 -6.79
CA VAL A 35 1.66 -7.50 -7.63
C VAL A 35 1.16 -8.75 -6.91
N GLU A 36 1.79 -9.13 -5.81
CA GLU A 36 1.27 -10.19 -4.99
C GLU A 36 0.50 -9.59 -3.84
N LEU A 37 1.03 -8.57 -3.15
CA LEU A 37 0.43 -8.13 -1.91
C LEU A 37 -0.82 -7.34 -2.21
N LEU A 38 -1.00 -6.75 -3.40
CA LEU A 38 -2.21 -6.01 -3.64
C LEU A 38 -3.32 -6.96 -4.11
N VAL A 39 -2.94 -8.09 -4.69
CA VAL A 39 -3.85 -9.12 -5.16
C VAL A 39 -4.32 -9.92 -3.95
N SER A 40 -3.41 -10.32 -3.07
CA SER A 40 -3.66 -10.91 -1.77
C SER A 40 -4.45 -9.95 -0.90
N ALA A 41 -4.15 -8.64 -0.95
CA ALA A 41 -4.88 -7.71 -0.11
C ALA A 41 -6.23 -7.40 -0.72
N GLY A 42 -6.42 -7.68 -2.01
CA GLY A 42 -7.74 -7.75 -2.60
C GLY A 42 -8.14 -6.42 -3.18
N ILE A 43 -7.14 -5.71 -3.70
CA ILE A 43 -7.29 -4.47 -4.42
C ILE A 43 -7.76 -4.92 -5.80
N SER A 44 -7.04 -5.85 -6.47
CA SER A 44 -7.47 -6.32 -7.79
C SER A 44 -6.86 -7.70 -7.98
N PRO A 45 -7.58 -8.80 -7.70
CA PRO A 45 -6.98 -10.14 -7.71
C PRO A 45 -6.78 -10.70 -9.12
N SER A 46 -7.46 -10.14 -10.12
CA SER A 46 -7.42 -10.63 -11.48
C SER A 46 -6.08 -10.18 -12.03
N LYS A 47 -5.12 -11.08 -12.26
CA LYS A 47 -3.72 -10.68 -12.45
C LYS A 47 -3.49 -9.67 -13.59
N ARG A 48 -4.30 -9.63 -14.65
CA ARG A 48 -4.26 -8.54 -15.64
C ARG A 48 -4.69 -7.23 -15.00
N GLN A 49 -5.83 -7.25 -14.31
CA GLN A 49 -6.34 -6.06 -13.66
C GLN A 49 -5.29 -5.57 -12.71
N ALA A 50 -4.79 -6.47 -11.87
CA ALA A 50 -3.73 -6.26 -10.94
C ALA A 50 -2.59 -5.53 -11.61
N ARG A 51 -2.04 -6.12 -12.69
CA ARG A 51 -0.87 -5.56 -13.35
C ARG A 51 -1.14 -4.15 -13.84
N GLU A 52 -2.35 -3.82 -14.30
CA GLU A 52 -2.62 -2.40 -14.57
C GLU A 52 -2.80 -1.60 -13.29
N ASP A 53 -3.57 -2.12 -12.35
CA ASP A 53 -3.93 -1.45 -11.14
C ASP A 53 -2.71 -1.14 -10.29
N ILE A 54 -1.59 -1.75 -10.66
CA ILE A 54 -0.26 -1.44 -10.28
C ILE A 54 0.31 -0.44 -11.25
N GLN A 55 0.54 -0.80 -12.52
CA GLN A 55 1.37 -0.03 -13.42
C GLN A 55 0.72 1.28 -13.86
N ASN A 56 -0.50 1.56 -13.42
CA ASN A 56 -1.07 2.88 -13.48
C ASN A 56 -0.54 3.72 -12.35
N GLY A 57 -0.08 4.93 -12.67
CA GLY A 57 0.20 5.97 -11.69
C GLY A 57 -1.03 6.44 -10.92
N ALA A 58 -2.19 5.79 -11.10
CA ALA A 58 -3.37 5.97 -10.30
C ALA A 58 -3.31 5.16 -9.01
N ILE A 59 -2.33 4.27 -8.79
CA ILE A 59 -2.04 3.71 -7.48
C ILE A 59 -0.96 4.58 -6.81
N TYR A 60 -1.49 5.52 -6.06
CA TYR A 60 -0.82 6.40 -5.14
C TYR A 60 -0.57 5.63 -3.85
N VAL A 61 0.66 5.12 -3.67
CA VAL A 61 1.04 4.45 -2.44
C VAL A 61 1.42 5.53 -1.46
N ASN A 62 0.84 5.51 -0.26
CA ASN A 62 1.06 6.54 0.74
C ASN A 62 0.62 7.95 0.29
N GLY A 63 -0.03 8.06 -0.86
CA GLY A 63 -0.37 9.32 -1.52
C GLY A 63 0.63 9.71 -2.62
N GLU A 64 1.55 8.83 -2.99
CA GLU A 64 2.64 9.08 -3.93
C GLU A 64 2.47 8.06 -5.06
N ARG A 65 2.24 8.51 -6.29
CA ARG A 65 2.10 7.69 -7.48
C ARG A 65 3.31 6.77 -7.60
N LEU A 66 3.15 5.47 -7.33
CA LEU A 66 4.26 4.54 -7.25
C LEU A 66 3.77 3.23 -7.87
N GLN A 67 3.96 3.09 -9.19
CA GLN A 67 3.32 2.11 -10.07
C GLN A 67 4.31 1.09 -10.63
N ASP A 68 5.27 0.61 -9.84
CA ASP A 68 6.19 -0.44 -10.28
C ASP A 68 6.70 -1.28 -9.10
N VAL A 69 7.23 -2.47 -9.39
CA VAL A 69 8.04 -3.27 -8.47
C VAL A 69 9.36 -2.55 -8.15
N GLY A 70 9.81 -1.70 -9.06
CA GLY A 70 10.89 -0.76 -8.81
C GLY A 70 10.49 0.38 -7.89
N ALA A 71 9.19 0.56 -7.68
CA ALA A 71 8.64 1.54 -6.76
C ALA A 71 8.44 0.93 -5.37
N ILE A 72 7.66 -0.14 -5.18
CA ILE A 72 7.39 -0.72 -3.86
C ILE A 72 7.40 -2.25 -3.86
N LEU A 73 7.89 -2.82 -2.75
CA LEU A 73 7.73 -4.18 -2.34
C LEU A 73 6.80 -4.01 -1.11
N THR A 74 7.30 -3.91 0.11
CA THR A 74 6.51 -3.90 1.35
C THR A 74 6.42 -2.55 2.10
N ALA A 75 5.85 -2.55 3.31
CA ALA A 75 5.74 -1.38 4.16
C ALA A 75 7.07 -0.72 4.48
N GLU A 76 8.12 -1.47 4.81
CA GLU A 76 9.47 -0.91 5.01
C GLU A 76 10.10 -0.45 3.71
N HIS A 77 9.55 -0.92 2.59
CA HIS A 77 9.92 -0.48 1.27
C HIS A 77 9.10 0.75 0.87
N ARG A 78 8.21 1.26 1.72
CA ARG A 78 7.61 2.57 1.50
C ARG A 78 8.09 3.46 2.62
N LEU A 79 7.52 3.38 3.82
CA LEU A 79 7.92 4.11 4.98
C LEU A 79 8.95 3.31 5.77
N GLU A 80 9.25 3.76 6.98
CA GLU A 80 10.05 3.11 8.03
C GLU A 80 9.59 1.70 8.43
N GLY A 81 8.52 1.15 7.82
CA GLY A 81 8.05 -0.19 8.12
C GLY A 81 7.02 -0.18 9.23
N ARG A 82 6.01 0.69 9.12
CA ARG A 82 4.87 0.69 10.02
C ARG A 82 3.67 0.08 9.31
N PHE A 83 3.16 0.75 8.27
CA PHE A 83 2.03 0.31 7.44
C PHE A 83 2.32 0.77 6.01
N THR A 84 1.34 0.74 5.10
CA THR A 84 1.39 1.44 3.82
C THR A 84 -0.05 1.63 3.29
N VAL A 85 -0.35 2.78 2.69
CA VAL A 85 -1.65 3.09 2.07
C VAL A 85 -1.55 2.75 0.58
N ILE A 86 -2.67 2.37 -0.05
CA ILE A 86 -2.82 2.07 -1.47
C ILE A 86 -4.03 2.81 -2.00
N ARG A 87 -3.87 3.97 -2.63
CA ARG A 87 -5.00 4.68 -3.20
C ARG A 87 -5.00 4.33 -4.67
N ARG A 88 -5.71 3.27 -5.08
CA ARG A 88 -5.94 2.98 -6.51
C ARG A 88 -7.14 3.83 -6.90
N GLY A 89 -6.90 5.03 -7.44
CA GLY A 89 -7.94 5.84 -8.06
C GLY A 89 -8.64 5.01 -9.13
N LYS A 90 -9.92 4.68 -8.90
CA LYS A 90 -10.80 3.67 -9.52
C LYS A 90 -11.60 3.00 -8.40
N LYS A 91 -10.92 2.52 -7.36
CA LYS A 91 -11.53 1.89 -6.20
C LYS A 91 -11.31 2.82 -5.02
N LYS A 92 -10.48 2.46 -4.03
CA LYS A 92 -10.31 3.22 -2.82
C LYS A 92 -8.88 3.08 -2.32
N TYR A 93 -8.71 3.27 -1.01
CA TYR A 93 -7.49 3.51 -0.29
C TYR A 93 -7.23 2.32 0.64
N TYR A 94 -6.74 1.21 0.12
CA TYR A 94 -6.57 0.01 0.92
C TYR A 94 -5.32 0.15 1.77
N LEU A 95 -5.17 -0.78 2.71
CA LEU A 95 -4.16 -0.71 3.73
C LEU A 95 -3.37 -2.01 3.72
N ILE A 96 -2.05 -1.89 3.73
CA ILE A 96 -1.11 -2.99 3.64
C ILE A 96 -0.22 -2.93 4.89
N ARG A 97 -0.02 -4.07 5.56
CA ARG A 97 0.97 -4.22 6.61
C ARG A 97 1.57 -5.62 6.63
N TYR A 98 2.43 -5.78 7.61
CA TYR A 98 2.91 -7.03 8.07
C TYR A 98 2.70 -7.21 9.56
N ALA A 99 2.72 -8.47 9.99
CA ALA A 99 2.82 -8.91 11.34
C ALA A 99 4.30 -9.21 11.57
N ALA A 1 0.18 6.63 18.44
CA ALA A 1 1.38 5.79 18.51
C ALA A 1 2.56 6.65 18.10
N LEU A 2 3.35 6.24 17.10
CA LEU A 2 4.54 6.96 16.64
C LEU A 2 4.18 8.40 16.30
N PHE A 3 4.92 9.33 16.90
CA PHE A 3 4.71 10.76 16.84
C PHE A 3 5.53 11.32 15.68
N SER A 4 4.88 11.68 14.57
CA SER A 4 5.53 11.93 13.28
C SER A 4 6.40 10.72 12.90
N GLY A 5 7.45 10.89 12.09
CA GLY A 5 8.30 9.82 11.59
C GLY A 5 8.54 10.06 10.10
N ASP A 6 8.53 8.99 9.29
CA ASP A 6 8.74 9.17 7.84
C ASP A 6 7.46 9.65 7.23
N ILE A 7 6.41 8.88 7.47
CA ILE A 7 5.09 9.14 6.98
C ILE A 7 4.37 10.00 8.00
N ALA A 8 4.99 11.11 8.32
CA ALA A 8 4.53 12.06 9.34
C ALA A 8 3.19 12.74 9.00
N ASN A 9 2.73 12.61 7.75
CA ASN A 9 1.42 13.03 7.30
C ASN A 9 0.40 11.91 7.54
N LEU A 10 0.89 10.67 7.64
CA LEU A 10 0.10 9.47 7.58
C LEU A 10 0.79 8.38 8.39
N THR A 11 0.84 8.55 9.71
CA THR A 11 1.46 7.64 10.66
C THR A 11 0.53 6.46 10.91
N ALA A 12 0.91 5.51 11.75
CA ALA A 12 0.18 4.24 11.91
C ALA A 12 -1.23 4.42 12.43
N ALA A 13 -1.41 5.20 13.49
CA ALA A 13 -2.76 5.48 13.98
C ALA A 13 -3.50 6.36 12.96
N GLU A 14 -2.75 7.20 12.25
CA GLU A 14 -3.29 8.14 11.31
C GLU A 14 -3.78 7.39 10.07
N ILE A 15 -3.09 6.33 9.66
CA ILE A 15 -3.38 5.50 8.52
C ILE A 15 -4.56 4.65 8.88
N GLU A 16 -4.52 3.95 10.00
CA GLU A 16 -5.61 3.04 10.34
C GLU A 16 -6.91 3.81 10.44
N GLN A 17 -6.93 4.95 11.15
CA GLN A 17 -8.19 5.67 11.30
C GLN A 17 -8.46 6.49 10.05
N GLY A 18 -7.40 6.89 9.35
CA GLY A 18 -7.42 7.67 8.14
C GLY A 18 -8.07 6.88 7.03
N PHE A 19 -7.80 5.57 7.00
CA PHE A 19 -8.09 4.79 5.80
C PHE A 19 -9.01 3.62 6.13
N LYS A 20 -9.60 3.64 7.33
CA LYS A 20 -10.54 2.65 7.83
C LYS A 20 -11.78 2.44 6.98
N ASP A 21 -12.01 3.29 5.99
CA ASP A 21 -13.16 3.25 5.11
C ASP A 21 -13.04 2.16 4.03
N VAL A 22 -11.86 1.56 3.83
CA VAL A 22 -11.68 0.35 3.05
C VAL A 22 -11.03 -0.73 3.94
N PRO A 23 -10.98 -2.01 3.51
CA PRO A 23 -10.44 -3.07 4.35
C PRO A 23 -8.92 -3.01 4.41
N SER A 24 -8.38 -3.89 5.24
CA SER A 24 -6.97 -3.97 5.58
C SER A 24 -6.49 -5.41 5.35
N PHE A 25 -5.21 -5.64 5.01
CA PHE A 25 -4.67 -6.96 4.77
C PHE A 25 -3.33 -7.08 5.47
N VAL A 26 -2.88 -8.30 5.73
CA VAL A 26 -1.63 -8.60 6.37
C VAL A 26 -0.99 -9.79 5.66
N HIS A 27 0.30 -9.68 5.32
CA HIS A 27 1.13 -10.83 4.96
C HIS A 27 2.22 -11.07 6.01
N GLU A 28 3.14 -12.00 5.79
CA GLU A 28 3.99 -12.55 6.85
C GLU A 28 5.30 -11.77 7.10
N GLY A 29 5.45 -10.60 6.49
CA GLY A 29 6.74 -9.92 6.37
C GLY A 29 7.63 -10.62 5.34
N GLY A 30 8.81 -10.04 5.07
CA GLY A 30 9.62 -10.37 3.91
C GLY A 30 9.05 -9.65 2.71
N ASP A 31 9.91 -9.10 1.84
CA ASP A 31 9.48 -8.22 0.75
C ASP A 31 8.58 -8.91 -0.27
N VAL A 32 7.66 -8.14 -0.86
CA VAL A 32 6.55 -8.69 -1.65
C VAL A 32 6.14 -7.60 -2.61
N PRO A 33 5.97 -7.91 -3.90
CA PRO A 33 5.72 -6.91 -4.90
C PRO A 33 4.34 -6.28 -4.72
N LEU A 34 4.22 -5.02 -5.14
CA LEU A 34 2.95 -4.32 -5.12
C LEU A 34 1.83 -5.15 -5.80
N VAL A 35 2.18 -5.91 -6.84
CA VAL A 35 1.30 -6.78 -7.62
C VAL A 35 0.94 -8.10 -6.93
N GLU A 36 1.64 -8.51 -5.87
CA GLU A 36 1.17 -9.59 -5.02
C GLU A 36 0.39 -9.05 -3.84
N LEU A 37 0.80 -7.93 -3.21
CA LEU A 37 0.16 -7.49 -1.99
C LEU A 37 -1.16 -6.87 -2.33
N LEU A 38 -1.40 -6.36 -3.55
CA LEU A 38 -2.73 -5.95 -3.86
C LEU A 38 -3.63 -7.17 -4.06
N VAL A 39 -3.09 -8.25 -4.60
CA VAL A 39 -3.81 -9.43 -5.08
C VAL A 39 -4.24 -10.21 -3.85
N SER A 40 -3.28 -10.43 -2.95
CA SER A 40 -3.47 -10.96 -1.63
C SER A 40 -4.29 -9.99 -0.79
N ALA A 41 -4.17 -8.65 -0.95
CA ALA A 41 -5.08 -7.77 -0.20
C ALA A 41 -6.46 -7.72 -0.86
N GLY A 42 -6.60 -8.18 -2.11
CA GLY A 42 -7.87 -8.48 -2.74
C GLY A 42 -8.39 -7.27 -3.49
N ILE A 43 -7.48 -6.36 -3.83
CA ILE A 43 -7.77 -5.07 -4.37
C ILE A 43 -8.09 -5.31 -5.86
N SER A 44 -7.38 -6.20 -6.56
CA SER A 44 -7.67 -6.62 -7.93
C SER A 44 -7.00 -7.98 -8.10
N PRO A 45 -7.74 -9.09 -7.91
CA PRO A 45 -7.14 -10.42 -7.81
C PRO A 45 -6.74 -11.01 -9.17
N SER A 46 -7.22 -10.43 -10.26
CA SER A 46 -7.02 -10.97 -11.60
C SER A 46 -5.63 -10.52 -12.02
N LYS A 47 -4.64 -11.41 -12.10
CA LYS A 47 -3.24 -10.96 -12.15
C LYS A 47 -2.88 -10.02 -13.33
N ARG A 48 -3.64 -10.01 -14.45
CA ARG A 48 -3.51 -8.95 -15.47
C ARG A 48 -3.94 -7.61 -14.89
N GLN A 49 -5.17 -7.56 -14.35
CA GLN A 49 -5.69 -6.35 -13.73
C GLN A 49 -4.70 -5.92 -12.69
N ALA A 50 -4.30 -6.84 -11.83
CA ALA A 50 -3.35 -6.61 -10.78
C ALA A 50 -2.14 -5.86 -11.30
N ARG A 51 -1.42 -6.43 -12.27
CA ARG A 51 -0.19 -5.78 -12.67
C ARG A 51 -0.44 -4.45 -13.36
N GLU A 52 -1.59 -4.21 -14.00
CA GLU A 52 -1.81 -2.87 -14.56
C GLU A 52 -2.41 -1.89 -13.55
N ASP A 53 -3.13 -2.40 -12.54
CA ASP A 53 -3.54 -1.66 -11.36
C ASP A 53 -2.29 -1.17 -10.67
N ILE A 54 -1.19 -1.92 -10.77
CA ILE A 54 0.09 -1.52 -10.30
C ILE A 54 0.69 -0.55 -11.28
N GLN A 55 0.89 -0.91 -12.55
CA GLN A 55 1.65 -0.09 -13.49
C GLN A 55 0.98 1.25 -13.75
N ASN A 56 -0.27 1.43 -13.32
CA ASN A 56 -0.92 2.70 -13.47
C ASN A 56 -0.54 3.69 -12.42
N GLY A 57 -0.33 4.90 -12.90
CA GLY A 57 -0.28 6.12 -12.12
C GLY A 57 -1.52 6.40 -11.26
N ALA A 58 -2.52 5.50 -11.25
CA ALA A 58 -3.70 5.48 -10.42
C ALA A 58 -3.42 4.95 -9.01
N ILE A 59 -2.32 4.24 -8.78
CA ILE A 59 -2.00 3.74 -7.45
C ILE A 59 -1.03 4.71 -6.79
N TYR A 60 -1.68 5.54 -5.97
CA TYR A 60 -1.07 6.51 -5.11
C TYR A 60 -0.81 5.78 -3.80
N VAL A 61 0.38 5.22 -3.64
CA VAL A 61 0.69 4.50 -2.42
C VAL A 61 0.98 5.60 -1.42
N ASN A 62 0.48 5.50 -0.18
CA ASN A 62 0.76 6.56 0.81
C ASN A 62 0.29 7.94 0.29
N GLY A 63 -0.67 7.94 -0.64
CA GLY A 63 -1.25 9.12 -1.28
C GLY A 63 -0.45 9.64 -2.47
N GLU A 64 0.58 8.92 -2.93
CA GLU A 64 1.57 9.44 -3.86
C GLU A 64 1.83 8.41 -4.95
N ARG A 65 1.69 8.80 -6.22
CA ARG A 65 1.77 7.89 -7.36
C ARG A 65 3.10 7.15 -7.32
N LEU A 66 3.05 5.83 -7.19
CA LEU A 66 4.19 4.93 -7.34
C LEU A 66 3.66 3.62 -7.91
N GLN A 67 4.05 3.27 -9.14
CA GLN A 67 3.46 2.17 -9.90
C GLN A 67 4.45 1.09 -10.33
N ASP A 68 5.62 1.04 -9.71
CA ASP A 68 6.69 0.14 -10.09
C ASP A 68 7.02 -0.79 -8.92
N VAL A 69 7.47 -1.99 -9.24
CA VAL A 69 7.94 -2.99 -8.28
C VAL A 69 9.24 -2.50 -7.63
N GLY A 70 10.08 -1.81 -8.40
CA GLY A 70 11.22 -1.11 -7.85
C GLY A 70 10.84 0.09 -6.99
N ALA A 71 9.60 0.57 -7.10
CA ALA A 71 9.09 1.63 -6.23
C ALA A 71 8.58 1.06 -4.92
N ILE A 72 7.76 -0.01 -4.92
CA ILE A 72 7.16 -0.54 -3.69
C ILE A 72 7.16 -2.07 -3.69
N LEU A 73 7.66 -2.65 -2.60
CA LEU A 73 7.47 -4.03 -2.23
C LEU A 73 6.65 -3.93 -0.94
N THR A 74 7.27 -3.97 0.23
CA THR A 74 6.59 -4.03 1.52
C THR A 74 6.47 -2.67 2.22
N ALA A 75 5.95 -2.68 3.45
CA ALA A 75 5.84 -1.52 4.31
C ALA A 75 7.17 -0.81 4.52
N GLU A 76 8.25 -1.55 4.77
CA GLU A 76 9.60 -0.97 4.92
C GLU A 76 10.19 -0.55 3.58
N HIS A 77 9.52 -0.91 2.48
CA HIS A 77 9.86 -0.44 1.15
C HIS A 77 9.03 0.80 0.79
N ARG A 78 8.08 1.24 1.64
CA ARG A 78 7.33 2.47 1.41
C ARG A 78 7.68 3.47 2.50
N LEU A 79 7.30 3.17 3.73
CA LEU A 79 7.64 3.90 4.93
C LEU A 79 8.94 3.31 5.48
N GLU A 80 9.36 3.80 6.65
CA GLU A 80 10.41 3.21 7.49
C GLU A 80 10.13 1.74 7.88
N GLY A 81 8.92 1.24 7.67
CA GLY A 81 8.48 -0.10 8.00
C GLY A 81 7.46 -0.11 9.12
N ARG A 82 6.20 0.18 8.79
CA ARG A 82 5.09 0.07 9.75
C ARG A 82 3.81 -0.47 9.11
N PHE A 83 3.36 0.08 7.98
CA PHE A 83 2.12 -0.21 7.27
C PHE A 83 2.33 0.18 5.80
N THR A 84 1.29 0.20 4.97
CA THR A 84 1.31 0.85 3.67
C THR A 84 -0.15 1.14 3.30
N VAL A 85 -0.43 2.38 2.90
CA VAL A 85 -1.70 2.76 2.28
C VAL A 85 -1.54 2.49 0.78
N ILE A 86 -2.52 1.85 0.14
CA ILE A 86 -2.60 1.76 -1.31
C ILE A 86 -3.81 2.60 -1.68
N ARG A 87 -3.64 3.80 -2.26
CA ARG A 87 -4.78 4.58 -2.69
C ARG A 87 -4.86 4.35 -4.19
N ARG A 88 -5.41 3.21 -4.60
CA ARG A 88 -5.64 2.94 -6.01
C ARG A 88 -6.96 3.57 -6.38
N GLY A 89 -6.93 4.63 -7.17
CA GLY A 89 -8.10 5.41 -7.61
C GLY A 89 -9.24 4.57 -8.19
N LYS A 90 -8.99 3.32 -8.61
CA LYS A 90 -10.02 2.34 -8.97
C LYS A 90 -11.13 2.28 -7.93
N LYS A 91 -10.80 2.37 -6.63
CA LYS A 91 -11.77 2.42 -5.54
C LYS A 91 -11.24 3.39 -4.48
N LYS A 92 -10.28 3.01 -3.62
CA LYS A 92 -9.88 3.82 -2.48
C LYS A 92 -8.46 3.45 -1.96
N TYR A 93 -8.27 3.70 -0.66
CA TYR A 93 -7.08 3.59 0.19
C TYR A 93 -7.06 2.32 1.05
N TYR A 94 -6.79 1.16 0.48
CA TYR A 94 -6.81 -0.10 1.19
C TYR A 94 -5.54 -0.22 2.00
N LEU A 95 -5.66 -0.73 3.21
CA LEU A 95 -4.55 -0.81 4.15
C LEU A 95 -3.81 -2.13 3.95
N ILE A 96 -2.50 -2.12 4.10
CA ILE A 96 -1.65 -3.30 4.09
C ILE A 96 -0.68 -3.23 5.27
N ARG A 97 -0.48 -4.37 5.93
CA ARG A 97 0.65 -4.58 6.85
C ARG A 97 1.30 -5.94 6.64
N TYR A 98 2.29 -6.20 7.49
CA TYR A 98 2.85 -7.50 7.76
C TYR A 98 2.42 -7.94 9.17
N ALA A 99 2.55 -9.23 9.45
CA ALA A 99 2.14 -9.92 10.66
C ALA A 99 3.10 -9.58 11.80
N ALA A 1 2.06 12.53 17.22
CA ALA A 1 2.88 12.38 18.43
C ALA A 1 4.27 12.98 18.21
N LEU A 2 5.14 12.33 17.43
CA LEU A 2 6.51 12.77 17.17
C LEU A 2 6.94 12.34 15.78
N PHE A 3 6.80 11.05 15.48
CA PHE A 3 7.28 10.36 14.28
C PHE A 3 6.66 11.01 13.04
N SER A 4 7.41 11.90 12.39
CA SER A 4 6.90 12.76 11.33
C SER A 4 8.01 13.08 10.34
N GLY A 5 8.66 12.04 9.80
CA GLY A 5 9.65 12.21 8.75
C GLY A 5 8.95 12.17 7.40
N ASP A 6 8.84 10.98 6.82
CA ASP A 6 8.34 10.81 5.45
C ASP A 6 6.84 10.89 5.43
N ILE A 7 6.23 10.01 6.22
CA ILE A 7 4.81 9.80 6.30
C ILE A 7 4.18 10.67 7.36
N ALA A 8 4.63 11.91 7.42
CA ALA A 8 4.24 12.83 8.47
C ALA A 8 2.75 13.19 8.48
N ASN A 9 2.03 12.85 7.42
CA ASN A 9 0.61 12.98 7.30
C ASN A 9 -0.12 11.66 7.52
N LEU A 10 0.62 10.56 7.38
CA LEU A 10 0.08 9.20 7.45
C LEU A 10 0.90 8.31 8.39
N THR A 11 0.76 8.51 9.70
CA THR A 11 1.36 7.73 10.78
C THR A 11 0.52 6.45 10.95
N ALA A 12 0.90 5.52 11.80
CA ALA A 12 0.20 4.23 11.99
C ALA A 12 -1.25 4.40 12.38
N ALA A 13 -1.51 5.11 13.46
CA ALA A 13 -2.88 5.31 13.91
C ALA A 13 -3.61 6.29 12.97
N GLU A 14 -2.85 7.13 12.27
CA GLU A 14 -3.35 8.05 11.27
C GLU A 14 -3.77 7.27 10.02
N ILE A 15 -3.07 6.19 9.70
CA ILE A 15 -3.29 5.28 8.59
C ILE A 15 -4.48 4.44 8.94
N GLU A 16 -4.47 3.80 10.10
CA GLU A 16 -5.61 2.98 10.47
C GLU A 16 -6.90 3.79 10.44
N GLN A 17 -7.00 4.93 11.11
CA GLN A 17 -8.26 5.66 11.10
C GLN A 17 -8.46 6.33 9.73
N GLY A 18 -7.35 6.70 9.09
CA GLY A 18 -7.31 7.42 7.84
C GLY A 18 -7.94 6.61 6.74
N PHE A 19 -7.75 5.28 6.82
CA PHE A 19 -8.05 4.36 5.75
C PHE A 19 -8.94 3.20 6.22
N LYS A 20 -9.51 3.32 7.42
CA LYS A 20 -10.46 2.39 8.03
C LYS A 20 -11.76 2.16 7.27
N ASP A 21 -11.99 2.88 6.19
CA ASP A 21 -13.17 2.69 5.35
C ASP A 21 -13.00 1.46 4.44
N VAL A 22 -11.77 1.10 4.06
CA VAL A 22 -11.52 -0.15 3.33
C VAL A 22 -10.99 -1.17 4.34
N PRO A 23 -10.85 -2.47 4.02
CA PRO A 23 -10.21 -3.40 4.93
C PRO A 23 -8.70 -3.13 4.95
N SER A 24 -8.03 -3.90 5.80
CA SER A 24 -6.59 -3.95 5.87
C SER A 24 -6.18 -5.41 5.72
N PHE A 25 -5.06 -5.67 5.08
CA PHE A 25 -4.48 -6.99 4.87
C PHE A 25 -3.25 -7.10 5.74
N VAL A 26 -2.90 -8.34 6.06
CA VAL A 26 -1.71 -8.72 6.76
C VAL A 26 -1.19 -10.01 6.13
N HIS A 27 0.11 -10.10 5.86
CA HIS A 27 0.74 -11.39 5.59
C HIS A 27 1.95 -11.62 6.52
N GLU A 28 2.71 -12.66 6.26
CA GLU A 28 3.85 -13.11 7.07
C GLU A 28 5.20 -12.67 6.47
N GLY A 29 5.18 -11.74 5.52
CA GLY A 29 6.34 -11.32 4.73
C GLY A 29 7.09 -10.15 5.35
N GLY A 30 8.24 -9.82 4.76
CA GLY A 30 9.01 -8.61 5.03
C GLY A 30 8.74 -7.67 3.88
N ASP A 31 9.50 -7.82 2.80
CA ASP A 31 9.21 -7.28 1.48
C ASP A 31 8.45 -8.30 0.67
N VAL A 32 7.59 -7.83 -0.24
CA VAL A 32 6.97 -8.62 -1.28
C VAL A 32 6.46 -7.65 -2.35
N PRO A 33 6.36 -8.03 -3.63
CA PRO A 33 5.93 -7.13 -4.69
C PRO A 33 4.54 -6.52 -4.43
N LEU A 34 4.37 -5.22 -4.73
CA LEU A 34 3.04 -4.59 -4.75
C LEU A 34 2.04 -5.41 -5.57
N VAL A 35 2.49 -6.09 -6.63
CA VAL A 35 1.74 -6.95 -7.55
C VAL A 35 1.33 -8.31 -6.99
N GLU A 36 1.87 -8.72 -5.84
CA GLU A 36 1.39 -9.89 -5.12
C GLU A 36 0.54 -9.43 -3.94
N LEU A 37 0.99 -8.43 -3.17
CA LEU A 37 0.31 -8.10 -1.93
C LEU A 37 -0.97 -7.39 -2.23
N LEU A 38 -1.15 -6.74 -3.40
CA LEU A 38 -2.38 -6.06 -3.67
C LEU A 38 -3.40 -7.04 -4.26
N VAL A 39 -2.93 -8.12 -4.86
CA VAL A 39 -3.74 -9.21 -5.38
C VAL A 39 -4.30 -9.98 -4.19
N SER A 40 -3.41 -10.30 -3.24
CA SER A 40 -3.73 -10.99 -2.02
C SER A 40 -4.58 -10.09 -1.13
N ALA A 41 -4.29 -8.78 -1.09
CA ALA A 41 -5.06 -7.86 -0.25
C ALA A 41 -6.40 -7.48 -0.90
N GLY A 42 -6.56 -7.68 -2.22
CA GLY A 42 -7.87 -7.69 -2.85
C GLY A 42 -8.20 -6.31 -3.42
N ILE A 43 -7.17 -5.63 -3.89
CA ILE A 43 -7.25 -4.39 -4.62
C ILE A 43 -7.63 -4.82 -6.04
N SER A 44 -6.94 -5.80 -6.65
CA SER A 44 -7.39 -6.41 -7.90
C SER A 44 -6.92 -7.86 -7.93
N PRO A 45 -7.82 -8.84 -7.76
CA PRO A 45 -7.42 -10.25 -7.70
C PRO A 45 -7.20 -10.87 -9.09
N SER A 46 -7.71 -10.26 -10.15
CA SER A 46 -7.62 -10.79 -11.50
C SER A 46 -6.29 -10.27 -12.01
N LYS A 47 -5.26 -11.12 -12.13
CA LYS A 47 -3.89 -10.63 -12.26
C LYS A 47 -3.62 -9.74 -13.48
N ARG A 48 -4.45 -9.70 -14.54
CA ARG A 48 -4.32 -8.64 -15.54
C ARG A 48 -4.82 -7.31 -15.00
N GLN A 49 -6.03 -7.28 -14.42
CA GLN A 49 -6.53 -6.09 -13.76
C GLN A 49 -5.50 -5.69 -12.72
N ALA A 50 -4.92 -6.64 -11.96
CA ALA A 50 -3.82 -6.36 -11.07
C ALA A 50 -2.74 -5.63 -11.84
N ARG A 51 -2.10 -6.25 -12.85
CA ARG A 51 -0.93 -5.60 -13.41
C ARG A 51 -1.22 -4.23 -14.00
N GLU A 52 -2.46 -3.88 -14.39
CA GLU A 52 -2.72 -2.45 -14.64
C GLU A 52 -3.07 -1.65 -13.39
N ASP A 53 -3.68 -2.24 -12.38
CA ASP A 53 -3.90 -1.63 -11.08
C ASP A 53 -2.58 -1.30 -10.39
N ILE A 54 -1.47 -1.95 -10.78
CA ILE A 54 -0.13 -1.53 -10.47
C ILE A 54 0.32 -0.57 -11.52
N GLN A 55 0.42 -0.95 -12.80
CA GLN A 55 1.14 -0.20 -13.81
C GLN A 55 0.48 1.16 -14.05
N ASN A 56 -0.69 1.42 -13.48
CA ASN A 56 -1.27 2.73 -13.57
C ASN A 56 -0.70 3.66 -12.55
N GLY A 57 -0.40 4.86 -13.02
CA GLY A 57 -0.12 6.01 -12.21
C GLY A 57 -1.39 6.59 -11.60
N ALA A 58 -2.27 5.69 -11.17
CA ALA A 58 -3.38 5.92 -10.28
C ALA A 58 -3.30 5.00 -9.05
N ILE A 59 -2.31 4.13 -8.87
CA ILE A 59 -2.02 3.51 -7.56
C ILE A 59 -1.00 4.42 -6.87
N TYR A 60 -1.55 5.24 -5.97
CA TYR A 60 -0.86 6.14 -5.09
C TYR A 60 -0.50 5.35 -3.84
N VAL A 61 0.79 5.17 -3.59
CA VAL A 61 1.26 4.54 -2.37
C VAL A 61 1.66 5.65 -1.42
N ASN A 62 1.13 5.63 -0.19
CA ASN A 62 1.31 6.69 0.82
C ASN A 62 0.63 8.01 0.43
N GLY A 63 0.22 8.15 -0.83
CA GLY A 63 -0.27 9.36 -1.45
C GLY A 63 0.47 9.67 -2.77
N GLU A 64 1.53 8.92 -3.10
CA GLU A 64 2.45 9.23 -4.17
C GLU A 64 2.24 8.20 -5.27
N ARG A 65 1.96 8.65 -6.47
CA ARG A 65 1.72 7.77 -7.62
C ARG A 65 2.98 6.95 -7.86
N LEU A 66 2.94 5.64 -7.62
CA LEU A 66 4.12 4.80 -7.65
C LEU A 66 3.71 3.42 -8.18
N GLN A 67 3.76 3.24 -9.51
CA GLN A 67 3.24 2.08 -10.24
C GLN A 67 4.31 1.00 -10.49
N ASP A 68 5.24 0.81 -9.55
CA ASP A 68 6.44 0.01 -9.82
C ASP A 68 6.81 -0.87 -8.62
N VAL A 69 7.32 -2.07 -8.91
CA VAL A 69 7.97 -2.98 -7.98
C VAL A 69 9.29 -2.38 -7.49
N GLY A 70 9.99 -1.68 -8.39
CA GLY A 70 11.18 -0.94 -8.03
C GLY A 70 10.87 0.27 -7.16
N ALA A 71 9.60 0.69 -7.09
CA ALA A 71 9.13 1.75 -6.23
C ALA A 71 8.69 1.18 -4.89
N ILE A 72 7.79 0.17 -4.81
CA ILE A 72 7.36 -0.38 -3.55
C ILE A 72 7.26 -1.91 -3.58
N LEU A 73 7.72 -2.49 -2.47
CA LEU A 73 7.46 -3.83 -2.09
C LEU A 73 6.48 -3.65 -0.91
N THR A 74 6.94 -3.23 0.27
CA THR A 74 6.15 -3.24 1.51
C THR A 74 6.18 -1.92 2.30
N ALA A 75 6.21 -1.99 3.64
CA ALA A 75 6.17 -0.84 4.52
C ALA A 75 7.55 -0.31 4.80
N GLU A 76 8.48 -1.19 5.18
CA GLU A 76 9.85 -0.75 5.47
C GLU A 76 10.58 -0.42 4.16
N HIS A 77 9.93 -0.75 3.05
CA HIS A 77 10.31 -0.33 1.71
C HIS A 77 9.71 1.05 1.36
N ARG A 78 8.80 1.62 2.17
CA ARG A 78 8.04 2.81 1.80
C ARG A 78 8.23 3.84 2.92
N LEU A 79 7.62 3.60 4.08
CA LEU A 79 7.78 4.35 5.29
C LEU A 79 8.89 3.74 6.14
N GLU A 80 9.02 4.19 7.39
CA GLU A 80 9.94 3.65 8.41
C GLU A 80 9.71 2.16 8.72
N GLY A 81 8.70 1.52 8.14
CA GLY A 81 8.30 0.16 8.44
C GLY A 81 7.19 0.17 9.46
N ARG A 82 5.96 0.45 9.03
CA ARG A 82 4.77 0.22 9.87
C ARG A 82 3.68 -0.48 9.09
N PHE A 83 3.22 0.16 8.01
CA PHE A 83 2.13 -0.24 7.14
C PHE A 83 2.48 0.28 5.75
N THR A 84 1.62 0.10 4.76
CA THR A 84 1.67 0.83 3.50
C THR A 84 0.19 1.06 3.13
N VAL A 85 -0.10 2.11 2.37
CA VAL A 85 -1.45 2.52 2.01
C VAL A 85 -1.47 2.58 0.49
N ILE A 86 -2.52 2.02 -0.12
CA ILE A 86 -2.64 1.76 -1.53
C ILE A 86 -3.91 2.42 -2.02
N ARG A 87 -3.81 3.63 -2.54
CA ARG A 87 -4.92 4.34 -3.14
C ARG A 87 -4.90 3.91 -4.60
N ARG A 88 -5.56 2.84 -5.02
CA ARG A 88 -5.81 2.68 -6.45
C ARG A 88 -7.00 3.57 -6.76
N GLY A 89 -6.88 4.57 -7.63
CA GLY A 89 -7.94 5.51 -7.99
C GLY A 89 -9.17 4.85 -8.61
N LYS A 90 -9.02 3.64 -9.17
CA LYS A 90 -10.10 2.80 -9.68
C LYS A 90 -10.81 2.02 -8.57
N LYS A 91 -10.34 2.13 -7.33
CA LYS A 91 -10.94 1.54 -6.15
C LYS A 91 -10.70 2.55 -5.01
N LYS A 92 -10.21 2.15 -3.84
CA LYS A 92 -10.01 3.02 -2.70
C LYS A 92 -8.56 2.87 -2.18
N TYR A 93 -8.38 3.28 -0.92
CA TYR A 93 -7.18 3.25 -0.11
C TYR A 93 -7.13 1.98 0.75
N TYR A 94 -6.66 0.88 0.20
CA TYR A 94 -6.49 -0.31 1.01
C TYR A 94 -5.22 -0.14 1.82
N LEU A 95 -5.10 -0.98 2.82
CA LEU A 95 -4.16 -0.82 3.91
C LEU A 95 -3.46 -2.15 4.04
N ILE A 96 -2.14 -2.11 4.06
CA ILE A 96 -1.30 -3.28 3.84
C ILE A 96 -0.32 -3.40 5.02
N ARG A 97 -0.35 -4.56 5.68
CA ARG A 97 0.62 -4.93 6.71
C ARG A 97 1.17 -6.36 6.61
N TYR A 98 2.01 -6.63 7.59
CA TYR A 98 2.86 -7.75 7.84
C TYR A 98 2.75 -8.04 9.32
N ALA A 99 2.76 -9.31 9.67
CA ALA A 99 2.56 -9.82 11.01
C ALA A 99 3.87 -9.76 11.79
N ALA A 1 1.77 13.79 14.15
CA ALA A 1 2.57 13.50 12.95
C ALA A 1 3.94 14.15 13.08
N LEU A 2 4.99 13.48 12.59
CA LEU A 2 6.35 14.02 12.53
C LEU A 2 6.73 14.26 11.07
N PHE A 3 7.85 14.96 10.84
CA PHE A 3 8.48 15.04 9.52
C PHE A 3 9.75 14.18 9.56
N SER A 4 9.97 13.41 8.49
CA SER A 4 11.22 12.78 8.12
C SER A 4 11.43 13.04 6.62
N GLY A 5 12.48 12.46 6.03
CA GLY A 5 12.62 12.43 4.58
C GLY A 5 11.53 11.54 3.98
N ASP A 6 11.21 10.44 4.65
CA ASP A 6 10.01 9.66 4.36
C ASP A 6 8.80 10.37 4.98
N ILE A 7 7.63 9.95 4.55
CA ILE A 7 6.34 10.30 5.11
C ILE A 7 6.14 9.71 6.52
N ALA A 8 6.68 10.40 7.53
CA ALA A 8 6.32 10.20 8.93
C ALA A 8 4.92 10.79 9.22
N ASN A 9 4.35 11.48 8.23
CA ASN A 9 2.96 11.95 8.22
C ASN A 9 2.02 10.82 7.87
N LEU A 10 2.51 9.80 7.19
CA LEU A 10 1.81 8.53 7.04
C LEU A 10 2.20 7.71 8.26
N THR A 11 1.79 8.15 9.46
CA THR A 11 2.09 7.45 10.67
C THR A 11 1.12 6.29 10.76
N ALA A 12 1.37 5.37 11.68
CA ALA A 12 0.61 4.15 11.82
C ALA A 12 -0.82 4.42 12.18
N ALA A 13 -1.07 5.15 13.26
CA ALA A 13 -2.45 5.44 13.64
C ALA A 13 -3.07 6.39 12.62
N GLU A 14 -2.25 7.11 11.84
CA GLU A 14 -2.69 8.05 10.86
C GLU A 14 -3.21 7.30 9.64
N ILE A 15 -2.51 6.24 9.21
CA ILE A 15 -2.95 5.40 8.12
C ILE A 15 -4.11 4.56 8.60
N GLU A 16 -3.98 3.88 9.73
CA GLU A 16 -5.07 3.00 10.16
C GLU A 16 -6.36 3.79 10.31
N GLN A 17 -6.35 4.96 10.96
CA GLN A 17 -7.58 5.72 11.14
C GLN A 17 -7.93 6.47 9.86
N GLY A 18 -6.91 6.85 9.07
CA GLY A 18 -7.05 7.57 7.83
C GLY A 18 -7.85 6.73 6.85
N PHE A 19 -7.67 5.40 6.93
CA PHE A 19 -8.21 4.47 5.97
C PHE A 19 -9.08 3.40 6.62
N LYS A 20 -9.53 3.64 7.85
CA LYS A 20 -10.36 2.70 8.63
C LYS A 20 -11.71 2.34 7.98
N ASP A 21 -12.11 3.11 6.98
CA ASP A 21 -13.34 2.92 6.21
C ASP A 21 -13.19 1.81 5.16
N VAL A 22 -11.95 1.47 4.76
CA VAL A 22 -11.66 0.52 3.70
C VAL A 22 -10.92 -0.67 4.33
N PRO A 23 -10.86 -1.84 3.69
CA PRO A 23 -10.36 -3.04 4.33
C PRO A 23 -8.84 -3.09 4.28
N SER A 24 -8.30 -4.07 4.99
CA SER A 24 -6.87 -4.26 5.11
C SER A 24 -6.47 -5.69 4.73
N PHE A 25 -5.17 -5.93 4.61
CA PHE A 25 -4.58 -7.26 4.53
C PHE A 25 -3.32 -7.25 5.37
N VAL A 26 -2.92 -8.43 5.85
CA VAL A 26 -1.74 -8.60 6.67
C VAL A 26 -0.99 -9.86 6.23
N HIS A 27 0.31 -9.75 5.93
CA HIS A 27 1.14 -10.94 5.69
C HIS A 27 2.28 -11.09 6.69
N GLU A 28 3.21 -11.99 6.38
CA GLU A 28 4.20 -12.59 7.27
C GLU A 28 5.51 -11.79 7.45
N GLY A 29 5.53 -10.54 7.01
CA GLY A 29 6.78 -9.80 6.84
C GLY A 29 7.65 -10.45 5.75
N GLY A 30 8.85 -9.90 5.53
CA GLY A 30 9.69 -10.25 4.39
C GLY A 30 9.20 -9.46 3.18
N ASP A 31 10.12 -8.84 2.44
CA ASP A 31 9.75 -7.97 1.33
C ASP A 31 8.99 -8.74 0.24
N VAL A 32 8.10 -8.05 -0.47
CA VAL A 32 7.14 -8.71 -1.36
C VAL A 32 6.66 -7.65 -2.33
N PRO A 33 6.48 -7.97 -3.60
CA PRO A 33 6.17 -6.98 -4.59
C PRO A 33 4.71 -6.55 -4.49
N LEU A 34 4.49 -5.30 -4.89
CA LEU A 34 3.16 -4.71 -5.01
C LEU A 34 2.20 -5.63 -5.79
N VAL A 35 2.68 -6.37 -6.80
CA VAL A 35 1.88 -7.30 -7.59
C VAL A 35 1.39 -8.50 -6.80
N GLU A 36 2.11 -8.96 -5.78
CA GLU A 36 1.66 -10.10 -5.01
C GLU A 36 0.85 -9.62 -3.82
N LEU A 37 1.24 -8.53 -3.16
CA LEU A 37 0.55 -8.08 -1.96
C LEU A 37 -0.79 -7.53 -2.35
N LEU A 38 -0.98 -6.94 -3.54
CA LEU A 38 -2.21 -6.27 -3.85
C LEU A 38 -3.22 -7.27 -4.43
N VAL A 39 -2.74 -8.38 -4.97
CA VAL A 39 -3.55 -9.51 -5.41
C VAL A 39 -4.04 -10.25 -4.16
N SER A 40 -3.10 -10.57 -3.27
CA SER A 40 -3.35 -11.25 -2.02
C SER A 40 -4.25 -10.38 -1.16
N ALA A 41 -4.02 -9.05 -1.15
CA ALA A 41 -4.85 -8.16 -0.35
C ALA A 41 -6.18 -7.87 -1.03
N GLY A 42 -6.28 -8.05 -2.34
CA GLY A 42 -7.57 -8.07 -3.02
C GLY A 42 -7.94 -6.68 -3.50
N ILE A 43 -6.92 -5.90 -3.89
CA ILE A 43 -7.06 -4.62 -4.52
C ILE A 43 -7.41 -4.93 -5.98
N SER A 44 -6.74 -5.90 -6.62
CA SER A 44 -7.22 -6.47 -7.88
C SER A 44 -6.77 -7.92 -7.87
N PRO A 45 -7.68 -8.90 -7.73
CA PRO A 45 -7.30 -10.30 -7.67
C PRO A 45 -7.02 -10.93 -9.04
N SER A 46 -7.45 -10.28 -10.12
CA SER A 46 -7.25 -10.77 -11.48
C SER A 46 -5.82 -10.39 -11.84
N LYS A 47 -4.90 -11.34 -12.08
CA LYS A 47 -3.47 -11.02 -12.19
C LYS A 47 -3.17 -10.00 -13.30
N ARG A 48 -3.96 -9.97 -14.38
CA ARG A 48 -3.83 -8.95 -15.43
C ARG A 48 -4.29 -7.58 -14.89
N GLN A 49 -5.50 -7.57 -14.32
CA GLN A 49 -6.07 -6.35 -13.77
C GLN A 49 -5.08 -5.79 -12.78
N ALA A 50 -4.62 -6.64 -11.88
CA ALA A 50 -3.63 -6.38 -10.87
C ALA A 50 -2.44 -5.67 -11.50
N ARG A 51 -1.80 -6.27 -12.51
CA ARG A 51 -0.65 -5.64 -13.14
C ARG A 51 -0.96 -4.28 -13.72
N GLU A 52 -2.15 -4.00 -14.25
CA GLU A 52 -2.43 -2.62 -14.65
C GLU A 52 -2.83 -1.73 -13.47
N ASP A 53 -3.54 -2.25 -12.50
CA ASP A 53 -3.95 -1.56 -11.29
C ASP A 53 -2.75 -1.19 -10.44
N ILE A 54 -1.61 -1.79 -10.74
CA ILE A 54 -0.31 -1.38 -10.30
C ILE A 54 0.21 -0.37 -11.28
N GLN A 55 0.41 -0.73 -12.55
CA GLN A 55 1.23 0.06 -13.45
C GLN A 55 0.60 1.36 -13.89
N ASN A 56 -0.65 1.61 -13.54
CA ASN A 56 -1.19 2.94 -13.63
C ASN A 56 -0.74 3.71 -12.41
N GLY A 57 -0.23 4.92 -12.62
CA GLY A 57 0.00 5.90 -11.55
C GLY A 57 -1.23 6.27 -10.74
N ALA A 58 -2.38 5.65 -11.01
CA ALA A 58 -3.60 5.70 -10.25
C ALA A 58 -3.54 4.79 -9.03
N ILE A 59 -2.39 4.24 -8.65
CA ILE A 59 -2.17 3.66 -7.35
C ILE A 59 -1.17 4.60 -6.67
N TYR A 60 -1.79 5.56 -6.00
CA TYR A 60 -1.14 6.51 -5.13
C TYR A 60 -0.91 5.74 -3.83
N VAL A 61 0.28 5.21 -3.65
CA VAL A 61 0.60 4.49 -2.42
C VAL A 61 0.86 5.60 -1.43
N ASN A 62 0.35 5.59 -0.19
CA ASN A 62 0.76 6.62 0.76
C ASN A 62 0.44 8.07 0.31
N GLY A 63 -0.41 8.23 -0.71
CA GLY A 63 -0.74 9.50 -1.34
C GLY A 63 0.10 9.81 -2.58
N GLU A 64 1.10 8.99 -2.93
CA GLU A 64 2.14 9.31 -3.90
C GLU A 64 2.10 8.26 -5.01
N ARG A 65 2.03 8.70 -6.26
CA ARG A 65 1.84 7.88 -7.44
C ARG A 65 3.03 6.93 -7.57
N LEU A 66 2.90 5.64 -7.25
CA LEU A 66 4.03 4.72 -7.36
C LEU A 66 3.50 3.40 -7.92
N GLN A 67 3.71 3.21 -9.22
CA GLN A 67 3.16 2.17 -10.10
C GLN A 67 4.22 1.11 -10.43
N ASP A 68 5.20 0.93 -9.54
CA ASP A 68 6.45 0.24 -9.81
C ASP A 68 6.88 -0.64 -8.64
N VAL A 69 7.24 -1.88 -8.92
CA VAL A 69 7.92 -2.83 -8.04
C VAL A 69 9.26 -2.27 -7.59
N GLY A 70 9.94 -1.56 -8.48
CA GLY A 70 11.17 -0.87 -8.13
C GLY A 70 10.93 0.28 -7.15
N ALA A 71 9.69 0.77 -7.04
CA ALA A 71 9.27 1.75 -6.04
C ALA A 71 8.73 1.15 -4.75
N ILE A 72 7.98 0.03 -4.76
CA ILE A 72 7.35 -0.48 -3.55
C ILE A 72 7.39 -2.02 -3.53
N LEU A 73 7.96 -2.59 -2.46
CA LEU A 73 7.82 -3.96 -2.10
C LEU A 73 6.91 -3.88 -0.85
N THR A 74 7.45 -3.87 0.36
CA THR A 74 6.64 -3.93 1.58
C THR A 74 6.39 -2.56 2.24
N ALA A 75 5.78 -2.57 3.43
CA ALA A 75 5.54 -1.37 4.22
C ALA A 75 6.83 -0.63 4.56
N GLU A 76 7.90 -1.35 4.91
CA GLU A 76 9.22 -0.78 5.15
C GLU A 76 9.84 -0.18 3.89
N HIS A 77 9.31 -0.56 2.74
CA HIS A 77 9.68 -0.07 1.43
C HIS A 77 8.78 1.10 1.03
N ARG A 78 7.88 1.56 1.92
CA ARG A 78 7.14 2.80 1.68
C ARG A 78 7.23 3.76 2.86
N LEU A 79 6.77 3.40 4.06
CA LEU A 79 7.00 4.14 5.28
C LEU A 79 8.27 3.61 5.95
N GLU A 80 8.52 4.06 7.18
CA GLU A 80 9.46 3.43 8.11
C GLU A 80 9.29 1.90 8.08
N GLY A 81 8.04 1.43 8.20
CA GLY A 81 7.67 0.04 8.04
C GLY A 81 6.69 -0.47 9.08
N ARG A 82 5.39 -0.20 8.89
CA ARG A 82 4.33 -0.89 9.65
C ARG A 82 3.11 -1.19 8.79
N PHE A 83 2.67 -0.20 8.02
CA PHE A 83 1.47 -0.23 7.18
C PHE A 83 1.83 0.29 5.80
N THR A 84 0.87 0.37 4.89
CA THR A 84 0.93 1.15 3.66
C THR A 84 -0.51 1.33 3.18
N VAL A 85 -0.89 2.56 2.82
CA VAL A 85 -2.17 2.80 2.17
C VAL A 85 -1.96 2.70 0.65
N ILE A 86 -2.96 2.18 -0.05
CA ILE A 86 -2.96 1.92 -1.48
C ILE A 86 -4.15 2.63 -2.06
N ARG A 87 -3.96 3.81 -2.63
CA ARG A 87 -5.07 4.61 -3.10
C ARG A 87 -5.20 4.33 -4.60
N ARG A 88 -5.85 3.21 -4.93
CA ARG A 88 -5.99 2.68 -6.26
C ARG A 88 -7.09 3.45 -7.00
N GLY A 89 -6.92 4.76 -7.20
CA GLY A 89 -7.67 5.71 -8.02
C GLY A 89 -9.15 5.38 -8.25
N LYS A 90 -9.44 4.52 -9.23
CA LYS A 90 -10.76 4.00 -9.55
C LYS A 90 -11.43 3.44 -8.30
N LYS A 91 -10.75 2.51 -7.63
CA LYS A 91 -11.10 1.98 -6.32
C LYS A 91 -10.57 2.92 -5.23
N LYS A 92 -10.87 2.60 -3.98
CA LYS A 92 -10.50 3.41 -2.83
C LYS A 92 -9.06 3.12 -2.36
N TYR A 93 -8.90 3.22 -1.05
CA TYR A 93 -7.65 3.34 -0.33
C TYR A 93 -7.47 2.13 0.59
N TYR A 94 -6.99 1.01 0.07
CA TYR A 94 -6.88 -0.19 0.88
C TYR A 94 -5.64 -0.08 1.74
N LEU A 95 -5.55 -1.00 2.68
CA LEU A 95 -4.55 -1.00 3.73
C LEU A 95 -3.77 -2.30 3.66
N ILE A 96 -2.45 -2.17 3.70
CA ILE A 96 -1.50 -3.26 3.62
C ILE A 96 -0.72 -3.19 4.92
N ARG A 97 -0.54 -4.33 5.58
CA ARG A 97 0.33 -4.47 6.73
C ARG A 97 1.01 -5.84 6.71
N TYR A 98 1.95 -6.03 7.62
CA TYR A 98 2.47 -7.32 8.00
C TYR A 98 2.30 -7.50 9.50
N ALA A 99 2.40 -8.74 9.94
CA ALA A 99 2.42 -9.19 11.31
C ALA A 99 3.69 -8.68 12.02
N ALA A 1 3.23 9.90 19.61
CA ALA A 1 3.69 8.63 19.01
C ALA A 1 3.97 8.87 17.53
N LEU A 2 5.13 8.43 17.05
CA LEU A 2 5.84 9.05 15.93
C LEU A 2 6.06 10.54 16.23
N PHE A 3 6.59 11.31 15.29
CA PHE A 3 6.55 12.76 15.35
C PHE A 3 6.72 13.34 13.95
N SER A 4 7.71 12.86 13.19
CA SER A 4 7.95 13.11 11.78
C SER A 4 8.84 11.98 11.24
N GLY A 5 9.20 11.99 9.96
CA GLY A 5 9.90 10.91 9.29
C GLY A 5 9.53 10.93 7.82
N ASP A 6 9.20 9.77 7.27
CA ASP A 6 8.72 9.60 5.90
C ASP A 6 7.26 10.01 5.87
N ILE A 7 6.43 9.27 6.59
CA ILE A 7 4.99 9.45 6.60
C ILE A 7 4.56 10.41 7.71
N ALA A 8 5.21 11.56 7.73
CA ALA A 8 4.86 12.70 8.57
C ALA A 8 3.51 13.31 8.17
N ASN A 9 2.91 12.82 7.08
CA ASN A 9 1.66 13.26 6.53
C ASN A 9 0.56 12.23 6.82
N LEU A 10 0.95 11.03 7.30
CA LEU A 10 0.07 9.88 7.47
C LEU A 10 0.68 8.91 8.50
N THR A 11 0.46 9.12 9.80
CA THR A 11 1.06 8.32 10.86
C THR A 11 0.31 7.00 10.99
N ALA A 12 0.75 6.10 11.87
CA ALA A 12 0.17 4.76 11.99
C ALA A 12 -1.27 4.83 12.44
N ALA A 13 -1.55 5.57 13.51
CA ALA A 13 -2.94 5.65 13.97
C ALA A 13 -3.78 6.43 12.96
N GLU A 14 -3.13 7.37 12.25
CA GLU A 14 -3.78 8.25 11.30
C GLU A 14 -4.00 7.51 9.97
N ILE A 15 -3.21 6.47 9.68
CA ILE A 15 -3.38 5.57 8.57
C ILE A 15 -4.54 4.67 8.92
N GLU A 16 -4.49 4.00 10.05
CA GLU A 16 -5.57 3.10 10.41
C GLU A 16 -6.92 3.81 10.44
N GLN A 17 -7.03 4.97 11.11
CA GLN A 17 -8.31 5.69 11.18
C GLN A 17 -8.53 6.49 9.91
N GLY A 18 -7.47 6.87 9.21
CA GLY A 18 -7.54 7.59 7.96
C GLY A 18 -8.20 6.75 6.92
N PHE A 19 -7.89 5.44 6.94
CA PHE A 19 -8.19 4.58 5.81
C PHE A 19 -9.09 3.42 6.21
N LYS A 20 -9.70 3.53 7.40
CA LYS A 20 -10.70 2.60 7.93
C LYS A 20 -11.91 2.33 7.05
N ASP A 21 -12.07 3.13 6.00
CA ASP A 21 -13.19 3.14 5.08
C ASP A 21 -13.07 1.99 4.09
N VAL A 22 -11.91 1.35 4.01
CA VAL A 22 -11.66 0.11 3.31
C VAL A 22 -10.99 -0.83 4.33
N PRO A 23 -11.08 -2.16 4.14
CA PRO A 23 -10.38 -3.09 5.00
C PRO A 23 -8.91 -3.17 4.64
N SER A 24 -8.18 -3.83 5.51
CA SER A 24 -6.73 -3.99 5.42
C SER A 24 -6.38 -5.40 4.96
N PHE A 25 -5.10 -5.68 4.75
CA PHE A 25 -4.58 -7.02 4.65
C PHE A 25 -3.29 -7.05 5.44
N VAL A 26 -2.87 -8.25 5.82
CA VAL A 26 -1.60 -8.52 6.41
C VAL A 26 -1.01 -9.73 5.72
N HIS A 27 0.25 -9.65 5.32
CA HIS A 27 1.04 -10.82 4.96
C HIS A 27 2.09 -11.05 6.04
N GLU A 28 2.82 -12.15 5.97
CA GLU A 28 3.60 -12.65 7.11
C GLU A 28 5.08 -12.29 6.97
N GLY A 29 5.37 -10.99 6.86
CA GLY A 29 6.74 -10.50 6.68
C GLY A 29 7.37 -11.01 5.38
N GLY A 30 8.67 -10.77 5.22
CA GLY A 30 9.33 -10.88 3.94
C GLY A 30 8.95 -9.66 3.12
N ASP A 31 9.85 -9.20 2.25
CA ASP A 31 9.48 -8.26 1.20
C ASP A 31 8.69 -8.96 0.11
N VAL A 32 7.81 -8.21 -0.53
CA VAL A 32 6.74 -8.82 -1.34
C VAL A 32 6.32 -7.74 -2.30
N PRO A 33 6.18 -8.02 -3.59
CA PRO A 33 5.93 -7.00 -4.57
C PRO A 33 4.49 -6.53 -4.48
N LEU A 34 4.28 -5.29 -4.92
CA LEU A 34 2.97 -4.70 -4.97
C LEU A 34 1.97 -5.59 -5.74
N VAL A 35 2.42 -6.37 -6.74
CA VAL A 35 1.60 -7.34 -7.48
C VAL A 35 1.18 -8.58 -6.70
N GLU A 36 1.89 -8.99 -5.65
CA GLU A 36 1.43 -10.09 -4.85
C GLU A 36 0.57 -9.55 -3.71
N LEU A 37 0.99 -8.46 -3.05
CA LEU A 37 0.29 -8.02 -1.85
C LEU A 37 -1.02 -7.38 -2.24
N LEU A 38 -1.16 -6.79 -3.43
CA LEU A 38 -2.40 -6.14 -3.77
C LEU A 38 -3.38 -7.19 -4.31
N VAL A 39 -2.88 -8.23 -4.96
CA VAL A 39 -3.68 -9.37 -5.39
C VAL A 39 -4.19 -10.08 -4.15
N SER A 40 -3.30 -10.40 -3.22
CA SER A 40 -3.59 -11.10 -1.98
C SER A 40 -4.46 -10.23 -1.08
N ALA A 41 -4.26 -8.90 -1.09
CA ALA A 41 -5.10 -8.03 -0.27
C ALA A 41 -6.47 -7.82 -0.94
N GLY A 42 -6.60 -8.14 -2.23
CA GLY A 42 -7.89 -8.23 -2.89
C GLY A 42 -8.23 -6.94 -3.60
N ILE A 43 -7.19 -6.17 -3.90
CA ILE A 43 -7.25 -4.89 -4.55
C ILE A 43 -7.49 -5.21 -6.03
N SER A 44 -6.80 -6.21 -6.61
CA SER A 44 -7.09 -6.71 -7.95
C SER A 44 -6.56 -8.14 -8.04
N PRO A 45 -7.40 -9.19 -7.93
CA PRO A 45 -6.90 -10.56 -7.87
C PRO A 45 -6.54 -11.13 -9.25
N SER A 46 -7.04 -10.53 -10.33
CA SER A 46 -6.85 -11.05 -11.67
C SER A 46 -5.53 -10.49 -12.15
N LYS A 47 -4.46 -11.28 -12.23
CA LYS A 47 -3.10 -10.72 -12.34
C LYS A 47 -2.85 -9.81 -13.54
N ARG A 48 -3.62 -9.85 -14.64
CA ARG A 48 -3.54 -8.81 -15.68
C ARG A 48 -4.15 -7.49 -15.21
N GLN A 49 -5.34 -7.57 -14.60
CA GLN A 49 -6.00 -6.42 -14.02
C GLN A 49 -5.05 -5.85 -13.01
N ALA A 50 -4.55 -6.69 -12.10
CA ALA A 50 -3.58 -6.35 -11.09
C ALA A 50 -2.40 -5.63 -11.70
N ARG A 51 -1.78 -6.21 -12.73
CA ARG A 51 -0.62 -5.63 -13.35
C ARG A 51 -0.92 -4.23 -13.85
N GLU A 52 -2.10 -3.96 -14.39
CA GLU A 52 -2.36 -2.54 -14.75
C GLU A 52 -2.86 -1.70 -13.57
N ASP A 53 -3.48 -2.32 -12.57
CA ASP A 53 -3.88 -1.68 -11.31
C ASP A 53 -2.68 -1.17 -10.54
N ILE A 54 -1.54 -1.77 -10.83
CA ILE A 54 -0.25 -1.34 -10.43
C ILE A 54 0.21 -0.32 -11.44
N GLN A 55 0.41 -0.68 -12.70
CA GLN A 55 1.16 0.12 -13.66
C GLN A 55 0.47 1.44 -14.00
N ASN A 56 -0.74 1.68 -13.50
CA ASN A 56 -1.32 2.99 -13.47
C ASN A 56 -0.84 3.85 -12.33
N GLY A 57 -0.45 5.09 -12.65
CA GLY A 57 -0.26 6.17 -11.71
C GLY A 57 -1.51 6.58 -10.91
N ALA A 58 -2.58 5.79 -10.97
CA ALA A 58 -3.72 5.84 -10.08
C ALA A 58 -3.45 5.14 -8.74
N ILE A 59 -2.38 4.36 -8.56
CA ILE A 59 -2.02 3.71 -7.30
C ILE A 59 -0.93 4.55 -6.64
N TYR A 60 -1.49 5.49 -5.89
CA TYR A 60 -0.82 6.39 -5.00
C TYR A 60 -0.53 5.62 -3.73
N VAL A 61 0.69 5.13 -3.57
CA VAL A 61 1.05 4.48 -2.31
C VAL A 61 1.32 5.64 -1.37
N ASN A 62 0.87 5.61 -0.11
CA ASN A 62 1.15 6.69 0.84
C ASN A 62 0.61 8.07 0.39
N GLY A 63 -0.13 8.16 -0.72
CA GLY A 63 -0.56 9.40 -1.36
C GLY A 63 0.25 9.78 -2.60
N GLU A 64 1.28 9.02 -2.99
CA GLU A 64 2.24 9.37 -4.03
C GLU A 64 2.26 8.25 -5.07
N ARG A 65 2.12 8.64 -6.33
CA ARG A 65 1.94 7.75 -7.46
C ARG A 65 3.18 6.90 -7.61
N LEU A 66 3.10 5.59 -7.33
CA LEU A 66 4.28 4.73 -7.33
C LEU A 66 3.92 3.37 -7.94
N GLN A 67 3.68 3.35 -9.25
CA GLN A 67 3.11 2.24 -10.02
C GLN A 67 4.10 1.09 -10.37
N ASP A 68 5.11 0.78 -9.56
CA ASP A 68 6.10 -0.25 -9.91
C ASP A 68 6.60 -1.10 -8.74
N VAL A 69 7.15 -2.27 -9.05
CA VAL A 69 7.84 -3.23 -8.17
C VAL A 69 9.18 -2.66 -7.68
N GLY A 70 9.81 -1.76 -8.44
CA GLY A 70 10.94 -0.98 -7.97
C GLY A 70 10.52 0.27 -7.22
N ALA A 71 9.22 0.57 -7.21
CA ALA A 71 8.67 1.60 -6.38
C ALA A 71 8.36 1.00 -5.01
N ILE A 72 7.53 -0.05 -4.90
CA ILE A 72 7.21 -0.68 -3.62
C ILE A 72 7.22 -2.20 -3.65
N LEU A 73 7.81 -2.79 -2.61
CA LEU A 73 7.68 -4.16 -2.24
C LEU A 73 6.82 -4.02 -0.98
N THR A 74 7.42 -3.82 0.19
CA THR A 74 6.71 -3.88 1.48
C THR A 74 6.67 -2.55 2.22
N ALA A 75 6.16 -2.57 3.46
CA ALA A 75 6.03 -1.39 4.28
C ALA A 75 7.34 -0.66 4.52
N GLU A 76 8.42 -1.35 4.90
CA GLU A 76 9.74 -0.73 5.09
C GLU A 76 10.35 -0.31 3.75
N HIS A 77 9.82 -0.81 2.64
CA HIS A 77 10.21 -0.37 1.31
C HIS A 77 9.48 0.94 0.96
N ARG A 78 8.47 1.37 1.75
CA ARG A 78 7.76 2.62 1.51
C ARG A 78 8.06 3.56 2.67
N LEU A 79 7.43 3.35 3.82
CA LEU A 79 7.60 4.11 5.03
C LEU A 79 8.71 3.46 5.87
N GLU A 80 8.87 3.94 7.10
CA GLU A 80 9.84 3.48 8.10
C GLU A 80 9.90 1.96 8.30
N GLY A 81 8.81 1.25 8.02
CA GLY A 81 8.59 -0.13 8.36
C GLY A 81 7.41 -0.30 9.29
N ARG A 82 6.21 0.04 8.80
CA ARG A 82 4.96 -0.26 9.52
C ARG A 82 3.97 -0.86 8.55
N PHE A 83 3.30 -0.01 7.78
CA PHE A 83 2.14 -0.37 6.96
C PHE A 83 2.40 0.11 5.53
N THR A 84 1.38 0.14 4.68
CA THR A 84 1.40 0.83 3.42
C THR A 84 -0.04 1.12 3.01
N VAL A 85 -0.33 2.40 2.82
CA VAL A 85 -1.58 2.92 2.27
C VAL A 85 -1.50 2.73 0.76
N ILE A 86 -2.50 2.12 0.13
CA ILE A 86 -2.60 1.93 -1.32
C ILE A 86 -3.82 2.70 -1.77
N ARG A 87 -3.67 3.93 -2.27
CA ARG A 87 -4.81 4.67 -2.79
C ARG A 87 -4.84 4.34 -4.27
N ARG A 88 -5.48 3.24 -4.67
CA ARG A 88 -5.78 3.02 -6.07
C ARG A 88 -7.13 3.64 -6.35
N GLY A 89 -7.18 4.68 -7.16
CA GLY A 89 -8.42 5.38 -7.48
C GLY A 89 -9.49 4.56 -8.22
N LYS A 90 -9.25 3.25 -8.47
CA LYS A 90 -10.29 2.30 -8.86
C LYS A 90 -11.36 2.25 -7.77
N LYS A 91 -10.95 2.18 -6.51
CA LYS A 91 -11.81 2.27 -5.34
C LYS A 91 -11.15 3.28 -4.41
N LYS A 92 -10.28 2.88 -3.48
CA LYS A 92 -9.86 3.77 -2.41
C LYS A 92 -8.44 3.42 -1.90
N TYR A 93 -8.21 3.75 -0.63
CA TYR A 93 -6.99 3.63 0.17
C TYR A 93 -7.00 2.31 0.96
N TYR A 94 -6.68 1.18 0.35
CA TYR A 94 -6.67 -0.08 1.06
C TYR A 94 -5.39 -0.13 1.88
N LEU A 95 -5.45 -0.71 3.06
CA LEU A 95 -4.33 -0.76 3.97
C LEU A 95 -3.64 -2.11 3.83
N ILE A 96 -2.32 -2.11 3.85
CA ILE A 96 -1.50 -3.31 3.79
C ILE A 96 -0.57 -3.23 4.99
N ARG A 97 -0.38 -4.33 5.72
CA ARG A 97 0.72 -4.46 6.64
C ARG A 97 1.39 -5.83 6.53
N TYR A 98 2.48 -6.00 7.26
CA TYR A 98 3.04 -7.29 7.55
C TYR A 98 2.68 -7.65 8.99
N ALA A 99 2.81 -8.94 9.31
CA ALA A 99 2.48 -9.57 10.57
C ALA A 99 3.36 -8.99 11.67
N ALA A 1 8.11 6.86 14.21
CA ALA A 1 7.61 7.98 15.01
C ALA A 1 7.57 9.24 14.13
N LEU A 2 7.46 10.44 14.71
CA LEU A 2 7.38 11.66 13.90
C LEU A 2 8.71 11.91 13.20
N PHE A 3 8.67 12.07 11.89
CA PHE A 3 9.83 12.20 11.00
C PHE A 3 9.54 13.29 9.97
N SER A 4 10.42 13.45 8.99
CA SER A 4 10.21 14.23 7.78
C SER A 4 10.73 13.41 6.59
N GLY A 5 10.73 14.00 5.40
CA GLY A 5 11.14 13.34 4.16
C GLY A 5 10.05 12.40 3.67
N ASP A 6 9.87 11.28 4.36
CA ASP A 6 8.83 10.32 4.03
C ASP A 6 7.48 10.83 4.53
N ILE A 7 6.46 10.10 4.13
CA ILE A 7 5.05 10.10 4.54
C ILE A 7 4.87 9.73 6.02
N ALA A 8 5.75 10.24 6.87
CA ALA A 8 5.77 10.18 8.32
C ALA A 8 4.69 11.08 8.93
N ASN A 9 3.85 11.69 8.09
CA ASN A 9 2.60 12.31 8.48
C ASN A 9 1.54 11.22 8.68
N LEU A 10 1.73 10.06 8.06
CA LEU A 10 0.86 8.91 8.11
C LEU A 10 1.39 8.02 9.24
N THR A 11 0.85 8.18 10.44
CA THR A 11 1.14 7.39 11.63
C THR A 11 0.41 6.06 11.52
N ALA A 12 0.60 5.19 12.50
CA ALA A 12 -0.08 3.90 12.59
C ALA A 12 -1.56 4.08 12.85
N ALA A 13 -1.93 4.74 13.94
CA ALA A 13 -3.34 4.99 14.22
C ALA A 13 -3.94 5.95 13.18
N GLU A 14 -3.12 6.78 12.54
CA GLU A 14 -3.59 7.70 11.51
C GLU A 14 -3.89 6.91 10.26
N ILE A 15 -3.08 5.91 9.91
CA ILE A 15 -3.35 5.05 8.79
C ILE A 15 -4.55 4.16 9.12
N GLU A 16 -4.55 3.46 10.25
CA GLU A 16 -5.66 2.55 10.49
C GLU A 16 -6.99 3.30 10.50
N GLN A 17 -7.10 4.41 11.25
CA GLN A 17 -8.36 5.15 11.32
C GLN A 17 -8.59 5.87 10.00
N GLY A 18 -7.51 6.34 9.37
CA GLY A 18 -7.51 7.13 8.17
C GLY A 18 -8.16 6.34 7.06
N PHE A 19 -7.88 5.03 7.05
CA PHE A 19 -8.22 4.17 5.94
C PHE A 19 -9.21 3.09 6.39
N LYS A 20 -9.82 3.25 7.58
CA LYS A 20 -10.85 2.38 8.16
C LYS A 20 -12.08 2.19 7.28
N ASP A 21 -12.22 3.06 6.29
CA ASP A 21 -13.35 3.17 5.36
C ASP A 21 -13.28 2.09 4.27
N VAL A 22 -12.15 1.39 4.15
CA VAL A 22 -11.99 0.17 3.36
C VAL A 22 -11.23 -0.84 4.26
N PRO A 23 -11.06 -2.12 3.87
CA PRO A 23 -10.41 -3.13 4.70
C PRO A 23 -8.89 -2.92 4.69
N SER A 24 -8.16 -3.84 5.31
CA SER A 24 -6.71 -3.87 5.33
C SER A 24 -6.24 -5.31 5.07
N PHE A 25 -4.93 -5.56 4.95
CA PHE A 25 -4.36 -6.89 4.82
C PHE A 25 -3.11 -6.99 5.68
N VAL A 26 -2.68 -8.20 5.99
CA VAL A 26 -1.46 -8.48 6.73
C VAL A 26 -0.78 -9.67 6.08
N HIS A 27 0.55 -9.62 5.97
CA HIS A 27 1.35 -10.81 5.71
C HIS A 27 2.40 -11.05 6.78
N GLU A 28 3.04 -12.20 6.66
CA GLU A 28 4.04 -12.80 7.55
C GLU A 28 5.43 -12.16 7.33
N GLY A 29 5.47 -10.87 6.99
CA GLY A 29 6.72 -10.17 6.75
C GLY A 29 7.45 -10.69 5.52
N GLY A 30 8.69 -10.22 5.33
CA GLY A 30 9.41 -10.33 4.09
C GLY A 30 8.90 -9.25 3.15
N ASP A 31 9.78 -8.71 2.34
CA ASP A 31 9.39 -7.85 1.22
C ASP A 31 8.66 -8.67 0.16
N VAL A 32 7.73 -8.00 -0.52
CA VAL A 32 6.68 -8.63 -1.33
C VAL A 32 6.26 -7.58 -2.32
N PRO A 33 6.12 -7.92 -3.61
CA PRO A 33 5.86 -6.94 -4.63
C PRO A 33 4.43 -6.41 -4.53
N LEU A 34 4.25 -5.16 -4.98
CA LEU A 34 2.93 -4.56 -5.04
C LEU A 34 1.92 -5.47 -5.77
N VAL A 35 2.38 -6.28 -6.74
CA VAL A 35 1.57 -7.22 -7.53
C VAL A 35 1.21 -8.52 -6.81
N GLU A 36 1.87 -8.85 -5.70
CA GLU A 36 1.41 -9.90 -4.82
C GLU A 36 0.51 -9.29 -3.76
N LEU A 37 0.93 -8.22 -3.08
CA LEU A 37 0.25 -7.77 -1.88
C LEU A 37 -1.07 -7.15 -2.26
N LEU A 38 -1.27 -6.65 -3.48
CA LEU A 38 -2.56 -6.13 -3.84
C LEU A 38 -3.52 -7.29 -4.10
N VAL A 39 -3.02 -8.41 -4.63
CA VAL A 39 -3.80 -9.57 -5.03
C VAL A 39 -4.19 -10.31 -3.74
N SER A 40 -3.21 -10.49 -2.87
CA SER A 40 -3.32 -11.07 -1.54
C SER A 40 -4.20 -10.17 -0.67
N ALA A 41 -4.08 -8.83 -0.81
CA ALA A 41 -4.95 -7.96 -0.02
C ALA A 41 -6.36 -7.88 -0.62
N GLY A 42 -6.50 -8.13 -1.92
CA GLY A 42 -7.78 -8.31 -2.58
C GLY A 42 -8.23 -7.04 -3.30
N ILE A 43 -7.26 -6.18 -3.62
CA ILE A 43 -7.44 -4.87 -4.20
C ILE A 43 -7.73 -5.12 -5.69
N SER A 44 -7.06 -6.08 -6.35
CA SER A 44 -7.44 -6.59 -7.67
C SER A 44 -7.10 -8.08 -7.66
N PRO A 45 -8.07 -9.00 -7.74
CA PRO A 45 -7.81 -10.42 -7.67
C PRO A 45 -7.46 -11.04 -9.02
N SER A 46 -7.71 -10.33 -10.12
CA SER A 46 -7.33 -10.76 -11.46
C SER A 46 -5.90 -10.31 -11.64
N LYS A 47 -5.01 -11.18 -12.13
CA LYS A 47 -3.63 -10.77 -12.39
C LYS A 47 -3.56 -9.71 -13.49
N ARG A 48 -4.41 -9.77 -14.52
CA ARG A 48 -4.41 -8.73 -15.56
C ARG A 48 -4.79 -7.39 -14.93
N GLN A 49 -5.95 -7.36 -14.25
CA GLN A 49 -6.40 -6.13 -13.60
C GLN A 49 -5.33 -5.70 -12.63
N ALA A 50 -4.83 -6.58 -11.77
CA ALA A 50 -3.80 -6.28 -10.80
C ALA A 50 -2.58 -5.61 -11.42
N ARG A 51 -2.05 -6.21 -12.48
CA ARG A 51 -0.87 -5.68 -13.16
C ARG A 51 -1.16 -4.29 -13.69
N GLU A 52 -2.34 -4.02 -14.23
CA GLU A 52 -2.63 -2.66 -14.68
C GLU A 52 -2.97 -1.72 -13.54
N ASP A 53 -3.60 -2.24 -12.49
CA ASP A 53 -3.79 -1.56 -11.24
C ASP A 53 -2.47 -1.03 -10.80
N ILE A 54 -1.41 -1.78 -10.99
CA ILE A 54 -0.11 -1.43 -10.52
C ILE A 54 0.55 -0.54 -11.50
N GLN A 55 0.59 -0.90 -12.77
CA GLN A 55 1.26 -0.17 -13.82
C GLN A 55 0.59 1.18 -14.08
N ASN A 56 -0.60 1.42 -13.52
CA ASN A 56 -1.26 2.70 -13.62
C ASN A 56 -0.77 3.70 -12.59
N GLY A 57 -0.57 4.93 -13.05
CA GLY A 57 -0.43 6.10 -12.20
C GLY A 57 -1.64 6.36 -11.28
N ALA A 58 -2.68 5.53 -11.34
CA ALA A 58 -3.81 5.55 -10.44
C ALA A 58 -3.49 4.89 -9.10
N ILE A 59 -2.30 4.31 -8.87
CA ILE A 59 -1.89 3.82 -7.55
C ILE A 59 -0.83 4.77 -6.99
N TYR A 60 -1.42 5.72 -6.25
CA TYR A 60 -0.77 6.65 -5.38
C TYR A 60 -0.55 5.90 -4.08
N VAL A 61 0.61 5.29 -3.89
CA VAL A 61 0.84 4.57 -2.66
C VAL A 61 1.17 5.68 -1.68
N ASN A 62 0.47 5.72 -0.56
CA ASN A 62 0.59 6.72 0.50
C ASN A 62 -0.10 8.03 0.09
N GLY A 63 0.29 8.50 -1.08
CA GLY A 63 -0.25 9.60 -1.89
C GLY A 63 0.59 9.81 -3.15
N GLU A 64 1.60 8.98 -3.40
CA GLU A 64 2.68 9.21 -4.34
C GLU A 64 2.49 8.20 -5.46
N ARG A 65 2.25 8.67 -6.68
CA ARG A 65 1.96 7.84 -7.85
C ARG A 65 3.21 7.02 -8.14
N LEU A 66 3.22 5.71 -7.84
CA LEU A 66 4.47 4.96 -7.88
C LEU A 66 4.22 3.57 -8.46
N GLN A 67 3.88 3.51 -9.75
CA GLN A 67 3.45 2.31 -10.46
C GLN A 67 4.63 1.44 -10.92
N ASP A 68 5.49 1.01 -9.99
CA ASP A 68 6.55 0.03 -10.25
C ASP A 68 6.86 -0.85 -9.02
N VAL A 69 7.33 -2.09 -9.24
CA VAL A 69 7.91 -3.04 -8.25
C VAL A 69 9.21 -2.49 -7.70
N GLY A 70 10.01 -1.85 -8.55
CA GLY A 70 11.22 -1.17 -8.10
C GLY A 70 10.90 0.09 -7.30
N ALA A 71 9.66 0.53 -7.29
CA ALA A 71 9.20 1.60 -6.41
C ALA A 71 8.79 1.01 -5.06
N ILE A 72 7.86 0.03 -4.99
CA ILE A 72 7.41 -0.54 -3.73
C ILE A 72 7.29 -2.05 -3.74
N LEU A 73 7.81 -2.66 -2.68
CA LEU A 73 7.56 -4.01 -2.27
C LEU A 73 6.68 -3.81 -1.02
N THR A 74 7.25 -3.62 0.17
CA THR A 74 6.52 -3.64 1.44
C THR A 74 6.51 -2.31 2.20
N ALA A 75 6.05 -2.35 3.46
CA ALA A 75 5.93 -1.20 4.30
C ALA A 75 7.26 -0.52 4.61
N GLU A 76 8.31 -1.26 4.94
CA GLU A 76 9.63 -0.67 5.14
C GLU A 76 10.22 -0.21 3.81
N HIS A 77 9.69 -0.70 2.70
CA HIS A 77 10.03 -0.28 1.37
C HIS A 77 9.25 1.00 0.98
N ARG A 78 8.40 1.55 1.86
CA ARG A 78 7.67 2.79 1.58
C ARG A 78 7.82 3.77 2.74
N LEU A 79 7.34 3.44 3.92
CA LEU A 79 7.51 4.14 5.17
C LEU A 79 8.75 3.61 5.90
N GLU A 80 9.00 4.09 7.12
CA GLU A 80 10.05 3.59 8.03
C GLU A 80 9.97 2.07 8.25
N GLY A 81 8.77 1.50 8.15
CA GLY A 81 8.47 0.10 8.33
C GLY A 81 7.27 -0.09 9.24
N ARG A 82 6.07 0.18 8.74
CA ARG A 82 4.83 0.02 9.51
C ARG A 82 3.76 -0.58 8.63
N PHE A 83 3.13 0.25 7.79
CA PHE A 83 1.98 -0.07 6.96
C PHE A 83 2.30 0.30 5.51
N THR A 84 1.32 0.25 4.63
CA THR A 84 1.39 0.90 3.34
C THR A 84 -0.06 1.20 2.94
N VAL A 85 -0.35 2.49 2.82
CA VAL A 85 -1.59 3.00 2.26
C VAL A 85 -1.46 2.87 0.75
N ILE A 86 -2.52 2.46 0.08
CA ILE A 86 -2.61 2.27 -1.36
C ILE A 86 -3.76 3.13 -1.81
N ARG A 87 -3.54 4.28 -2.43
CA ARG A 87 -4.66 4.99 -3.02
C ARG A 87 -4.70 4.51 -4.45
N ARG A 88 -5.34 3.36 -4.69
CA ARG A 88 -5.67 2.87 -5.98
C ARG A 88 -6.89 3.68 -6.37
N GLY A 89 -6.70 4.90 -6.87
CA GLY A 89 -7.76 5.82 -7.29
C GLY A 89 -8.77 5.13 -8.21
N LYS A 90 -8.32 4.20 -9.05
CA LYS A 90 -9.17 3.34 -9.88
C LYS A 90 -9.98 2.30 -9.07
N LYS A 91 -10.10 2.44 -7.74
CA LYS A 91 -11.06 1.79 -6.86
C LYS A 91 -11.12 2.56 -5.54
N LYS A 92 -10.22 2.33 -4.57
CA LYS A 92 -10.24 2.95 -3.26
C LYS A 92 -8.83 2.92 -2.65
N TYR A 93 -8.82 3.25 -1.37
CA TYR A 93 -7.65 3.55 -0.57
C TYR A 93 -7.35 2.42 0.43
N TYR A 94 -6.77 1.33 -0.06
CA TYR A 94 -6.53 0.12 0.71
C TYR A 94 -5.31 0.23 1.60
N LEU A 95 -5.13 -0.78 2.44
CA LEU A 95 -4.15 -0.77 3.51
C LEU A 95 -3.50 -2.15 3.64
N ILE A 96 -2.18 -2.16 3.84
CA ILE A 96 -1.37 -3.36 4.02
C ILE A 96 -0.49 -3.18 5.26
N ARG A 97 -0.30 -4.25 6.02
CA ARG A 97 0.75 -4.39 7.03
C ARG A 97 1.42 -5.76 6.90
N TYR A 98 2.38 -5.94 7.77
CA TYR A 98 2.97 -7.20 8.13
C TYR A 98 2.76 -7.38 9.62
N ALA A 99 2.90 -8.62 10.07
CA ALA A 99 2.84 -9.01 11.47
C ALA A 99 4.05 -8.51 12.26
N ALA A 1 9.71 8.13 12.63
CA ALA A 1 9.40 7.28 13.78
C ALA A 1 8.05 7.63 14.36
N LEU A 2 7.03 6.79 14.12
CA LEU A 2 5.70 6.64 14.73
C LEU A 2 4.84 7.85 15.14
N PHE A 3 5.32 9.08 15.06
CA PHE A 3 4.55 10.32 15.21
C PHE A 3 4.85 11.28 14.06
N SER A 4 6.03 11.20 13.44
CA SER A 4 6.48 12.08 12.37
C SER A 4 7.71 11.46 11.70
N GLY A 5 8.31 12.17 10.75
CA GLY A 5 9.54 11.82 10.05
C GLY A 5 9.31 11.84 8.56
N ASP A 6 9.09 10.67 7.97
CA ASP A 6 8.79 10.50 6.55
C ASP A 6 7.32 10.85 6.39
N ILE A 7 6.46 9.97 6.87
CA ILE A 7 5.02 10.01 6.66
C ILE A 7 4.33 10.79 7.79
N ALA A 8 4.82 12.00 8.01
CA ALA A 8 4.33 12.97 8.99
C ALA A 8 2.95 13.54 8.64
N ASN A 9 2.33 13.03 7.57
CA ASN A 9 0.99 13.33 7.13
C ASN A 9 0.14 12.06 7.19
N LEU A 10 0.77 10.89 7.31
CA LEU A 10 0.09 9.60 7.26
C LEU A 10 0.89 8.57 8.06
N THR A 11 0.88 8.72 9.38
CA THR A 11 1.54 7.85 10.34
C THR A 11 0.68 6.59 10.54
N ALA A 12 1.13 5.64 11.34
CA ALA A 12 0.45 4.35 11.56
C ALA A 12 -0.97 4.52 12.08
N ALA A 13 -1.15 5.31 13.13
CA ALA A 13 -2.49 5.54 13.65
C ALA A 13 -3.33 6.34 12.64
N GLU A 14 -2.65 7.18 11.85
CA GLU A 14 -3.21 8.08 10.86
C GLU A 14 -3.67 7.30 9.63
N ILE A 15 -2.98 6.21 9.31
CA ILE A 15 -3.27 5.29 8.23
C ILE A 15 -4.43 4.45 8.70
N GLU A 16 -4.32 3.78 9.83
CA GLU A 16 -5.43 2.96 10.32
C GLU A 16 -6.75 3.73 10.38
N GLN A 17 -6.74 4.92 11.00
CA GLN A 17 -7.93 5.74 11.16
C GLN A 17 -8.25 6.39 9.82
N GLY A 18 -7.22 6.75 9.05
CA GLY A 18 -7.33 7.40 7.77
C GLY A 18 -8.14 6.54 6.84
N PHE A 19 -7.88 5.23 6.90
CA PHE A 19 -8.33 4.31 5.87
C PHE A 19 -9.34 3.33 6.44
N LYS A 20 -9.87 3.66 7.62
CA LYS A 20 -10.82 2.89 8.41
C LYS A 20 -12.11 2.47 7.70
N ASP A 21 -12.37 3.06 6.54
CA ASP A 21 -13.52 2.91 5.68
C ASP A 21 -13.24 2.02 4.46
N VAL A 22 -12.01 1.54 4.28
CA VAL A 22 -11.64 0.55 3.28
C VAL A 22 -11.05 -0.67 4.03
N PRO A 23 -10.79 -1.83 3.39
CA PRO A 23 -10.27 -2.98 4.12
C PRO A 23 -8.75 -2.88 4.22
N SER A 24 -8.20 -3.80 4.98
CA SER A 24 -6.78 -3.94 5.23
C SER A 24 -6.36 -5.38 4.95
N PHE A 25 -5.08 -5.63 4.68
CA PHE A 25 -4.55 -6.96 4.53
C PHE A 25 -3.25 -7.04 5.31
N VAL A 26 -2.90 -8.24 5.75
CA VAL A 26 -1.68 -8.55 6.45
C VAL A 26 -1.03 -9.72 5.74
N HIS A 27 0.27 -9.64 5.45
CA HIS A 27 1.04 -10.82 5.06
C HIS A 27 2.24 -11.09 5.96
N GLU A 28 2.85 -12.23 5.73
CA GLU A 28 3.82 -12.92 6.58
C GLU A 28 5.24 -12.34 6.46
N GLY A 29 5.37 -11.00 6.33
CA GLY A 29 6.65 -10.31 6.20
C GLY A 29 7.47 -10.75 4.99
N GLY A 30 8.71 -10.27 4.91
CA GLY A 30 9.57 -10.35 3.74
C GLY A 30 9.09 -9.29 2.75
N ASP A 31 10.02 -8.56 2.12
CA ASP A 31 9.62 -7.60 1.08
C ASP A 31 9.01 -8.36 -0.10
N VAL A 32 7.91 -7.83 -0.63
CA VAL A 32 6.99 -8.55 -1.51
C VAL A 32 6.47 -7.54 -2.51
N PRO A 33 6.35 -7.92 -3.79
CA PRO A 33 6.06 -6.99 -4.85
C PRO A 33 4.63 -6.49 -4.76
N LEU A 34 4.45 -5.22 -5.13
CA LEU A 34 3.16 -4.57 -5.16
C LEU A 34 2.08 -5.43 -5.86
N VAL A 35 2.46 -6.15 -6.91
CA VAL A 35 1.59 -7.01 -7.73
C VAL A 35 1.28 -8.38 -7.11
N GLU A 36 2.02 -8.83 -6.10
CA GLU A 36 1.54 -9.94 -5.29
C GLU A 36 0.69 -9.40 -4.15
N LEU A 37 1.09 -8.32 -3.46
CA LEU A 37 0.43 -7.96 -2.22
C LEU A 37 -0.88 -7.28 -2.53
N LEU A 38 -1.13 -6.77 -3.75
CA LEU A 38 -2.45 -6.29 -4.05
C LEU A 38 -3.40 -7.49 -4.27
N VAL A 39 -2.87 -8.57 -4.84
CA VAL A 39 -3.61 -9.72 -5.33
C VAL A 39 -4.09 -10.47 -4.11
N SER A 40 -3.14 -10.70 -3.21
CA SER A 40 -3.27 -11.19 -1.88
C SER A 40 -4.13 -10.25 -1.04
N ALA A 41 -3.98 -8.92 -1.16
CA ALA A 41 -4.85 -8.03 -0.40
C ALA A 41 -6.25 -7.87 -1.00
N GLY A 42 -6.49 -8.34 -2.23
CA GLY A 42 -7.83 -8.40 -2.81
C GLY A 42 -8.22 -7.11 -3.53
N ILE A 43 -7.21 -6.33 -3.90
CA ILE A 43 -7.34 -5.04 -4.55
C ILE A 43 -7.67 -5.31 -6.03
N SER A 44 -7.04 -6.32 -6.64
CA SER A 44 -7.41 -6.86 -7.95
C SER A 44 -6.77 -8.24 -7.99
N PRO A 45 -7.53 -9.33 -7.96
CA PRO A 45 -6.97 -10.67 -7.89
C PRO A 45 -6.57 -11.21 -9.26
N SER A 46 -7.04 -10.55 -10.31
CA SER A 46 -7.04 -11.09 -11.64
C SER A 46 -5.72 -10.67 -12.26
N LYS A 47 -4.71 -11.55 -12.34
CA LYS A 47 -3.30 -11.20 -12.59
C LYS A 47 -3.02 -10.11 -13.65
N ARG A 48 -3.76 -10.04 -14.75
CA ARG A 48 -3.65 -8.92 -15.71
C ARG A 48 -4.13 -7.62 -15.05
N GLN A 49 -5.34 -7.63 -14.49
CA GLN A 49 -5.91 -6.48 -13.83
C GLN A 49 -5.03 -6.07 -12.69
N ALA A 50 -4.52 -7.04 -11.93
CA ALA A 50 -3.59 -6.81 -10.86
C ALA A 50 -2.42 -5.97 -11.34
N ARG A 51 -1.75 -6.44 -12.39
CA ARG A 51 -0.64 -5.73 -12.98
C ARG A 51 -1.00 -4.33 -13.38
N GLU A 52 -2.16 -4.08 -13.97
CA GLU A 52 -2.47 -2.72 -14.40
C GLU A 52 -2.95 -1.86 -13.25
N ASP A 53 -3.66 -2.45 -12.29
CA ASP A 53 -4.01 -1.77 -11.08
C ASP A 53 -2.72 -1.36 -10.40
N ILE A 54 -1.61 -2.07 -10.57
CA ILE A 54 -0.32 -1.67 -10.04
C ILE A 54 0.33 -0.66 -10.95
N GLN A 55 0.46 -0.94 -12.25
CA GLN A 55 1.20 -0.15 -13.21
C GLN A 55 0.51 1.18 -13.48
N ASN A 56 -0.70 1.40 -12.96
CA ASN A 56 -1.31 2.70 -13.03
C ASN A 56 -0.82 3.67 -12.00
N GLY A 57 -0.53 4.89 -12.43
CA GLY A 57 -0.37 6.04 -11.55
C GLY A 57 -1.61 6.40 -10.74
N ALA A 58 -2.68 5.59 -10.78
CA ALA A 58 -3.84 5.71 -9.92
C ALA A 58 -3.61 5.01 -8.58
N ILE A 59 -2.61 4.15 -8.42
CA ILE A 59 -2.21 3.63 -7.13
C ILE A 59 -1.08 4.53 -6.63
N TYR A 60 -1.53 5.51 -5.87
CA TYR A 60 -0.73 6.36 -5.05
C TYR A 60 -0.39 5.56 -3.80
N VAL A 61 0.85 5.12 -3.62
CA VAL A 61 1.25 4.46 -2.38
C VAL A 61 1.70 5.53 -1.42
N ASN A 62 1.09 5.55 -0.24
CA ASN A 62 1.34 6.54 0.79
C ASN A 62 1.32 7.94 0.18
N GLY A 63 0.20 8.23 -0.44
CA GLY A 63 -0.11 9.50 -1.09
C GLY A 63 0.69 9.77 -2.36
N GLU A 64 1.51 8.84 -2.87
CA GLU A 64 2.48 9.13 -3.92
C GLU A 64 2.37 8.09 -5.03
N ARG A 65 2.10 8.52 -6.26
CA ARG A 65 1.90 7.69 -7.45
C ARG A 65 3.08 6.76 -7.66
N LEU A 66 2.96 5.48 -7.28
CA LEU A 66 4.08 4.56 -7.24
C LEU A 66 3.55 3.25 -7.79
N GLN A 67 3.97 2.90 -9.01
CA GLN A 67 3.38 1.90 -9.88
C GLN A 67 4.45 1.02 -10.55
N ASP A 68 5.52 0.67 -9.83
CA ASP A 68 6.55 -0.28 -10.25
C ASP A 68 7.02 -1.11 -9.05
N VAL A 69 7.62 -2.27 -9.29
CA VAL A 69 8.17 -3.14 -8.24
C VAL A 69 9.41 -2.52 -7.58
N GLY A 70 10.19 -1.77 -8.35
CA GLY A 70 11.25 -0.93 -7.81
C GLY A 70 10.73 0.34 -7.17
N ALA A 71 9.43 0.63 -7.31
CA ALA A 71 8.77 1.70 -6.59
C ALA A 71 8.38 1.20 -5.21
N ILE A 72 7.61 0.11 -5.03
CA ILE A 72 7.26 -0.42 -3.71
C ILE A 72 7.32 -1.94 -3.69
N LEU A 73 7.73 -2.47 -2.53
CA LEU A 73 7.55 -3.84 -2.15
C LEU A 73 6.61 -3.77 -0.94
N THR A 74 7.11 -3.82 0.29
CA THR A 74 6.29 -3.88 1.49
C THR A 74 6.06 -2.53 2.16
N ALA A 75 5.36 -2.55 3.30
CA ALA A 75 5.17 -1.39 4.15
C ALA A 75 6.48 -0.73 4.56
N GLU A 76 7.43 -1.54 5.04
CA GLU A 76 8.79 -1.12 5.39
C GLU A 76 9.57 -0.56 4.20
N HIS A 77 9.13 -0.89 2.98
CA HIS A 77 9.77 -0.39 1.78
C HIS A 77 9.20 0.98 1.45
N ARG A 78 8.03 1.38 1.96
CA ARG A 78 7.49 2.70 1.71
C ARG A 78 7.88 3.59 2.89
N LEU A 79 7.25 3.47 4.06
CA LEU A 79 7.62 4.14 5.28
C LEU A 79 8.58 3.29 6.10
N GLU A 80 9.14 3.93 7.14
CA GLU A 80 10.03 3.41 8.18
C GLU A 80 9.96 1.90 8.44
N GLY A 81 8.77 1.36 8.67
CA GLY A 81 8.55 0.01 9.15
C GLY A 81 7.21 -0.07 9.87
N ARG A 82 6.11 0.30 9.21
CA ARG A 82 4.78 0.13 9.82
C ARG A 82 3.78 -0.44 8.84
N PHE A 83 3.10 0.42 8.08
CA PHE A 83 1.95 0.08 7.25
C PHE A 83 2.19 0.66 5.87
N THR A 84 1.19 0.64 5.00
CA THR A 84 1.21 1.43 3.78
C THR A 84 -0.21 1.66 3.29
N VAL A 85 -0.52 2.89 2.89
CA VAL A 85 -1.76 3.19 2.16
C VAL A 85 -1.55 2.79 0.70
N ILE A 86 -2.57 2.19 0.12
CA ILE A 86 -2.70 1.91 -1.29
C ILE A 86 -3.84 2.77 -1.78
N ARG A 87 -3.53 3.95 -2.27
CA ARG A 87 -4.52 4.99 -2.48
C ARG A 87 -4.88 4.90 -3.95
N ARG A 88 -5.66 3.87 -4.30
CA ARG A 88 -6.02 3.37 -5.61
C ARG A 88 -7.28 4.09 -6.11
N GLY A 89 -7.14 5.01 -7.06
CA GLY A 89 -8.26 5.75 -7.65
C GLY A 89 -9.43 4.87 -8.13
N LYS A 90 -9.16 3.64 -8.57
CA LYS A 90 -10.16 2.63 -8.99
C LYS A 90 -11.22 2.32 -7.92
N LYS A 91 -10.95 2.55 -6.63
CA LYS A 91 -11.94 2.44 -5.55
C LYS A 91 -11.48 3.44 -4.51
N LYS A 92 -10.65 3.02 -3.58
CA LYS A 92 -10.23 3.87 -2.50
C LYS A 92 -8.85 3.45 -2.01
N TYR A 93 -8.68 3.57 -0.71
CA TYR A 93 -7.41 3.60 -0.07
C TYR A 93 -7.28 2.39 0.83
N TYR A 94 -6.82 1.29 0.25
CA TYR A 94 -6.72 0.05 0.96
C TYR A 94 -5.47 0.13 1.83
N LEU A 95 -5.38 -0.74 2.82
CA LEU A 95 -4.34 -0.69 3.84
C LEU A 95 -3.55 -1.99 3.75
N ILE A 96 -2.23 -1.89 3.79
CA ILE A 96 -1.32 -3.03 3.70
C ILE A 96 -0.45 -3.02 4.94
N ARG A 97 -0.38 -4.16 5.62
CA ARG A 97 0.51 -4.43 6.73
C ARG A 97 1.13 -5.83 6.61
N TYR A 98 2.04 -6.13 7.53
CA TYR A 98 2.62 -7.43 7.73
C TYR A 98 2.32 -7.91 9.14
N ALA A 99 2.55 -9.21 9.34
CA ALA A 99 2.18 -10.04 10.48
C ALA A 99 3.02 -9.68 11.71
N ALA A 1 -0.12 10.59 20.33
CA ALA A 1 1.07 9.91 19.79
C ALA A 1 1.16 10.11 18.28
N LEU A 2 1.99 11.06 17.86
CA LEU A 2 2.57 11.18 16.52
C LEU A 2 3.95 11.83 16.66
N PHE A 3 4.72 11.88 15.57
CA PHE A 3 5.94 12.65 15.50
C PHE A 3 5.98 13.32 14.13
N SER A 4 6.67 12.74 13.15
CA SER A 4 6.74 13.25 11.80
C SER A 4 7.11 12.04 10.91
N GLY A 5 8.31 12.01 10.32
CA GLY A 5 8.85 10.87 9.60
C GLY A 5 8.73 11.06 8.10
N ASP A 6 8.88 9.99 7.34
CA ASP A 6 8.76 10.07 5.87
C ASP A 6 7.29 10.12 5.52
N ILE A 7 6.49 9.37 6.26
CA ILE A 7 5.06 9.49 6.28
C ILE A 7 4.58 10.46 7.35
N ALA A 8 5.13 11.66 7.34
CA ALA A 8 4.71 12.75 8.22
C ALA A 8 3.26 13.18 8.01
N ASN A 9 2.61 12.70 6.95
CA ASN A 9 1.22 12.88 6.66
C ASN A 9 0.39 11.69 7.09
N LEU A 10 1.03 10.52 7.25
CA LEU A 10 0.31 9.26 7.34
C LEU A 10 1.12 8.20 8.10
N THR A 11 1.20 8.35 9.42
CA THR A 11 1.80 7.40 10.34
C THR A 11 0.83 6.25 10.63
N ALA A 12 1.21 5.30 11.48
CA ALA A 12 0.46 4.05 11.67
C ALA A 12 -0.91 4.32 12.26
N ALA A 13 -0.96 5.07 13.35
CA ALA A 13 -2.24 5.46 13.94
C ALA A 13 -3.04 6.30 12.94
N GLU A 14 -2.33 7.13 12.17
CA GLU A 14 -2.94 8.08 11.26
C GLU A 14 -3.52 7.33 10.07
N ILE A 15 -2.87 6.25 9.63
CA ILE A 15 -3.27 5.38 8.55
C ILE A 15 -4.45 4.57 9.01
N GLU A 16 -4.34 3.89 10.15
CA GLU A 16 -5.44 3.06 10.61
C GLU A 16 -6.74 3.85 10.75
N GLN A 17 -6.69 5.04 11.38
CA GLN A 17 -7.88 5.86 11.56
C GLN A 17 -8.18 6.64 10.29
N GLY A 18 -7.17 6.84 9.44
CA GLY A 18 -7.25 7.60 8.21
C GLY A 18 -7.86 6.78 7.08
N PHE A 19 -7.74 5.46 7.17
CA PHE A 19 -8.14 4.55 6.12
C PHE A 19 -9.03 3.44 6.67
N LYS A 20 -9.58 3.66 7.86
CA LYS A 20 -10.63 2.86 8.51
C LYS A 20 -11.86 2.66 7.61
N ASP A 21 -11.96 3.45 6.54
CA ASP A 21 -13.04 3.52 5.57
C ASP A 21 -12.99 2.37 4.56
N VAL A 22 -11.84 1.72 4.41
CA VAL A 22 -11.64 0.56 3.55
C VAL A 22 -11.05 -0.55 4.43
N PRO A 23 -11.09 -1.83 4.04
CA PRO A 23 -10.51 -2.88 4.85
C PRO A 23 -8.99 -2.84 4.70
N SER A 24 -8.35 -3.64 5.52
CA SER A 24 -6.92 -3.82 5.56
C SER A 24 -6.60 -5.29 5.30
N PHE A 25 -5.34 -5.61 5.05
CA PHE A 25 -4.87 -6.98 4.95
C PHE A 25 -3.52 -7.04 5.63
N VAL A 26 -3.07 -8.26 5.91
CA VAL A 26 -1.81 -8.54 6.55
C VAL A 26 -1.22 -9.74 5.85
N HIS A 27 0.08 -9.72 5.53
CA HIS A 27 0.78 -10.95 5.20
C HIS A 27 1.86 -11.23 6.23
N GLU A 28 2.60 -12.31 6.03
CA GLU A 28 3.56 -12.82 7.01
C GLU A 28 4.96 -12.30 6.68
N GLY A 29 5.15 -10.99 6.81
CA GLY A 29 6.44 -10.34 6.61
C GLY A 29 6.95 -10.56 5.18
N GLY A 30 8.26 -10.44 4.99
CA GLY A 30 8.99 -10.86 3.80
C GLY A 30 8.71 -9.95 2.61
N ASP A 31 9.68 -9.13 2.20
CA ASP A 31 9.52 -8.14 1.14
C ASP A 31 8.86 -8.72 -0.09
N VAL A 32 7.95 -7.96 -0.73
CA VAL A 32 7.02 -8.55 -1.67
C VAL A 32 6.66 -7.53 -2.74
N PRO A 33 6.61 -7.92 -4.02
CA PRO A 33 6.19 -7.05 -5.09
C PRO A 33 4.84 -6.40 -4.82
N LEU A 34 4.68 -5.14 -5.26
CA LEU A 34 3.36 -4.53 -5.20
C LEU A 34 2.27 -5.34 -5.92
N VAL A 35 2.61 -6.15 -6.93
CA VAL A 35 1.71 -7.17 -7.48
C VAL A 35 1.26 -8.13 -6.41
N GLU A 36 2.18 -8.78 -5.71
CA GLU A 36 1.79 -9.81 -4.78
C GLU A 36 0.99 -9.18 -3.65
N LEU A 37 1.38 -8.02 -3.11
CA LEU A 37 0.69 -7.49 -1.95
C LEU A 37 -0.67 -6.97 -2.37
N LEU A 38 -0.85 -6.48 -3.60
CA LEU A 38 -2.10 -5.85 -3.95
C LEU A 38 -3.07 -6.91 -4.44
N VAL A 39 -2.58 -8.01 -5.01
CA VAL A 39 -3.39 -9.17 -5.33
C VAL A 39 -3.79 -9.84 -4.00
N SER A 40 -2.83 -10.08 -3.12
CA SER A 40 -3.00 -10.71 -1.83
C SER A 40 -3.95 -9.86 -0.99
N ALA A 41 -3.75 -8.53 -0.97
CA ALA A 41 -4.62 -7.68 -0.16
C ALA A 41 -5.96 -7.42 -0.84
N GLY A 42 -6.10 -7.68 -2.14
CA GLY A 42 -7.41 -7.79 -2.78
C GLY A 42 -7.80 -6.49 -3.45
N ILE A 43 -6.79 -5.74 -3.85
CA ILE A 43 -6.89 -4.49 -4.57
C ILE A 43 -7.19 -4.94 -6.00
N SER A 44 -6.47 -5.94 -6.55
CA SER A 44 -6.93 -6.61 -7.74
C SER A 44 -6.41 -8.04 -7.71
N PRO A 45 -7.23 -9.05 -7.38
CA PRO A 45 -6.74 -10.42 -7.27
C PRO A 45 -6.49 -11.09 -8.62
N SER A 46 -7.03 -10.54 -9.70
CA SER A 46 -6.92 -11.09 -11.03
C SER A 46 -5.68 -10.47 -11.64
N LYS A 47 -4.59 -11.22 -11.82
CA LYS A 47 -3.27 -10.66 -12.13
C LYS A 47 -3.21 -9.77 -13.38
N ARG A 48 -4.16 -9.83 -14.32
CA ARG A 48 -4.25 -8.82 -15.38
C ARG A 48 -4.75 -7.49 -14.82
N GLN A 49 -5.90 -7.51 -14.14
CA GLN A 49 -6.42 -6.32 -13.45
C GLN A 49 -5.31 -5.81 -12.56
N ALA A 50 -4.67 -6.68 -11.78
CA ALA A 50 -3.56 -6.32 -10.92
C ALA A 50 -2.49 -5.56 -11.68
N ARG A 51 -1.96 -6.13 -12.76
CA ARG A 51 -0.88 -5.45 -13.46
C ARG A 51 -1.33 -4.12 -14.04
N GLU A 52 -2.60 -3.89 -14.38
CA GLU A 52 -3.02 -2.50 -14.59
C GLU A 52 -3.04 -1.74 -13.29
N ASP A 53 -3.69 -2.28 -12.28
CA ASP A 53 -3.90 -1.63 -11.00
C ASP A 53 -2.61 -1.30 -10.29
N ILE A 54 -1.50 -1.80 -10.82
CA ILE A 54 -0.17 -1.39 -10.55
C ILE A 54 0.27 -0.41 -11.61
N GLN A 55 0.44 -0.81 -12.88
CA GLN A 55 1.11 0.00 -13.88
C GLN A 55 0.38 1.32 -14.16
N ASN A 56 -0.84 1.52 -13.64
CA ASN A 56 -1.48 2.81 -13.64
C ASN A 56 -0.99 3.65 -12.50
N GLY A 57 -0.51 4.86 -12.80
CA GLY A 57 -0.22 5.88 -11.81
C GLY A 57 -1.43 6.38 -11.04
N ALA A 58 -2.58 5.73 -11.17
CA ALA A 58 -3.69 5.90 -10.28
C ALA A 58 -3.52 5.09 -8.99
N ILE A 59 -2.51 4.21 -8.82
CA ILE A 59 -2.12 3.61 -7.55
C ILE A 59 -1.05 4.51 -6.92
N TYR A 60 -1.59 5.44 -6.14
CA TYR A 60 -0.90 6.35 -5.26
C TYR A 60 -0.57 5.58 -3.97
N VAL A 61 0.64 5.06 -3.86
CA VAL A 61 1.09 4.40 -2.64
C VAL A 61 1.47 5.50 -1.66
N ASN A 62 0.91 5.46 -0.46
CA ASN A 62 1.06 6.54 0.53
C ASN A 62 0.49 7.87 0.02
N GLY A 63 -0.24 7.87 -1.09
CA GLY A 63 -0.66 9.08 -1.77
C GLY A 63 0.37 9.56 -2.79
N GLU A 64 1.30 8.70 -3.23
CA GLU A 64 2.31 9.02 -4.22
C GLU A 64 2.19 8.01 -5.35
N ARG A 65 1.85 8.48 -6.54
CA ARG A 65 1.71 7.70 -7.77
C ARG A 65 2.99 6.90 -7.94
N LEU A 66 2.98 5.60 -7.69
CA LEU A 66 4.20 4.83 -7.67
C LEU A 66 3.85 3.46 -8.22
N GLN A 67 3.61 3.44 -9.53
CA GLN A 67 3.10 2.30 -10.28
C GLN A 67 4.20 1.27 -10.55
N ASP A 68 5.11 0.99 -9.60
CA ASP A 68 6.36 0.28 -9.85
C ASP A 68 6.89 -0.56 -8.68
N VAL A 69 7.64 -1.61 -9.03
CA VAL A 69 8.25 -2.59 -8.12
C VAL A 69 9.61 -2.13 -7.62
N GLY A 70 10.32 -1.35 -8.42
CA GLY A 70 11.45 -0.60 -7.93
C GLY A 70 11.02 0.39 -6.85
N ALA A 71 9.82 0.93 -7.04
CA ALA A 71 9.26 1.93 -6.14
C ALA A 71 8.86 1.28 -4.82
N ILE A 72 7.99 0.25 -4.80
CA ILE A 72 7.57 -0.36 -3.54
C ILE A 72 7.56 -1.89 -3.61
N LEU A 73 8.01 -2.50 -2.51
CA LEU A 73 7.81 -3.88 -2.18
C LEU A 73 6.89 -3.81 -0.95
N THR A 74 7.41 -3.78 0.27
CA THR A 74 6.62 -3.91 1.51
C THR A 74 6.57 -2.62 2.35
N ALA A 75 5.96 -2.68 3.54
CA ALA A 75 5.79 -1.54 4.42
C ALA A 75 7.10 -0.87 4.81
N GLU A 76 8.16 -1.61 5.14
CA GLU A 76 9.46 -1.01 5.45
C GLU A 76 10.24 -0.69 4.18
N HIS A 77 9.69 -0.97 3.00
CA HIS A 77 10.15 -0.44 1.73
C HIS A 77 9.42 0.89 1.42
N ARG A 78 8.46 1.34 2.24
CA ARG A 78 7.80 2.63 2.01
C ARG A 78 7.89 3.52 3.24
N LEU A 79 7.29 3.14 4.36
CA LEU A 79 7.28 3.90 5.59
C LEU A 79 8.48 3.49 6.45
N GLU A 80 8.48 3.95 7.70
CA GLU A 80 9.37 3.50 8.76
C GLU A 80 9.34 1.98 8.97
N GLY A 81 8.30 1.30 8.47
CA GLY A 81 8.06 -0.12 8.55
C GLY A 81 6.93 -0.46 9.49
N ARG A 82 5.68 -0.24 9.07
CA ARG A 82 4.51 -0.57 9.89
C ARG A 82 3.33 -1.06 9.03
N PHE A 83 2.84 -0.20 8.12
CA PHE A 83 1.68 -0.41 7.25
C PHE A 83 2.05 0.09 5.85
N THR A 84 1.10 0.24 4.92
CA THR A 84 1.21 0.99 3.68
C THR A 84 -0.22 1.28 3.21
N VAL A 85 -0.52 2.53 2.85
CA VAL A 85 -1.74 2.96 2.16
C VAL A 85 -1.53 2.72 0.66
N ILE A 86 -2.56 2.24 -0.03
CA ILE A 86 -2.58 1.96 -1.46
C ILE A 86 -3.84 2.60 -2.01
N ARG A 87 -3.73 3.76 -2.65
CA ARG A 87 -4.91 4.47 -3.15
C ARG A 87 -5.00 4.18 -4.64
N ARG A 88 -5.78 3.20 -5.09
CA ARG A 88 -6.05 2.98 -6.50
C ARG A 88 -7.25 3.85 -6.86
N GLY A 89 -7.10 4.76 -7.81
CA GLY A 89 -8.22 5.41 -8.48
C GLY A 89 -8.89 4.38 -9.38
N LYS A 90 -9.98 3.79 -8.91
CA LYS A 90 -10.75 2.58 -9.27
C LYS A 90 -10.93 1.88 -7.94
N LYS A 91 -12.17 1.78 -7.45
CA LYS A 91 -12.50 1.45 -6.06
C LYS A 91 -11.77 2.44 -5.14
N LYS A 92 -11.00 2.00 -4.13
CA LYS A 92 -10.59 2.90 -3.05
C LYS A 92 -9.12 2.70 -2.61
N TYR A 93 -8.90 2.83 -1.31
CA TYR A 93 -7.62 3.02 -0.68
C TYR A 93 -7.35 1.90 0.31
N TYR A 94 -6.89 0.76 -0.18
CA TYR A 94 -6.73 -0.39 0.66
C TYR A 94 -5.45 -0.22 1.46
N LEU A 95 -5.32 -1.03 2.50
CA LEU A 95 -4.35 -0.82 3.56
C LEU A 95 -3.69 -2.16 3.82
N ILE A 96 -2.37 -2.17 3.83
CA ILE A 96 -1.57 -3.38 3.88
C ILE A 96 -0.64 -3.27 5.07
N ARG A 97 -0.52 -4.34 5.85
CA ARG A 97 0.50 -4.55 6.84
C ARG A 97 1.14 -5.94 6.72
N TYR A 98 2.12 -6.19 7.59
CA TYR A 98 2.63 -7.50 7.88
C TYR A 98 2.35 -7.84 9.35
N ALA A 99 2.42 -9.13 9.66
CA ALA A 99 2.41 -9.68 11.01
C ALA A 99 3.65 -9.20 11.77
N ALA A 1 5.10 7.59 18.89
CA ALA A 1 4.54 6.82 17.78
C ALA A 1 5.63 5.89 17.27
N LEU A 2 6.17 6.12 16.08
CA LEU A 2 7.50 5.66 15.68
C LEU A 2 8.14 6.80 14.89
N PHE A 3 9.46 6.74 14.71
CA PHE A 3 10.31 7.71 14.04
C PHE A 3 10.10 7.70 12.52
N SER A 4 8.90 8.04 12.07
CA SER A 4 8.48 8.15 10.68
C SER A 4 9.49 8.92 9.83
N GLY A 5 10.27 8.20 9.02
CA GLY A 5 11.33 8.77 8.20
C GLY A 5 10.72 9.63 7.10
N ASP A 6 10.19 8.98 6.06
CA ASP A 6 9.66 9.63 4.87
C ASP A 6 8.28 10.17 5.15
N ILE A 7 7.40 9.27 5.55
CA ILE A 7 5.98 9.52 5.62
C ILE A 7 5.61 10.16 6.96
N ALA A 8 6.30 11.23 7.30
CA ALA A 8 6.23 11.88 8.60
C ALA A 8 4.89 12.55 8.90
N ASN A 9 3.99 12.60 7.91
CA ASN A 9 2.59 12.91 8.08
C ASN A 9 1.84 11.69 8.59
N LEU A 10 2.22 10.52 8.09
CA LEU A 10 1.51 9.25 8.29
C LEU A 10 1.95 8.64 9.62
N THR A 11 1.32 9.03 10.70
CA THR A 11 1.44 8.36 11.98
C THR A 11 0.57 7.10 11.95
N ALA A 12 0.74 6.20 12.91
CA ALA A 12 0.04 4.91 12.98
C ALA A 12 -1.44 5.07 13.32
N ALA A 13 -1.77 6.00 14.21
CA ALA A 13 -3.15 6.38 14.45
C ALA A 13 -3.73 7.08 13.22
N GLU A 14 -2.88 7.79 12.48
CA GLU A 14 -3.29 8.58 11.34
C GLU A 14 -3.53 7.66 10.15
N ILE A 15 -2.77 6.58 10.04
CA ILE A 15 -3.00 5.46 9.17
C ILE A 15 -4.29 4.78 9.60
N GLU A 16 -4.43 4.34 10.84
CA GLU A 16 -5.68 3.67 11.27
C GLU A 16 -6.94 4.49 10.98
N GLN A 17 -6.99 5.77 11.39
CA GLN A 17 -8.18 6.60 11.22
C GLN A 17 -8.20 7.29 9.87
N GLY A 18 -7.08 7.27 9.15
CA GLY A 18 -7.00 7.57 7.75
C GLY A 18 -7.78 6.52 6.99
N PHE A 19 -7.59 5.26 7.38
CA PHE A 19 -7.98 4.13 6.56
C PHE A 19 -9.19 3.39 7.06
N LYS A 20 -9.80 3.84 8.16
CA LYS A 20 -11.08 3.37 8.70
C LYS A 20 -12.23 3.25 7.69
N ASP A 21 -12.07 3.81 6.50
CA ASP A 21 -13.06 3.85 5.43
C ASP A 21 -13.15 2.53 4.65
N VAL A 22 -12.19 1.61 4.81
CA VAL A 22 -12.08 0.32 4.13
C VAL A 22 -11.15 -0.60 4.95
N PRO A 23 -11.18 -1.93 4.77
CA PRO A 23 -10.37 -2.83 5.59
C PRO A 23 -8.92 -2.92 5.07
N SER A 24 -8.13 -3.71 5.78
CA SER A 24 -6.69 -3.90 5.56
C SER A 24 -6.42 -5.31 5.06
N PHE A 25 -5.15 -5.62 4.80
CA PHE A 25 -4.63 -6.97 4.63
C PHE A 25 -3.30 -7.08 5.37
N VAL A 26 -2.88 -8.31 5.67
CA VAL A 26 -1.69 -8.65 6.40
C VAL A 26 -1.03 -9.85 5.73
N HIS A 27 0.27 -9.80 5.44
CA HIS A 27 1.05 -11.00 5.12
C HIS A 27 2.21 -11.22 6.08
N GLU A 28 3.11 -12.14 5.76
CA GLU A 28 4.08 -12.73 6.68
C GLU A 28 5.33 -11.90 6.96
N GLY A 29 5.43 -10.70 6.38
CA GLY A 29 6.64 -9.87 6.36
C GLY A 29 7.77 -10.52 5.56
N GLY A 30 8.88 -9.80 5.38
CA GLY A 30 9.89 -10.12 4.37
C GLY A 30 9.41 -9.61 3.01
N ASP A 31 10.26 -8.92 2.25
CA ASP A 31 9.83 -8.10 1.11
C ASP A 31 9.14 -8.88 -0.02
N VAL A 32 8.15 -8.23 -0.66
CA VAL A 32 7.15 -8.86 -1.54
C VAL A 32 6.59 -7.78 -2.42
N PRO A 33 6.37 -8.04 -3.72
CA PRO A 33 6.02 -6.99 -4.65
C PRO A 33 4.60 -6.50 -4.42
N LEU A 34 4.43 -5.20 -4.67
CA LEU A 34 3.12 -4.56 -4.68
C LEU A 34 2.10 -5.41 -5.49
N VAL A 35 2.51 -6.06 -6.59
CA VAL A 35 1.63 -6.83 -7.48
C VAL A 35 1.29 -8.24 -6.94
N GLU A 36 1.93 -8.72 -5.88
CA GLU A 36 1.43 -9.86 -5.13
C GLU A 36 0.63 -9.38 -3.94
N LEU A 37 1.04 -8.31 -3.25
CA LEU A 37 0.37 -7.96 -2.00
C LEU A 37 -0.92 -7.24 -2.32
N LEU A 38 -1.15 -6.70 -3.53
CA LEU A 38 -2.44 -6.17 -3.89
C LEU A 38 -3.39 -7.31 -4.27
N VAL A 39 -2.84 -8.43 -4.74
CA VAL A 39 -3.57 -9.58 -5.27
C VAL A 39 -4.08 -10.36 -4.07
N SER A 40 -3.21 -10.52 -3.08
CA SER A 40 -3.51 -11.08 -1.79
C SER A 40 -4.41 -10.10 -1.02
N ALA A 41 -4.14 -8.78 -1.07
CA ALA A 41 -4.97 -7.85 -0.30
C ALA A 41 -6.32 -7.56 -0.98
N GLY A 42 -6.46 -7.87 -2.27
CA GLY A 42 -7.75 -7.89 -2.95
C GLY A 42 -8.08 -6.54 -3.54
N ILE A 43 -7.04 -5.83 -3.99
CA ILE A 43 -7.11 -4.58 -4.73
C ILE A 43 -7.45 -5.02 -6.17
N SER A 44 -6.84 -6.10 -6.69
CA SER A 44 -7.29 -6.83 -7.88
C SER A 44 -6.62 -8.19 -7.83
N PRO A 45 -7.36 -9.31 -7.84
CA PRO A 45 -6.78 -10.65 -7.79
C PRO A 45 -6.37 -11.17 -9.17
N SER A 46 -6.83 -10.51 -10.21
CA SER A 46 -6.81 -11.02 -11.56
C SER A 46 -5.48 -10.59 -12.15
N LYS A 47 -4.46 -11.45 -12.24
CA LYS A 47 -3.07 -11.03 -12.47
C LYS A 47 -2.81 -9.99 -13.58
N ARG A 48 -3.49 -10.00 -14.74
CA ARG A 48 -3.38 -8.87 -15.68
C ARG A 48 -3.96 -7.60 -15.07
N GLN A 49 -5.17 -7.65 -14.49
CA GLN A 49 -5.75 -6.48 -13.85
C GLN A 49 -4.80 -5.99 -12.82
N ALA A 50 -4.33 -6.88 -11.94
CA ALA A 50 -3.40 -6.59 -10.87
C ALA A 50 -2.18 -5.83 -11.41
N ARG A 51 -1.52 -6.39 -12.42
CA ARG A 51 -0.37 -5.76 -13.06
C ARG A 51 -0.71 -4.35 -13.48
N GLU A 52 -1.82 -4.13 -14.17
CA GLU A 52 -2.09 -2.81 -14.71
C GLU A 52 -2.65 -1.86 -13.66
N ASP A 53 -3.29 -2.41 -12.63
CA ASP A 53 -3.73 -1.74 -11.43
C ASP A 53 -2.54 -1.31 -10.61
N ILE A 54 -1.36 -1.86 -10.89
CA ILE A 54 -0.09 -1.46 -10.35
C ILE A 54 0.85 -0.78 -11.33
N GLN A 55 0.64 -0.86 -12.64
CA GLN A 55 1.38 -0.09 -13.62
C GLN A 55 0.68 1.23 -13.94
N ASN A 56 -0.54 1.42 -13.45
CA ASN A 56 -1.23 2.68 -13.61
C ASN A 56 -0.82 3.63 -12.52
N GLY A 57 -0.57 4.88 -12.89
CA GLY A 57 -0.40 5.98 -11.98
C GLY A 57 -1.66 6.34 -11.17
N ALA A 58 -2.72 5.51 -11.21
CA ALA A 58 -3.89 5.64 -10.37
C ALA A 58 -3.69 5.02 -8.98
N ILE A 59 -2.61 4.29 -8.74
CA ILE A 59 -2.27 3.67 -7.44
C ILE A 59 -1.23 4.58 -6.77
N TYR A 60 -1.81 5.55 -6.08
CA TYR A 60 -1.16 6.51 -5.24
C TYR A 60 -0.86 5.82 -3.92
N VAL A 61 0.36 5.30 -3.80
CA VAL A 61 0.81 4.66 -2.58
C VAL A 61 1.18 5.79 -1.63
N ASN A 62 0.93 5.68 -0.33
CA ASN A 62 1.33 6.71 0.65
C ASN A 62 0.83 8.13 0.35
N GLY A 63 -0.14 8.20 -0.55
CA GLY A 63 -0.82 9.38 -1.07
C GLY A 63 -0.27 9.84 -2.43
N GLU A 64 0.57 9.05 -3.11
CA GLU A 64 1.40 9.50 -4.21
C GLU A 64 1.68 8.36 -5.20
N ARG A 65 1.49 8.61 -6.50
CA ARG A 65 1.53 7.68 -7.62
C ARG A 65 2.84 6.92 -7.61
N LEU A 66 2.83 5.62 -7.30
CA LEU A 66 4.06 4.83 -7.31
C LEU A 66 3.77 3.45 -7.91
N GLN A 67 3.53 3.44 -9.22
CA GLN A 67 3.12 2.30 -10.04
C GLN A 67 4.32 1.41 -10.45
N ASP A 68 5.18 0.99 -9.51
CA ASP A 68 6.34 0.16 -9.85
C ASP A 68 6.82 -0.77 -8.74
N VAL A 69 7.34 -1.95 -9.10
CA VAL A 69 8.07 -2.92 -8.25
C VAL A 69 9.41 -2.34 -7.78
N GLY A 70 10.02 -1.48 -8.58
CA GLY A 70 11.18 -0.69 -8.21
C GLY A 70 10.82 0.57 -7.43
N ALA A 71 9.53 0.82 -7.22
CA ALA A 71 9.04 1.77 -6.23
C ALA A 71 8.79 1.04 -4.92
N ILE A 72 7.90 0.04 -4.84
CA ILE A 72 7.50 -0.58 -3.58
C ILE A 72 7.45 -2.11 -3.65
N LEU A 73 7.94 -2.76 -2.58
CA LEU A 73 7.72 -4.15 -2.27
C LEU A 73 6.83 -4.09 -1.02
N THR A 74 7.38 -4.21 0.18
CA THR A 74 6.63 -4.24 1.42
C THR A 74 6.50 -2.88 2.09
N ALA A 75 6.01 -2.90 3.35
CA ALA A 75 5.89 -1.76 4.20
C ALA A 75 7.20 -1.06 4.47
N GLU A 76 8.25 -1.79 4.86
CA GLU A 76 9.57 -1.19 5.06
C GLU A 76 10.21 -0.77 3.75
N HIS A 77 9.68 -1.27 2.62
CA HIS A 77 10.08 -0.81 1.30
C HIS A 77 9.30 0.46 0.93
N ARG A 78 8.38 0.93 1.78
CA ARG A 78 7.81 2.25 1.65
C ARG A 78 8.23 3.04 2.88
N LEU A 79 7.46 2.93 3.94
CA LEU A 79 7.53 3.71 5.13
C LEU A 79 8.44 3.02 6.15
N GLU A 80 8.37 3.49 7.39
CA GLU A 80 9.10 3.08 8.59
C GLU A 80 9.08 1.58 8.92
N GLY A 81 8.44 0.76 8.09
CA GLY A 81 8.36 -0.67 8.23
C GLY A 81 7.21 -1.05 9.13
N ARG A 82 6.01 -0.57 8.73
CA ARG A 82 4.79 -1.01 9.38
C ARG A 82 3.73 -1.32 8.35
N PHE A 83 3.26 -0.33 7.59
CA PHE A 83 2.16 -0.50 6.65
C PHE A 83 2.63 -0.09 5.26
N THR A 84 1.76 -0.20 4.26
CA THR A 84 1.91 0.46 2.98
C THR A 84 0.48 0.82 2.61
N VAL A 85 0.33 2.04 2.12
CA VAL A 85 -0.91 2.77 1.99
C VAL A 85 -1.24 2.82 0.51
N ILE A 86 -2.47 2.51 0.07
CA ILE A 86 -2.80 2.33 -1.34
C ILE A 86 -4.07 3.06 -1.69
N ARG A 87 -4.04 4.18 -2.41
CA ARG A 87 -5.25 4.70 -3.04
C ARG A 87 -5.22 4.24 -4.49
N ARG A 88 -5.91 3.17 -4.88
CA ARG A 88 -6.17 2.91 -6.28
C ARG A 88 -7.43 3.66 -6.70
N GLY A 89 -7.26 4.65 -7.57
CA GLY A 89 -8.36 5.37 -8.19
C GLY A 89 -9.35 4.42 -8.90
N LYS A 90 -10.52 4.95 -9.26
CA LYS A 90 -11.72 4.20 -9.66
C LYS A 90 -12.28 3.33 -8.53
N LYS A 91 -11.51 2.40 -7.94
CA LYS A 91 -12.05 1.54 -6.87
C LYS A 91 -11.97 2.25 -5.53
N LYS A 92 -10.92 2.05 -4.72
CA LYS A 92 -10.84 2.56 -3.38
C LYS A 92 -9.38 2.55 -2.95
N TYR A 93 -9.24 2.99 -1.72
CA TYR A 93 -8.09 2.82 -0.93
C TYR A 93 -8.14 1.40 -0.39
N TYR A 94 -7.00 0.89 -0.01
CA TYR A 94 -6.75 -0.25 0.79
C TYR A 94 -5.50 -0.01 1.64
N LEU A 95 -5.39 -0.79 2.71
CA LEU A 95 -4.28 -0.78 3.66
C LEU A 95 -3.60 -2.13 3.62
N ILE A 96 -2.27 -2.11 3.65
CA ILE A 96 -1.44 -3.30 3.61
C ILE A 96 -0.59 -3.25 4.88
N ARG A 97 -0.43 -4.37 5.57
CA ARG A 97 0.60 -4.58 6.59
C ARG A 97 1.18 -5.98 6.44
N TYR A 98 2.08 -6.27 7.35
CA TYR A 98 2.56 -7.56 7.68
C TYR A 98 2.28 -7.83 9.16
N ALA A 99 2.31 -9.11 9.53
CA ALA A 99 1.94 -9.65 10.84
C ALA A 99 2.99 -9.34 11.91
N ALA A 1 5.82 8.03 10.10
CA ALA A 1 6.09 8.87 11.29
C ALA A 1 7.60 9.00 11.51
N LEU A 2 8.19 10.10 11.02
CA LEU A 2 9.62 10.39 11.09
C LEU A 2 9.74 11.92 11.20
N PHE A 3 10.81 12.53 10.69
CA PHE A 3 10.86 13.97 10.44
C PHE A 3 11.62 14.16 9.13
N SER A 4 10.90 14.38 8.03
CA SER A 4 11.42 14.25 6.67
C SER A 4 12.04 12.85 6.41
N GLY A 5 12.60 12.62 5.23
CA GLY A 5 13.11 11.32 4.82
C GLY A 5 11.96 10.40 4.45
N ASP A 6 11.41 9.66 5.42
CA ASP A 6 10.21 8.85 5.20
C ASP A 6 8.99 9.76 5.25
N ILE A 7 7.84 9.18 4.91
CA ILE A 7 6.48 9.65 5.15
C ILE A 7 6.30 9.93 6.64
N ALA A 8 6.53 11.18 7.05
CA ALA A 8 6.40 11.62 8.43
C ALA A 8 5.03 12.16 8.80
N ASN A 9 4.28 12.50 7.78
CA ASN A 9 2.93 13.01 7.77
C ASN A 9 1.98 11.85 8.00
N LEU A 10 2.27 10.73 7.36
CA LEU A 10 1.52 9.49 7.44
C LEU A 10 2.01 8.86 8.72
N THR A 11 1.18 9.01 9.73
CA THR A 11 1.34 8.44 11.04
C THR A 11 0.52 7.16 11.10
N ALA A 12 0.79 6.31 12.07
CA ALA A 12 0.24 4.95 12.16
C ALA A 12 -1.21 5.04 12.60
N ALA A 13 -1.48 5.89 13.60
CA ALA A 13 -2.85 6.13 14.02
C ALA A 13 -3.65 6.78 12.89
N GLU A 14 -3.00 7.64 12.09
CA GLU A 14 -3.66 8.37 11.04
C GLU A 14 -4.03 7.41 9.94
N ILE A 15 -3.13 6.49 9.59
CA ILE A 15 -3.36 5.47 8.59
C ILE A 15 -4.42 4.49 9.07
N GLU A 16 -4.28 3.91 10.27
CA GLU A 16 -5.26 2.94 10.72
C GLU A 16 -6.67 3.53 10.74
N GLN A 17 -6.81 4.74 11.28
CA GLN A 17 -8.12 5.37 11.37
C GLN A 17 -8.55 5.82 9.97
N GLY A 18 -7.58 6.25 9.17
CA GLY A 18 -7.74 6.83 7.86
C GLY A 18 -8.34 5.80 6.92
N PHE A 19 -7.88 4.55 7.07
CA PHE A 19 -8.19 3.49 6.13
C PHE A 19 -9.29 2.58 6.67
N LYS A 20 -9.88 2.94 7.82
CA LYS A 20 -10.93 2.20 8.50
C LYS A 20 -12.25 2.12 7.71
N ASP A 21 -12.33 2.75 6.56
CA ASP A 21 -13.44 2.64 5.63
C ASP A 21 -13.36 1.36 4.80
N VAL A 22 -12.21 0.69 4.75
CA VAL A 22 -12.02 -0.58 4.06
C VAL A 22 -11.28 -1.51 5.04
N PRO A 23 -11.17 -2.82 4.75
CA PRO A 23 -10.37 -3.70 5.56
C PRO A 23 -8.91 -3.56 5.11
N SER A 24 -8.05 -4.03 5.98
CA SER A 24 -6.61 -3.96 5.80
C SER A 24 -6.12 -5.38 5.59
N PHE A 25 -4.93 -5.60 5.06
CA PHE A 25 -4.38 -6.93 4.84
C PHE A 25 -3.14 -7.08 5.69
N VAL A 26 -2.78 -8.32 6.01
CA VAL A 26 -1.55 -8.66 6.69
C VAL A 26 -0.93 -9.84 5.96
N HIS A 27 0.34 -9.74 5.56
CA HIS A 27 1.06 -10.95 5.20
C HIS A 27 2.09 -11.25 6.28
N GLU A 28 2.15 -12.50 6.66
CA GLU A 28 3.18 -13.04 7.53
C GLU A 28 4.42 -13.27 6.67
N GLY A 29 4.94 -12.18 6.10
CA GLY A 29 6.10 -12.19 5.21
C GLY A 29 6.82 -10.85 5.23
N GLY A 30 7.99 -10.81 4.59
CA GLY A 30 8.74 -9.61 4.30
C GLY A 30 8.49 -9.17 2.87
N ASP A 31 9.49 -8.51 2.28
CA ASP A 31 9.37 -7.71 1.05
C ASP A 31 8.78 -8.48 -0.12
N VAL A 32 7.85 -7.83 -0.82
CA VAL A 32 6.94 -8.50 -1.75
C VAL A 32 6.43 -7.45 -2.72
N PRO A 33 6.24 -7.80 -4.00
CA PRO A 33 5.93 -6.84 -5.02
C PRO A 33 4.53 -6.26 -4.85
N LEU A 34 4.41 -4.99 -5.25
CA LEU A 34 3.15 -4.26 -5.39
C LEU A 34 2.00 -5.12 -5.98
N VAL A 35 2.28 -5.87 -7.03
CA VAL A 35 1.32 -6.67 -7.79
C VAL A 35 0.98 -8.01 -7.11
N GLU A 36 1.74 -8.41 -6.08
CA GLU A 36 1.34 -9.48 -5.19
C GLU A 36 0.57 -8.89 -4.01
N LEU A 37 1.03 -7.78 -3.41
CA LEU A 37 0.49 -7.32 -2.14
C LEU A 37 -0.91 -6.83 -2.40
N LEU A 38 -1.23 -6.29 -3.59
CA LEU A 38 -2.57 -5.84 -3.84
C LEU A 38 -3.51 -7.02 -4.06
N VAL A 39 -3.03 -8.08 -4.70
CA VAL A 39 -3.80 -9.23 -5.13
C VAL A 39 -4.16 -10.03 -3.90
N SER A 40 -3.15 -10.16 -3.05
CA SER A 40 -3.22 -10.78 -1.75
C SER A 40 -4.07 -9.90 -0.84
N ALA A 41 -3.93 -8.57 -0.93
CA ALA A 41 -4.69 -7.71 -0.02
C ALA A 41 -6.15 -7.54 -0.44
N GLY A 42 -6.48 -7.78 -1.71
CA GLY A 42 -7.88 -7.82 -2.15
C GLY A 42 -8.29 -6.63 -2.99
N ILE A 43 -7.32 -5.89 -3.51
CA ILE A 43 -7.50 -4.63 -4.18
C ILE A 43 -8.00 -4.99 -5.59
N SER A 44 -7.41 -6.00 -6.24
CA SER A 44 -7.74 -6.44 -7.59
C SER A 44 -7.20 -7.86 -7.72
N PRO A 45 -8.05 -8.89 -7.80
CA PRO A 45 -7.61 -10.28 -7.76
C PRO A 45 -7.11 -10.75 -9.11
N SER A 46 -7.50 -10.09 -10.20
CA SER A 46 -7.29 -10.64 -11.52
C SER A 46 -5.90 -10.20 -11.95
N LYS A 47 -4.96 -11.13 -12.17
CA LYS A 47 -3.55 -10.85 -12.44
C LYS A 47 -3.33 -9.78 -13.51
N ARG A 48 -4.15 -9.73 -14.57
CA ARG A 48 -4.06 -8.64 -15.54
C ARG A 48 -4.45 -7.30 -14.93
N GLN A 49 -5.63 -7.24 -14.29
CA GLN A 49 -6.11 -6.03 -13.66
C GLN A 49 -5.08 -5.58 -12.67
N ALA A 50 -4.71 -6.47 -11.77
CA ALA A 50 -3.72 -6.29 -10.74
C ALA A 50 -2.45 -5.67 -11.32
N ARG A 51 -1.88 -6.29 -12.36
CA ARG A 51 -0.72 -5.79 -13.06
C ARG A 51 -0.91 -4.34 -13.45
N GLU A 52 -2.03 -4.00 -14.07
CA GLU A 52 -2.20 -2.65 -14.58
C GLU A 52 -2.61 -1.67 -13.50
N ASP A 53 -3.35 -2.14 -12.50
CA ASP A 53 -3.68 -1.43 -11.30
C ASP A 53 -2.40 -1.11 -10.56
N ILE A 54 -1.31 -1.84 -10.82
CA ILE A 54 -0.01 -1.50 -10.33
C ILE A 54 0.76 -0.66 -11.30
N GLN A 55 0.74 -0.94 -12.60
CA GLN A 55 1.58 -0.25 -13.55
C GLN A 55 1.06 1.16 -13.82
N ASN A 56 -0.16 1.47 -13.35
CA ASN A 56 -0.75 2.76 -13.57
C ASN A 56 -0.34 3.81 -12.58
N GLY A 57 -0.22 5.04 -13.08
CA GLY A 57 -0.11 6.24 -12.28
C GLY A 57 -1.41 6.63 -11.58
N ALA A 58 -2.25 5.64 -11.33
CA ALA A 58 -3.52 5.69 -10.70
C ALA A 58 -3.50 4.85 -9.41
N ILE A 59 -2.34 4.29 -9.02
CA ILE A 59 -2.11 3.78 -7.67
C ILE A 59 -1.07 4.70 -7.00
N TYR A 60 -1.63 5.61 -6.21
CA TYR A 60 -0.92 6.49 -5.32
C TYR A 60 -0.59 5.71 -4.05
N VAL A 61 0.63 5.23 -3.91
CA VAL A 61 1.06 4.56 -2.67
C VAL A 61 1.36 5.66 -1.68
N ASN A 62 0.77 5.58 -0.49
CA ASN A 62 0.84 6.60 0.55
C ASN A 62 0.24 7.95 0.13
N GLY A 63 -0.28 8.04 -1.09
CA GLY A 63 -0.74 9.27 -1.70
C GLY A 63 0.16 9.74 -2.83
N GLU A 64 1.15 8.95 -3.27
CA GLU A 64 2.10 9.34 -4.30
C GLU A 64 2.12 8.25 -5.37
N ARG A 65 1.84 8.64 -6.61
CA ARG A 65 1.79 7.79 -7.80
C ARG A 65 3.06 6.94 -7.90
N LEU A 66 3.00 5.65 -7.55
CA LEU A 66 4.18 4.79 -7.52
C LEU A 66 3.72 3.42 -8.02
N GLN A 67 4.18 3.06 -9.22
CA GLN A 67 3.71 2.01 -10.10
C GLN A 67 4.83 1.21 -10.75
N ASP A 68 5.86 0.82 -10.00
CA ASP A 68 6.85 -0.16 -10.46
C ASP A 68 7.30 -1.08 -9.34
N VAL A 69 7.76 -2.28 -9.67
CA VAL A 69 8.46 -3.15 -8.73
C VAL A 69 9.75 -2.44 -8.34
N GLY A 70 9.99 -2.47 -7.05
CA GLY A 70 11.09 -1.74 -6.43
C GLY A 70 10.84 -0.26 -6.26
N ALA A 71 9.73 0.25 -6.80
CA ALA A 71 9.23 1.56 -6.39
C ALA A 71 8.59 1.35 -5.01
N ILE A 72 7.77 0.30 -4.86
CA ILE A 72 7.32 -0.23 -3.58
C ILE A 72 7.46 -1.75 -3.61
N LEU A 73 7.78 -2.33 -2.46
CA LEU A 73 7.65 -3.74 -2.16
C LEU A 73 6.78 -3.71 -0.90
N THR A 74 7.34 -3.75 0.31
CA THR A 74 6.57 -3.78 1.56
C THR A 74 6.47 -2.43 2.28
N ALA A 75 5.88 -2.48 3.48
CA ALA A 75 5.83 -1.39 4.41
C ALA A 75 7.17 -0.74 4.70
N GLU A 76 8.17 -1.48 5.14
CA GLU A 76 9.52 -0.94 5.34
C GLU A 76 10.20 -0.55 4.03
N HIS A 77 9.63 -0.90 2.88
CA HIS A 77 10.09 -0.40 1.60
C HIS A 77 9.37 0.91 1.23
N ARG A 78 8.28 1.29 1.91
CA ARG A 78 7.62 2.57 1.69
C ARG A 78 7.99 3.50 2.85
N LEU A 79 7.53 3.16 4.06
CA LEU A 79 7.59 3.93 5.27
C LEU A 79 8.90 3.67 6.02
N GLU A 80 8.96 4.15 7.26
CA GLU A 80 9.97 3.77 8.27
C GLU A 80 9.90 2.29 8.70
N GLY A 81 8.91 1.53 8.22
CA GLY A 81 8.56 0.20 8.66
C GLY A 81 7.35 0.14 9.58
N ARG A 82 6.14 0.27 9.02
CA ARG A 82 4.88 -0.10 9.68
C ARG A 82 3.96 -0.77 8.67
N PHE A 83 3.25 0.02 7.87
CA PHE A 83 2.17 -0.42 6.98
C PHE A 83 2.40 0.09 5.55
N THR A 84 1.41 0.11 4.69
CA THR A 84 1.47 0.79 3.40
C THR A 84 0.04 1.13 3.01
N VAL A 85 -0.19 2.43 2.82
CA VAL A 85 -1.41 2.96 2.24
C VAL A 85 -1.33 2.80 0.73
N ILE A 86 -2.47 2.51 0.12
CA ILE A 86 -2.73 2.45 -1.30
C ILE A 86 -3.90 3.36 -1.57
N ARG A 87 -3.86 4.17 -2.62
CA ARG A 87 -5.03 4.84 -3.16
C ARG A 87 -5.08 4.51 -4.64
N ARG A 88 -5.64 3.36 -4.98
CA ARG A 88 -5.82 2.84 -6.32
C ARG A 88 -7.10 3.47 -6.87
N GLY A 89 -7.00 4.61 -7.57
CA GLY A 89 -8.11 5.43 -8.09
C GLY A 89 -9.39 4.66 -8.43
N LYS A 90 -9.32 3.75 -9.41
CA LYS A 90 -10.40 2.88 -9.91
C LYS A 90 -11.24 2.25 -8.79
N LYS A 91 -10.56 1.88 -7.72
CA LYS A 91 -11.08 1.08 -6.62
C LYS A 91 -11.13 2.04 -5.46
N LYS A 92 -10.38 1.81 -4.38
CA LYS A 92 -10.33 2.71 -3.26
C LYS A 92 -8.95 2.70 -2.60
N TYR A 93 -8.98 3.00 -1.31
CA TYR A 93 -7.90 3.34 -0.45
C TYR A 93 -7.70 2.19 0.51
N TYR A 94 -6.69 1.34 0.33
CA TYR A 94 -6.47 0.13 1.09
C TYR A 94 -5.23 0.26 1.94
N LEU A 95 -5.13 -0.67 2.88
CA LEU A 95 -4.07 -0.69 3.87
C LEU A 95 -3.47 -2.09 3.90
N ILE A 96 -2.15 -2.15 3.87
CA ILE A 96 -1.38 -3.38 3.90
C ILE A 96 -0.41 -3.29 5.06
N ARG A 97 -0.31 -4.36 5.84
CA ARG A 97 0.68 -4.56 6.87
C ARG A 97 1.29 -5.96 6.73
N TYR A 98 2.29 -6.24 7.55
CA TYR A 98 2.81 -7.56 7.78
C TYR A 98 2.63 -7.97 9.23
N ALA A 99 2.85 -9.26 9.49
CA ALA A 99 3.02 -9.82 10.81
C ALA A 99 4.13 -10.86 10.79
N ALA A 1 5.77 10.60 12.72
CA ALA A 1 6.71 11.57 13.34
C ALA A 1 6.28 12.98 12.98
N LEU A 2 6.85 13.98 13.65
CA LEU A 2 6.64 15.38 13.28
C LEU A 2 7.12 15.59 11.83
N PHE A 3 8.37 15.19 11.59
CA PHE A 3 9.15 15.43 10.39
C PHE A 3 9.90 14.15 10.05
N SER A 4 9.91 13.76 8.77
CA SER A 4 10.82 12.77 8.20
C SER A 4 11.02 13.10 6.72
N GLY A 5 11.89 12.38 6.03
CA GLY A 5 11.91 12.36 4.58
C GLY A 5 10.72 11.53 4.08
N ASP A 6 10.30 10.55 4.88
CA ASP A 6 9.14 9.71 4.63
C ASP A 6 7.88 10.47 4.99
N ILE A 7 6.73 9.87 4.66
CA ILE A 7 5.40 10.19 5.15
C ILE A 7 5.35 10.18 6.69
N ALA A 8 5.67 11.33 7.29
CA ALA A 8 5.67 11.49 8.73
C ALA A 8 4.27 11.63 9.30
N ASN A 9 3.39 12.17 8.46
CA ASN A 9 2.02 12.49 8.80
C ASN A 9 1.16 11.23 8.78
N LEU A 10 1.64 10.19 8.10
CA LEU A 10 0.95 8.93 7.95
C LEU A 10 1.48 7.99 9.03
N THR A 11 1.11 8.24 10.28
CA THR A 11 1.44 7.38 11.40
C THR A 11 0.49 6.18 11.39
N ALA A 12 0.69 5.22 12.28
CA ALA A 12 0.05 3.91 12.24
C ALA A 12 -1.43 3.97 12.56
N ALA A 13 -1.85 4.75 13.55
CA ALA A 13 -3.28 4.94 13.75
C ALA A 13 -3.80 5.98 12.76
N GLU A 14 -2.94 6.84 12.24
CA GLU A 14 -3.33 7.84 11.28
C GLU A 14 -3.69 7.14 9.99
N ILE A 15 -2.93 6.12 9.60
CA ILE A 15 -3.22 5.27 8.49
C ILE A 15 -4.43 4.42 8.81
N GLU A 16 -4.43 3.65 9.89
CA GLU A 16 -5.59 2.80 10.17
C GLU A 16 -6.89 3.60 10.16
N GLN A 17 -7.00 4.67 10.96
CA GLN A 17 -8.26 5.38 11.04
C GLN A 17 -8.37 6.38 9.90
N GLY A 18 -7.29 6.66 9.17
CA GLY A 18 -7.31 7.47 7.97
C GLY A 18 -7.88 6.70 6.80
N PHE A 19 -7.75 5.36 6.80
CA PHE A 19 -8.12 4.56 5.64
C PHE A 19 -9.09 3.41 5.96
N LYS A 20 -9.57 3.32 7.21
CA LYS A 20 -10.50 2.26 7.65
C LYS A 20 -11.85 2.17 6.92
N ASP A 21 -12.11 3.03 5.93
CA ASP A 21 -13.29 2.92 5.06
C ASP A 21 -13.07 1.81 4.02
N VAL A 22 -11.85 1.25 3.96
CA VAL A 22 -11.48 0.07 3.20
C VAL A 22 -10.76 -0.88 4.17
N PRO A 23 -10.65 -2.19 3.88
CA PRO A 23 -9.97 -3.11 4.77
C PRO A 23 -8.46 -2.98 4.60
N SER A 24 -7.80 -3.72 5.48
CA SER A 24 -6.37 -3.88 5.52
C SER A 24 -6.02 -5.32 5.12
N PHE A 25 -4.74 -5.62 4.98
CA PHE A 25 -4.24 -6.97 4.93
C PHE A 25 -2.96 -6.99 5.73
N VAL A 26 -2.61 -8.17 6.16
CA VAL A 26 -1.40 -8.47 6.86
C VAL A 26 -0.79 -9.69 6.21
N HIS A 27 0.47 -9.61 5.85
CA HIS A 27 1.25 -10.75 5.42
C HIS A 27 2.30 -11.04 6.49
N GLU A 28 2.76 -12.27 6.54
CA GLU A 28 3.65 -12.78 7.60
C GLU A 28 5.12 -12.38 7.33
N GLY A 29 5.38 -11.10 7.08
CA GLY A 29 6.72 -10.56 6.94
C GLY A 29 7.42 -11.00 5.65
N GLY A 30 8.70 -10.61 5.53
CA GLY A 30 9.42 -10.61 4.28
C GLY A 30 8.89 -9.43 3.47
N ASP A 31 9.72 -8.88 2.60
CA ASP A 31 9.17 -7.98 1.58
C ASP A 31 8.29 -8.76 0.60
N VAL A 32 7.44 -8.04 -0.14
CA VAL A 32 6.38 -8.63 -0.92
C VAL A 32 6.09 -7.68 -2.06
N PRO A 33 6.09 -8.13 -3.31
CA PRO A 33 5.91 -7.26 -4.44
C PRO A 33 4.47 -6.79 -4.52
N LEU A 34 4.32 -5.57 -5.03
CA LEU A 34 3.10 -4.88 -5.37
C LEU A 34 2.07 -5.83 -6.01
N VAL A 35 2.48 -6.64 -7.00
CA VAL A 35 1.63 -7.55 -7.79
C VAL A 35 1.26 -8.85 -7.06
N GLU A 36 1.83 -9.10 -5.89
CA GLU A 36 1.33 -10.12 -4.99
C GLU A 36 0.57 -9.51 -3.83
N LEU A 37 0.93 -8.32 -3.31
CA LEU A 37 0.33 -7.83 -2.09
C LEU A 37 -1.02 -7.25 -2.40
N LEU A 38 -1.25 -6.71 -3.61
CA LEU A 38 -2.48 -6.05 -3.92
C LEU A 38 -3.49 -7.10 -4.38
N VAL A 39 -3.02 -8.20 -4.96
CA VAL A 39 -3.82 -9.36 -5.29
C VAL A 39 -4.27 -9.99 -3.98
N SER A 40 -3.33 -10.28 -3.08
CA SER A 40 -3.62 -10.93 -1.81
C SER A 40 -4.47 -10.02 -0.95
N ALA A 41 -4.18 -8.70 -0.96
CA ALA A 41 -4.95 -7.80 -0.10
C ALA A 41 -6.31 -7.48 -0.71
N GLY A 42 -6.53 -7.73 -2.02
CA GLY A 42 -7.87 -7.76 -2.60
C GLY A 42 -8.19 -6.45 -3.33
N ILE A 43 -7.13 -5.74 -3.72
CA ILE A 43 -7.15 -4.50 -4.44
C ILE A 43 -7.41 -4.89 -5.90
N SER A 44 -6.82 -5.97 -6.43
CA SER A 44 -7.14 -6.43 -7.78
C SER A 44 -6.70 -7.88 -7.91
N PRO A 45 -7.62 -8.87 -7.89
CA PRO A 45 -7.23 -10.28 -7.93
C PRO A 45 -6.95 -10.80 -9.35
N SER A 46 -7.45 -10.13 -10.38
CA SER A 46 -7.37 -10.64 -11.74
C SER A 46 -6.01 -10.19 -12.25
N LYS A 47 -4.99 -11.07 -12.33
CA LYS A 47 -3.62 -10.58 -12.49
C LYS A 47 -3.33 -9.67 -13.70
N ARG A 48 -4.13 -9.68 -14.78
CA ARG A 48 -3.97 -8.63 -15.81
C ARG A 48 -4.46 -7.29 -15.27
N GLN A 49 -5.66 -7.30 -14.66
CA GLN A 49 -6.24 -6.12 -14.06
C GLN A 49 -5.26 -5.62 -13.05
N ALA A 50 -4.80 -6.50 -12.17
CA ALA A 50 -3.85 -6.23 -11.14
C ALA A 50 -2.61 -5.58 -11.71
N ARG A 51 -2.02 -6.17 -12.76
CA ARG A 51 -0.80 -5.61 -13.30
C ARG A 51 -1.04 -4.23 -13.87
N GLU A 52 -2.20 -3.90 -14.44
CA GLU A 52 -2.40 -2.52 -14.88
C GLU A 52 -2.85 -1.59 -13.76
N ASP A 53 -3.56 -2.12 -12.77
CA ASP A 53 -3.94 -1.46 -11.53
C ASP A 53 -2.73 -1.15 -10.67
N ILE A 54 -1.62 -1.79 -10.98
CA ILE A 54 -0.30 -1.44 -10.55
C ILE A 54 0.27 -0.46 -11.55
N GLN A 55 0.44 -0.83 -12.82
CA GLN A 55 1.27 -0.09 -13.75
C GLN A 55 0.74 1.31 -14.02
N ASN A 56 -0.51 1.60 -13.69
CA ASN A 56 -1.05 2.94 -13.79
C ASN A 56 -0.72 3.71 -12.55
N GLY A 57 -0.34 4.95 -12.76
CA GLY A 57 -0.15 5.96 -11.74
C GLY A 57 -1.39 6.28 -10.89
N ALA A 58 -2.48 5.53 -11.06
CA ALA A 58 -3.69 5.64 -10.27
C ALA A 58 -3.51 4.96 -8.92
N ILE A 59 -2.49 4.13 -8.75
CA ILE A 59 -2.12 3.54 -7.47
C ILE A 59 -1.12 4.50 -6.80
N TYR A 60 -1.76 5.37 -6.03
CA TYR A 60 -1.17 6.33 -5.16
C TYR A 60 -0.87 5.58 -3.88
N VAL A 61 0.34 5.05 -3.74
CA VAL A 61 0.72 4.37 -2.51
C VAL A 61 1.01 5.49 -1.55
N ASN A 62 0.54 5.43 -0.31
CA ASN A 62 0.89 6.45 0.68
C ASN A 62 0.55 7.88 0.23
N GLY A 63 -0.41 7.99 -0.69
CA GLY A 63 -0.83 9.25 -1.31
C GLY A 63 0.11 9.72 -2.43
N GLU A 64 0.95 8.84 -2.97
CA GLU A 64 2.12 9.11 -3.78
C GLU A 64 2.03 8.19 -5.00
N ARG A 65 1.98 8.72 -6.23
CA ARG A 65 1.86 7.90 -7.43
C ARG A 65 3.06 7.00 -7.51
N LEU A 66 2.94 5.69 -7.30
CA LEU A 66 4.08 4.78 -7.44
C LEU A 66 3.56 3.47 -8.02
N GLN A 67 3.78 3.25 -9.32
CA GLN A 67 3.22 2.12 -10.07
C GLN A 67 4.26 1.00 -10.30
N ASP A 68 5.27 0.87 -9.43
CA ASP A 68 6.41 0.00 -9.68
C ASP A 68 6.73 -0.91 -8.49
N VAL A 69 7.03 -2.17 -8.74
CA VAL A 69 7.62 -3.13 -7.80
C VAL A 69 8.94 -2.59 -7.26
N GLY A 70 9.73 -1.94 -8.12
CA GLY A 70 10.95 -1.30 -7.68
C GLY A 70 10.71 -0.05 -6.86
N ALA A 71 9.47 0.46 -6.84
CA ALA A 71 9.04 1.52 -5.95
C ALA A 71 8.46 0.97 -4.66
N ILE A 72 7.72 -0.16 -4.68
CA ILE A 72 7.06 -0.67 -3.50
C ILE A 72 7.11 -2.20 -3.44
N LEU A 73 7.69 -2.73 -2.36
CA LEU A 73 7.54 -4.11 -1.92
C LEU A 73 6.71 -3.94 -0.64
N THR A 74 7.32 -3.85 0.54
CA THR A 74 6.59 -3.76 1.81
C THR A 74 6.48 -2.35 2.39
N ALA A 75 5.95 -2.29 3.62
CA ALA A 75 5.83 -1.07 4.39
C ALA A 75 7.18 -0.40 4.61
N GLU A 76 8.19 -1.15 5.06
CA GLU A 76 9.55 -0.64 5.25
C GLU A 76 10.22 -0.33 3.90
N HIS A 77 9.64 -0.82 2.80
CA HIS A 77 10.10 -0.48 1.48
C HIS A 77 9.51 0.88 1.07
N ARG A 78 8.44 1.36 1.71
CA ARG A 78 7.73 2.55 1.26
C ARG A 78 7.91 3.69 2.26
N LEU A 79 7.46 3.51 3.50
CA LEU A 79 7.76 4.37 4.62
C LEU A 79 9.01 3.83 5.31
N GLU A 80 9.38 4.50 6.41
CA GLU A 80 10.32 3.97 7.39
C GLU A 80 9.95 2.53 7.77
N GLY A 81 8.66 2.21 7.87
CA GLY A 81 8.15 0.87 8.07
C GLY A 81 7.10 0.82 9.15
N ARG A 82 5.82 0.92 8.76
CA ARG A 82 4.72 0.55 9.66
C ARG A 82 3.67 -0.19 8.84
N PHE A 83 3.09 0.53 7.89
CA PHE A 83 2.00 0.11 7.02
C PHE A 83 2.37 0.55 5.60
N THR A 84 1.45 0.46 4.65
CA THR A 84 1.52 1.14 3.38
C THR A 84 0.07 1.29 2.94
N VAL A 85 -0.34 2.52 2.66
CA VAL A 85 -1.65 2.83 2.10
C VAL A 85 -1.56 2.54 0.60
N ILE A 86 -2.62 2.07 -0.03
CA ILE A 86 -2.71 1.82 -1.46
C ILE A 86 -3.97 2.52 -1.93
N ARG A 87 -3.87 3.78 -2.35
CA ARG A 87 -5.01 4.54 -2.86
C ARG A 87 -5.00 4.28 -4.33
N ARG A 88 -5.55 3.14 -4.77
CA ARG A 88 -5.81 2.93 -6.18
C ARG A 88 -7.07 3.72 -6.47
N GLY A 89 -6.96 4.88 -7.10
CA GLY A 89 -8.04 5.83 -7.34
C GLY A 89 -9.32 5.15 -7.83
N LYS A 90 -9.21 4.29 -8.85
CA LYS A 90 -10.36 3.59 -9.44
C LYS A 90 -11.00 2.56 -8.49
N LYS A 91 -10.51 2.38 -7.27
CA LYS A 91 -11.23 1.69 -6.20
C LYS A 91 -11.09 2.59 -4.97
N LYS A 92 -10.19 2.31 -4.01
CA LYS A 92 -10.04 3.10 -2.81
C LYS A 92 -8.62 2.89 -2.24
N TYR A 93 -8.45 3.29 -0.99
CA TYR A 93 -7.28 3.24 -0.11
C TYR A 93 -7.26 1.95 0.70
N TYR A 94 -6.79 0.86 0.12
CA TYR A 94 -6.62 -0.35 0.88
C TYR A 94 -5.35 -0.20 1.69
N LEU A 95 -5.18 -1.10 2.65
CA LEU A 95 -4.14 -0.95 3.65
C LEU A 95 -3.34 -2.25 3.75
N ILE A 96 -2.03 -2.16 3.91
CA ILE A 96 -1.11 -3.27 3.84
C ILE A 96 -0.14 -3.16 5.02
N ARG A 97 0.03 -4.20 5.82
CA ARG A 97 1.13 -4.34 6.75
C ARG A 97 1.74 -5.75 6.75
N TYR A 98 2.84 -5.88 7.47
CA TYR A 98 3.43 -7.14 7.87
C TYR A 98 3.02 -7.49 9.30
N ALA A 99 3.17 -8.76 9.62
CA ALA A 99 3.17 -9.38 10.93
C ALA A 99 4.04 -10.62 10.82
N ALA A 1 7.82 6.82 13.03
CA ALA A 1 7.47 7.02 14.44
C ALA A 1 6.43 8.13 14.49
N LEU A 2 6.67 9.25 15.18
CA LEU A 2 5.94 10.50 14.93
C LEU A 2 6.94 11.65 15.01
N PHE A 3 7.71 11.77 13.93
CA PHE A 3 8.53 12.91 13.53
C PHE A 3 8.38 13.02 12.01
N SER A 4 8.74 14.18 11.47
CA SER A 4 8.43 14.61 10.11
C SER A 4 8.80 13.60 9.02
N GLY A 5 9.89 12.84 9.22
CA GLY A 5 10.21 11.64 8.47
C GLY A 5 10.05 11.77 6.96
N ASP A 6 9.63 10.67 6.36
CA ASP A 6 9.15 10.62 4.99
C ASP A 6 7.66 10.96 5.06
N ILE A 7 6.83 9.94 5.10
CA ILE A 7 5.39 10.04 5.16
C ILE A 7 4.92 10.07 6.62
N ALA A 8 5.26 11.14 7.30
CA ALA A 8 4.62 11.51 8.58
C ALA A 8 3.15 11.92 8.41
N ASN A 9 2.68 12.02 7.17
CA ASN A 9 1.27 12.17 6.82
C ASN A 9 0.56 10.80 6.92
N LEU A 10 1.35 9.73 7.04
CA LEU A 10 0.90 8.36 7.18
C LEU A 10 1.50 7.81 8.47
N THR A 11 1.11 8.38 9.61
CA THR A 11 1.40 7.82 10.91
C THR A 11 0.40 6.68 11.17
N ALA A 12 0.60 5.93 12.24
CA ALA A 12 -0.07 4.65 12.42
C ALA A 12 -1.51 4.85 12.89
N ALA A 13 -1.75 5.84 13.73
CA ALA A 13 -3.11 6.25 14.06
C ALA A 13 -3.80 6.80 12.81
N GLU A 14 -3.03 7.51 12.00
CA GLU A 14 -3.52 8.32 10.93
C GLU A 14 -3.97 7.40 9.82
N ILE A 15 -3.18 6.38 9.53
CA ILE A 15 -3.52 5.36 8.58
C ILE A 15 -4.70 4.59 9.11
N GLU A 16 -4.65 4.11 10.35
CA GLU A 16 -5.72 3.24 10.82
C GLU A 16 -7.06 3.95 10.71
N GLN A 17 -7.18 5.17 11.24
CA GLN A 17 -8.44 5.87 11.26
C GLN A 17 -8.71 6.49 9.89
N GLY A 18 -7.64 6.74 9.12
CA GLY A 18 -7.68 7.25 7.77
C GLY A 18 -8.39 6.25 6.89
N PHE A 19 -8.11 4.96 7.10
CA PHE A 19 -8.43 3.92 6.13
C PHE A 19 -9.22 2.77 6.75
N LYS A 20 -9.72 2.98 7.97
CA LYS A 20 -10.75 2.20 8.68
C LYS A 20 -12.04 2.00 7.86
N ASP A 21 -12.16 2.68 6.73
CA ASP A 21 -13.28 2.70 5.80
C ASP A 21 -13.31 1.46 4.90
N VAL A 22 -12.14 0.88 4.63
CA VAL A 22 -11.95 -0.21 3.68
C VAL A 22 -11.13 -1.29 4.42
N PRO A 23 -10.91 -2.49 3.87
CA PRO A 23 -10.23 -3.55 4.59
C PRO A 23 -8.72 -3.28 4.62
N SER A 24 -8.01 -4.16 5.30
CA SER A 24 -6.56 -4.17 5.36
C SER A 24 -6.08 -5.61 5.21
N PHE A 25 -4.79 -5.82 4.98
CA PHE A 25 -4.19 -7.14 4.86
C PHE A 25 -2.91 -7.17 5.67
N VAL A 26 -2.51 -8.37 6.10
CA VAL A 26 -1.32 -8.62 6.88
C VAL A 26 -0.62 -9.86 6.32
N HIS A 27 0.68 -9.78 6.04
CA HIS A 27 1.49 -10.95 5.76
C HIS A 27 2.66 -11.12 6.74
N GLU A 28 3.39 -12.20 6.59
CA GLU A 28 4.35 -12.78 7.55
C GLU A 28 5.71 -12.07 7.58
N GLY A 29 5.74 -10.75 7.33
CA GLY A 29 6.99 -10.06 7.04
C GLY A 29 7.57 -10.56 5.71
N GLY A 30 8.80 -10.14 5.42
CA GLY A 30 9.45 -10.42 4.15
C GLY A 30 8.99 -9.41 3.11
N ASP A 31 9.89 -8.91 2.28
CA ASP A 31 9.50 -8.03 1.16
C ASP A 31 8.75 -8.80 0.10
N VAL A 32 7.81 -8.11 -0.56
CA VAL A 32 6.77 -8.74 -1.36
C VAL A 32 6.25 -7.68 -2.32
N PRO A 33 6.06 -8.00 -3.60
CA PRO A 33 5.83 -7.00 -4.62
C PRO A 33 4.42 -6.46 -4.58
N LEU A 34 4.30 -5.18 -5.00
CA LEU A 34 3.02 -4.49 -5.07
C LEU A 34 1.93 -5.34 -5.74
N VAL A 35 2.29 -6.05 -6.82
CA VAL A 35 1.46 -6.88 -7.69
C VAL A 35 1.07 -8.23 -7.10
N GLU A 36 1.66 -8.63 -5.98
CA GLU A 36 1.15 -9.74 -5.19
C GLU A 36 0.35 -9.17 -4.05
N LEU A 37 0.80 -8.13 -3.36
CA LEU A 37 0.20 -7.78 -2.10
C LEU A 37 -1.11 -7.09 -2.34
N LEU A 38 -1.38 -6.52 -3.53
CA LEU A 38 -2.69 -5.99 -3.79
C LEU A 38 -3.66 -7.12 -4.13
N VAL A 39 -3.16 -8.16 -4.77
CA VAL A 39 -3.92 -9.33 -5.22
C VAL A 39 -4.32 -10.13 -3.98
N SER A 40 -3.35 -10.42 -3.12
CA SER A 40 -3.48 -11.06 -1.83
C SER A 40 -4.29 -10.18 -0.88
N ALA A 41 -4.16 -8.84 -0.96
CA ALA A 41 -4.99 -8.01 -0.12
C ALA A 41 -6.41 -7.88 -0.68
N GLY A 42 -6.60 -8.08 -1.98
CA GLY A 42 -7.93 -8.21 -2.58
C GLY A 42 -8.41 -6.87 -3.11
N ILE A 43 -7.47 -6.06 -3.58
CA ILE A 43 -7.67 -4.77 -4.20
C ILE A 43 -8.13 -5.12 -5.61
N SER A 44 -7.37 -5.96 -6.34
CA SER A 44 -7.65 -6.25 -7.74
C SER A 44 -7.27 -7.70 -7.97
N PRO A 45 -8.24 -8.64 -7.99
CA PRO A 45 -7.95 -10.07 -7.96
C PRO A 45 -7.51 -10.62 -9.31
N SER A 46 -7.77 -9.89 -10.39
CA SER A 46 -7.50 -10.40 -11.72
C SER A 46 -6.09 -9.96 -12.06
N LYS A 47 -5.11 -10.87 -12.11
CA LYS A 47 -3.69 -10.48 -12.18
C LYS A 47 -3.37 -9.49 -13.29
N ARG A 48 -3.97 -9.56 -14.49
CA ARG A 48 -3.74 -8.51 -15.50
C ARG A 48 -4.30 -7.17 -15.02
N GLN A 49 -5.52 -7.16 -14.50
CA GLN A 49 -6.16 -5.95 -14.00
C GLN A 49 -5.27 -5.37 -12.92
N ALA A 50 -4.89 -6.21 -11.96
CA ALA A 50 -4.01 -5.90 -10.85
C ALA A 50 -2.72 -5.29 -11.36
N ARG A 51 -2.12 -5.91 -12.38
CA ARG A 51 -0.91 -5.42 -13.01
C ARG A 51 -1.07 -4.02 -13.50
N GLU A 52 -2.13 -3.70 -14.22
CA GLU A 52 -2.29 -2.32 -14.68
C GLU A 52 -2.59 -1.41 -13.50
N ASP A 53 -3.35 -1.91 -12.54
CA ASP A 53 -3.61 -1.24 -11.29
C ASP A 53 -2.35 -1.02 -10.47
N ILE A 54 -1.24 -1.65 -10.84
CA ILE A 54 0.09 -1.49 -10.29
C ILE A 54 1.05 -0.75 -11.20
N GLN A 55 0.89 -0.84 -12.52
CA GLN A 55 1.74 -0.22 -13.50
C GLN A 55 1.23 1.17 -13.83
N ASN A 56 0.04 1.54 -13.36
CA ASN A 56 -0.50 2.85 -13.64
C ASN A 56 -0.30 3.77 -12.47
N GLY A 57 -0.10 5.03 -12.81
CA GLY A 57 -0.02 6.13 -11.87
C GLY A 57 -1.34 6.37 -11.13
N ALA A 58 -2.32 5.48 -11.23
CA ALA A 58 -3.54 5.47 -10.46
C ALA A 58 -3.32 4.79 -9.12
N ILE A 59 -2.18 4.14 -8.85
CA ILE A 59 -1.83 3.62 -7.53
C ILE A 59 -0.87 4.62 -6.89
N TYR A 60 -1.52 5.54 -6.19
CA TYR A 60 -0.92 6.51 -5.33
C TYR A 60 -0.70 5.82 -4.00
N VAL A 61 0.49 5.28 -3.75
CA VAL A 61 0.77 4.64 -2.48
C VAL A 61 1.03 5.80 -1.52
N ASN A 62 0.48 5.81 -0.31
CA ASN A 62 0.91 6.83 0.66
C ASN A 62 0.64 8.27 0.14
N GLY A 63 -0.25 8.43 -0.84
CA GLY A 63 -0.56 9.68 -1.52
C GLY A 63 0.33 10.01 -2.72
N GLU A 64 1.21 9.10 -3.14
CA GLU A 64 2.33 9.35 -4.04
C GLU A 64 2.30 8.30 -5.14
N ARG A 65 2.11 8.72 -6.39
CA ARG A 65 1.99 7.86 -7.57
C ARG A 65 3.26 7.02 -7.70
N LEU A 66 3.20 5.71 -7.39
CA LEU A 66 4.37 4.83 -7.43
C LEU A 66 3.94 3.48 -8.00
N GLN A 67 4.31 3.23 -9.25
CA GLN A 67 3.87 2.08 -10.02
C GLN A 67 5.04 1.27 -10.59
N ASP A 68 5.79 0.61 -9.71
CA ASP A 68 6.74 -0.39 -10.13
C ASP A 68 7.02 -1.33 -8.96
N VAL A 69 7.40 -2.57 -9.26
CA VAL A 69 8.02 -3.47 -8.29
C VAL A 69 9.30 -2.84 -7.74
N GLY A 70 10.00 -2.05 -8.56
CA GLY A 70 11.13 -1.26 -8.13
C GLY A 70 10.78 -0.17 -7.13
N ALA A 71 9.52 0.27 -7.15
CA ALA A 71 9.03 1.40 -6.39
C ALA A 71 8.51 0.96 -5.04
N ILE A 72 7.71 -0.12 -4.95
CA ILE A 72 7.14 -0.57 -3.70
C ILE A 72 7.15 -2.10 -3.65
N LEU A 73 7.68 -2.67 -2.56
CA LEU A 73 7.47 -4.04 -2.19
C LEU A 73 6.59 -3.88 -0.96
N THR A 74 7.16 -3.85 0.24
CA THR A 74 6.45 -3.84 1.49
C THR A 74 6.30 -2.46 2.14
N ALA A 75 5.80 -2.45 3.37
CA ALA A 75 5.69 -1.27 4.21
C ALA A 75 7.04 -0.60 4.44
N GLU A 76 8.10 -1.36 4.71
CA GLU A 76 9.45 -0.79 4.85
C GLU A 76 9.97 -0.26 3.53
N HIS A 77 9.36 -0.68 2.43
CA HIS A 77 9.69 -0.23 1.10
C HIS A 77 8.87 1.01 0.75
N ARG A 78 8.02 1.53 1.66
CA ARG A 78 7.37 2.82 1.50
C ARG A 78 7.76 3.75 2.65
N LEU A 79 7.29 3.49 3.88
CA LEU A 79 7.63 4.12 5.13
C LEU A 79 8.76 3.37 5.82
N GLU A 80 9.06 3.72 7.08
CA GLU A 80 10.01 3.09 7.99
C GLU A 80 9.75 1.60 8.26
N GLY A 81 8.64 1.06 7.77
CA GLY A 81 8.25 -0.31 7.97
C GLY A 81 7.21 -0.45 9.05
N ARG A 82 5.98 -0.03 8.73
CA ARG A 82 4.86 -0.10 9.65
C ARG A 82 3.63 -0.61 8.92
N PHE A 83 3.13 0.17 7.97
CA PHE A 83 1.97 -0.11 7.13
C PHE A 83 2.30 0.39 5.72
N THR A 84 1.37 0.33 4.79
CA THR A 84 1.40 1.04 3.52
C THR A 84 -0.07 1.26 3.16
N VAL A 85 -0.41 2.45 2.66
CA VAL A 85 -1.73 2.72 2.09
C VAL A 85 -1.58 2.74 0.59
N ILE A 86 -2.65 2.33 -0.09
CA ILE A 86 -2.75 2.10 -1.51
C ILE A 86 -3.96 2.90 -1.96
N ARG A 87 -3.80 4.07 -2.57
CA ARG A 87 -4.94 4.74 -3.19
C ARG A 87 -4.87 4.28 -4.63
N ARG A 88 -5.35 3.07 -4.91
CA ARG A 88 -5.55 2.57 -6.25
C ARG A 88 -6.85 3.21 -6.75
N GLY A 89 -6.74 4.42 -7.29
CA GLY A 89 -7.73 5.31 -7.87
C GLY A 89 -9.15 4.74 -7.98
N LYS A 90 -9.48 4.08 -9.09
CA LYS A 90 -10.84 3.63 -9.37
C LYS A 90 -11.33 2.57 -8.38
N LYS A 91 -10.44 1.89 -7.66
CA LYS A 91 -10.81 1.10 -6.51
C LYS A 91 -10.86 2.05 -5.32
N LYS A 92 -9.96 1.95 -4.34
CA LYS A 92 -9.99 2.75 -3.12
C LYS A 92 -8.59 2.78 -2.46
N TYR A 93 -8.60 3.05 -1.16
CA TYR A 93 -7.50 3.40 -0.26
C TYR A 93 -7.15 2.23 0.67
N TYR A 94 -6.66 1.13 0.12
CA TYR A 94 -6.48 -0.10 0.87
C TYR A 94 -5.22 -0.02 1.72
N LEU A 95 -5.10 -0.98 2.64
CA LEU A 95 -4.15 -0.94 3.73
C LEU A 95 -3.44 -2.28 3.80
N ILE A 96 -2.13 -2.22 3.92
CA ILE A 96 -1.23 -3.34 3.74
C ILE A 96 -0.24 -3.28 4.90
N ARG A 97 -0.09 -4.35 5.67
CA ARG A 97 0.90 -4.47 6.72
C ARG A 97 1.54 -5.86 6.74
N TYR A 98 2.54 -6.02 7.59
CA TYR A 98 3.05 -7.31 7.99
C TYR A 98 2.81 -7.51 9.49
N ALA A 99 3.01 -8.75 9.93
CA ALA A 99 2.88 -9.20 11.31
C ALA A 99 3.97 -8.59 12.18
N ALA A 1 0.42 8.53 18.94
CA ALA A 1 0.19 8.34 17.50
C ALA A 1 1.36 7.55 16.91
N LEU A 2 2.19 8.18 16.05
CA LEU A 2 3.51 7.70 15.65
C LEU A 2 4.37 8.94 15.42
N PHE A 3 5.70 8.83 15.46
CA PHE A 3 6.60 9.86 14.96
C PHE A 3 6.61 9.78 13.42
N SER A 4 7.27 8.75 12.89
CA SER A 4 7.68 8.66 11.50
C SER A 4 8.53 9.85 11.03
N GLY A 5 8.94 9.79 9.77
CA GLY A 5 9.63 10.86 9.06
C GLY A 5 9.07 10.97 7.64
N ASP A 6 8.96 9.84 6.93
CA ASP A 6 8.53 9.84 5.54
C ASP A 6 7.02 9.97 5.48
N ILE A 7 6.29 9.13 6.23
CA ILE A 7 4.85 9.24 6.31
C ILE A 7 4.43 10.13 7.48
N ALA A 8 5.26 11.11 7.82
CA ALA A 8 4.95 12.12 8.81
C ALA A 8 3.80 13.04 8.36
N ASN A 9 3.28 12.85 7.15
CA ASN A 9 2.15 13.54 6.56
C ASN A 9 0.90 12.68 6.72
N LEU A 10 1.08 11.38 6.93
CA LEU A 10 0.07 10.34 7.01
C LEU A 10 0.58 9.23 7.92
N THR A 11 0.52 9.40 9.25
CA THR A 11 1.25 8.52 10.15
C THR A 11 0.47 7.20 10.30
N ALA A 12 0.98 6.27 11.09
CA ALA A 12 0.39 4.94 11.23
C ALA A 12 -0.95 5.01 11.98
N ALA A 13 -1.03 5.86 13.01
CA ALA A 13 -2.31 6.14 13.63
C ALA A 13 -3.25 6.82 12.63
N GLU A 14 -2.70 7.66 11.76
CA GLU A 14 -3.47 8.38 10.76
C GLU A 14 -4.00 7.38 9.74
N ILE A 15 -3.21 6.37 9.39
CA ILE A 15 -3.51 5.39 8.36
C ILE A 15 -4.58 4.45 8.88
N GLU A 16 -4.42 3.88 10.07
CA GLU A 16 -5.47 3.02 10.60
C GLU A 16 -6.77 3.80 10.79
N GLN A 17 -6.74 5.00 11.40
CA GLN A 17 -7.97 5.76 11.61
C GLN A 17 -8.49 6.28 10.27
N GLY A 18 -7.60 6.49 9.32
CA GLY A 18 -7.84 7.10 8.04
C GLY A 18 -8.58 6.11 7.15
N PHE A 19 -8.16 4.85 7.21
CA PHE A 19 -8.51 3.85 6.21
C PHE A 19 -9.34 2.72 6.84
N LYS A 20 -9.84 2.97 8.05
CA LYS A 20 -10.90 2.26 8.75
C LYS A 20 -12.12 2.00 7.86
N ASP A 21 -12.29 2.84 6.86
CA ASP A 21 -13.42 2.92 5.93
C ASP A 21 -13.32 1.84 4.85
N VAL A 22 -12.18 1.16 4.74
CA VAL A 22 -11.83 0.18 3.72
C VAL A 22 -11.21 -1.02 4.48
N PRO A 23 -10.96 -2.18 3.86
CA PRO A 23 -10.37 -3.30 4.57
C PRO A 23 -8.87 -3.06 4.75
N SER A 24 -8.23 -3.99 5.46
CA SER A 24 -6.78 -4.10 5.46
C SER A 24 -6.40 -5.55 5.18
N PHE A 25 -5.12 -5.79 4.86
CA PHE A 25 -4.55 -7.11 4.69
C PHE A 25 -3.24 -7.14 5.44
N VAL A 26 -2.78 -8.34 5.78
CA VAL A 26 -1.57 -8.59 6.53
C VAL A 26 -0.82 -9.71 5.82
N HIS A 27 0.50 -9.60 5.68
CA HIS A 27 1.32 -10.75 5.34
C HIS A 27 2.40 -10.97 6.41
N GLU A 28 3.11 -12.07 6.26
CA GLU A 28 3.96 -12.73 7.25
C GLU A 28 5.34 -12.06 7.41
N GLY A 29 5.44 -10.73 7.32
CA GLY A 29 6.72 -10.05 7.15
C GLY A 29 7.37 -10.49 5.83
N GLY A 30 8.66 -10.15 5.64
CA GLY A 30 9.40 -10.42 4.42
C GLY A 30 8.97 -9.43 3.35
N ASP A 31 9.90 -9.02 2.50
CA ASP A 31 9.59 -8.10 1.40
C ASP A 31 8.81 -8.77 0.28
N VAL A 32 7.99 -8.01 -0.45
CA VAL A 32 6.96 -8.62 -1.30
C VAL A 32 6.55 -7.63 -2.38
N PRO A 33 6.45 -8.05 -3.65
CA PRO A 33 6.02 -7.21 -4.75
C PRO A 33 4.65 -6.60 -4.49
N LEU A 34 4.49 -5.32 -4.88
CA LEU A 34 3.18 -4.71 -5.00
C LEU A 34 2.18 -5.62 -5.76
N VAL A 35 2.64 -6.35 -6.79
CA VAL A 35 1.82 -7.26 -7.61
C VAL A 35 1.40 -8.54 -6.90
N GLU A 36 2.01 -8.88 -5.78
CA GLU A 36 1.57 -10.01 -4.97
C GLU A 36 0.71 -9.49 -3.83
N LEU A 37 1.12 -8.42 -3.14
CA LEU A 37 0.43 -7.98 -1.94
C LEU A 37 -0.89 -7.39 -2.32
N LEU A 38 -1.08 -6.85 -3.53
CA LEU A 38 -2.34 -6.23 -3.88
C LEU A 38 -3.34 -7.29 -4.36
N VAL A 39 -2.85 -8.41 -4.88
CA VAL A 39 -3.64 -9.54 -5.35
C VAL A 39 -4.12 -10.29 -4.12
N SER A 40 -3.20 -10.51 -3.19
CA SER A 40 -3.43 -11.12 -1.90
C SER A 40 -4.37 -10.22 -1.10
N ALA A 41 -4.12 -8.90 -1.10
CA ALA A 41 -4.94 -8.00 -0.32
C ALA A 41 -6.27 -7.69 -0.99
N GLY A 42 -6.39 -7.92 -2.30
CA GLY A 42 -7.70 -7.97 -2.94
C GLY A 42 -8.10 -6.62 -3.50
N ILE A 43 -7.09 -5.88 -3.95
CA ILE A 43 -7.20 -4.61 -4.63
C ILE A 43 -7.60 -4.98 -6.05
N SER A 44 -6.91 -5.93 -6.69
CA SER A 44 -7.33 -6.47 -7.98
C SER A 44 -6.79 -7.89 -8.05
N PRO A 45 -7.63 -8.93 -7.93
CA PRO A 45 -7.17 -10.31 -7.86
C PRO A 45 -6.88 -10.92 -9.24
N SER A 46 -7.36 -10.29 -10.32
CA SER A 46 -7.18 -10.82 -11.67
C SER A 46 -5.80 -10.39 -12.14
N LYS A 47 -4.87 -11.30 -12.46
CA LYS A 47 -3.45 -10.94 -12.62
C LYS A 47 -3.19 -9.82 -13.65
N ARG A 48 -3.94 -9.76 -14.77
CA ARG A 48 -3.85 -8.58 -15.68
C ARG A 48 -4.27 -7.34 -14.91
N GLN A 49 -5.47 -7.35 -14.33
CA GLN A 49 -6.00 -6.18 -13.66
C GLN A 49 -5.01 -5.75 -12.61
N ALA A 50 -4.54 -6.69 -11.80
CA ALA A 50 -3.56 -6.47 -10.77
C ALA A 50 -2.36 -5.70 -11.30
N ARG A 51 -1.70 -6.25 -12.32
CA ARG A 51 -0.48 -5.67 -12.84
C ARG A 51 -0.72 -4.30 -13.47
N GLU A 52 -1.92 -4.00 -13.98
CA GLU A 52 -2.20 -2.66 -14.49
C GLU A 52 -2.75 -1.72 -13.42
N ASP A 53 -3.44 -2.25 -12.41
CA ASP A 53 -3.85 -1.55 -11.22
C ASP A 53 -2.62 -1.14 -10.44
N ILE A 54 -1.49 -1.79 -10.71
CA ILE A 54 -0.19 -1.33 -10.34
C ILE A 54 0.31 -0.35 -11.36
N GLN A 55 0.56 -0.74 -12.61
CA GLN A 55 1.33 0.04 -13.56
C GLN A 55 0.65 1.35 -13.94
N ASN A 56 -0.58 1.56 -13.47
CA ASN A 56 -1.17 2.87 -13.50
C ASN A 56 -0.63 3.78 -12.43
N GLY A 57 -0.34 5.01 -12.84
CA GLY A 57 -0.13 6.18 -12.00
C GLY A 57 -1.44 6.68 -11.39
N ALA A 58 -2.34 5.76 -11.07
CA ALA A 58 -3.53 5.92 -10.26
C ALA A 58 -3.47 5.03 -9.02
N ILE A 59 -2.40 4.29 -8.74
CA ILE A 59 -2.15 3.71 -7.42
C ILE A 59 -1.10 4.60 -6.74
N TYR A 60 -1.63 5.45 -5.87
CA TYR A 60 -0.88 6.36 -5.04
C TYR A 60 -0.53 5.62 -3.75
N VAL A 61 0.70 5.10 -3.66
CA VAL A 61 1.19 4.42 -2.47
C VAL A 61 1.59 5.49 -1.49
N ASN A 62 1.22 5.35 -0.22
CA ASN A 62 1.45 6.39 0.79
C ASN A 62 0.83 7.72 0.32
N GLY A 63 -0.22 7.61 -0.50
CA GLY A 63 -0.95 8.72 -1.07
C GLY A 63 -0.25 9.33 -2.28
N GLU A 64 0.82 8.75 -2.84
CA GLU A 64 1.63 9.37 -3.87
C GLU A 64 1.93 8.34 -4.97
N ARG A 65 1.75 8.72 -6.24
CA ARG A 65 1.71 7.88 -7.44
C ARG A 65 2.99 7.07 -7.52
N LEU A 66 2.92 5.75 -7.31
CA LEU A 66 4.08 4.88 -7.46
C LEU A 66 3.54 3.55 -8.00
N GLN A 67 3.86 3.22 -9.26
CA GLN A 67 3.24 2.20 -10.11
C GLN A 67 4.24 1.12 -10.55
N ASP A 68 5.29 0.83 -9.76
CA ASP A 68 6.35 -0.11 -10.11
C ASP A 68 6.84 -0.95 -8.92
N VAL A 69 7.43 -2.12 -9.20
CA VAL A 69 8.11 -3.01 -8.26
C VAL A 69 9.42 -2.40 -7.76
N GLY A 70 10.16 -1.73 -8.64
CA GLY A 70 11.31 -0.93 -8.23
C GLY A 70 10.89 0.34 -7.51
N ALA A 71 9.60 0.68 -7.55
CA ALA A 71 9.04 1.69 -6.68
C ALA A 71 8.71 1.09 -5.32
N ILE A 72 7.87 0.03 -5.19
CA ILE A 72 7.49 -0.51 -3.90
C ILE A 72 7.42 -2.04 -3.86
N LEU A 73 7.93 -2.63 -2.77
CA LEU A 73 7.71 -3.98 -2.33
C LEU A 73 6.80 -3.77 -1.10
N THR A 74 7.36 -3.72 0.10
CA THR A 74 6.64 -3.84 1.38
C THR A 74 6.48 -2.56 2.17
N ALA A 75 5.89 -2.66 3.36
CA ALA A 75 5.78 -1.56 4.30
C ALA A 75 7.13 -0.98 4.63
N GLU A 76 8.07 -1.82 5.09
CA GLU A 76 9.46 -1.45 5.37
C GLU A 76 10.27 -1.16 4.12
N HIS A 77 9.69 -1.36 2.93
CA HIS A 77 10.29 -0.84 1.70
C HIS A 77 9.80 0.59 1.44
N ARG A 78 8.63 0.99 1.97
CA ARG A 78 8.02 2.26 1.62
C ARG A 78 8.21 3.22 2.79
N LEU A 79 7.62 2.95 3.95
CA LEU A 79 7.80 3.71 5.17
C LEU A 79 8.97 3.08 5.95
N GLU A 80 9.24 3.61 7.14
CA GLU A 80 10.17 3.02 8.11
C GLU A 80 9.83 1.56 8.43
N GLY A 81 8.57 1.15 8.21
CA GLY A 81 8.11 -0.20 8.33
C GLY A 81 6.98 -0.35 9.33
N ARG A 82 5.74 -0.12 8.88
CA ARG A 82 4.54 -0.55 9.61
C ARG A 82 3.53 -1.04 8.58
N PHE A 83 3.02 -0.12 7.77
CA PHE A 83 1.91 -0.33 6.86
C PHE A 83 2.30 0.12 5.44
N THR A 84 1.34 0.22 4.54
CA THR A 84 1.44 0.94 3.28
C THR A 84 -0.01 1.36 2.98
N VAL A 85 -0.21 2.63 2.65
CA VAL A 85 -1.48 3.16 2.14
C VAL A 85 -1.50 2.83 0.65
N ILE A 86 -2.62 2.36 0.10
CA ILE A 86 -2.77 2.04 -1.31
C ILE A 86 -4.00 2.75 -1.84
N ARG A 87 -3.82 3.94 -2.41
CA ARG A 87 -4.94 4.68 -2.98
C ARG A 87 -5.01 4.25 -4.44
N ARG A 88 -5.65 3.12 -4.75
CA ARG A 88 -5.94 2.76 -6.13
C ARG A 88 -7.15 3.60 -6.51
N GLY A 89 -6.95 4.72 -7.21
CA GLY A 89 -8.04 5.57 -7.71
C GLY A 89 -9.02 4.75 -8.53
N LYS A 90 -10.25 5.26 -8.70
CA LYS A 90 -11.45 4.55 -9.16
C LYS A 90 -11.95 3.62 -8.06
N LYS A 91 -11.07 2.81 -7.46
CA LYS A 91 -11.33 2.13 -6.20
C LYS A 91 -10.88 3.07 -5.07
N LYS A 92 -10.51 2.54 -3.90
CA LYS A 92 -10.32 3.29 -2.67
C LYS A 92 -8.88 3.13 -2.15
N TYR A 93 -8.74 3.38 -0.85
CA TYR A 93 -7.53 3.31 -0.05
C TYR A 93 -7.49 1.94 0.60
N TYR A 94 -6.82 0.96 0.03
CA TYR A 94 -6.57 -0.25 0.76
C TYR A 94 -5.40 0.01 1.69
N LEU A 95 -5.25 -0.90 2.64
CA LEU A 95 -4.32 -0.77 3.75
C LEU A 95 -3.60 -2.10 3.84
N ILE A 96 -2.29 -2.06 3.76
CA ILE A 96 -1.42 -3.23 3.74
C ILE A 96 -0.56 -3.16 5.00
N ARG A 97 -0.45 -4.26 5.75
CA ARG A 97 0.47 -4.39 6.86
C ARG A 97 1.17 -5.76 6.84
N TYR A 98 2.05 -5.97 7.82
CA TYR A 98 2.57 -7.25 8.16
C TYR A 98 2.20 -7.66 9.58
N ALA A 99 2.37 -8.95 9.87
CA ALA A 99 2.06 -9.65 11.10
C ALA A 99 2.97 -9.16 12.23
N ALA A 1 5.42 16.67 11.80
CA ALA A 1 5.39 15.21 11.58
C ALA A 1 6.82 14.71 11.46
N LEU A 2 7.47 14.93 10.32
CA LEU A 2 8.89 14.74 10.07
C LEU A 2 9.19 15.74 8.97
N PHE A 3 9.88 16.82 9.32
CA PHE A 3 9.98 18.05 8.54
C PHE A 3 10.52 17.84 7.13
N SER A 4 11.49 16.97 6.89
CA SER A 4 11.98 16.62 5.55
C SER A 4 12.57 15.22 5.59
N GLY A 5 11.91 14.27 4.91
CA GLY A 5 12.27 12.87 4.90
C GLY A 5 11.03 12.06 4.59
N ASP A 6 10.85 10.90 5.24
CA ASP A 6 9.79 9.99 4.82
C ASP A 6 8.47 10.50 5.39
N ILE A 7 7.37 9.98 4.84
CA ILE A 7 6.01 10.30 5.25
C ILE A 7 5.71 9.83 6.69
N ALA A 8 5.95 10.69 7.67
CA ALA A 8 5.52 10.51 9.05
C ALA A 8 4.09 11.01 9.27
N ASN A 9 3.48 11.57 8.23
CA ASN A 9 2.09 11.94 8.22
C ASN A 9 1.27 10.67 7.99
N LEU A 10 1.89 9.68 7.36
CA LEU A 10 1.46 8.31 7.32
C LEU A 10 2.00 7.65 8.59
N THR A 11 1.53 8.10 9.75
CA THR A 11 1.81 7.49 11.04
C THR A 11 0.89 6.27 11.15
N ALA A 12 1.12 5.41 12.13
CA ALA A 12 0.39 4.15 12.23
C ALA A 12 -1.06 4.38 12.66
N ALA A 13 -1.26 5.16 13.71
CA ALA A 13 -2.63 5.50 14.12
C ALA A 13 -3.29 6.30 13.01
N GLU A 14 -2.51 7.11 12.29
CA GLU A 14 -3.04 8.02 11.31
C GLU A 14 -3.49 7.24 10.09
N ILE A 15 -2.71 6.21 9.72
CA ILE A 15 -3.04 5.28 8.67
C ILE A 15 -4.25 4.45 9.07
N GLU A 16 -4.23 3.84 10.26
CA GLU A 16 -5.35 3.02 10.70
C GLU A 16 -6.66 3.81 10.61
N GLN A 17 -6.75 4.94 11.31
CA GLN A 17 -8.01 5.65 11.34
C GLN A 17 -8.21 6.41 10.03
N GLY A 18 -7.14 6.64 9.27
CA GLY A 18 -7.16 7.31 8.01
C GLY A 18 -7.84 6.44 6.97
N PHE A 19 -7.55 5.13 7.00
CA PHE A 19 -7.88 4.28 5.87
C PHE A 19 -8.84 3.16 6.24
N LYS A 20 -9.35 3.19 7.47
CA LYS A 20 -10.54 2.45 7.94
C LYS A 20 -11.84 2.75 7.19
N ASP A 21 -11.80 3.36 6.01
CA ASP A 21 -12.92 3.40 5.07
C ASP A 21 -13.00 2.05 4.31
N VAL A 22 -11.89 1.33 4.18
CA VAL A 22 -11.76 0.08 3.46
C VAL A 22 -11.12 -0.94 4.41
N PRO A 23 -11.23 -2.26 4.17
CA PRO A 23 -10.51 -3.25 4.95
C PRO A 23 -9.01 -3.22 4.62
N SER A 24 -8.25 -4.08 5.29
CA SER A 24 -6.81 -4.13 5.22
C SER A 24 -6.34 -5.50 4.74
N PHE A 25 -5.02 -5.71 4.66
CA PHE A 25 -4.43 -7.02 4.55
C PHE A 25 -3.17 -7.03 5.39
N VAL A 26 -2.79 -8.22 5.83
CA VAL A 26 -1.58 -8.47 6.56
C VAL A 26 -0.92 -9.71 6.00
N HIS A 27 0.35 -9.60 5.59
CA HIS A 27 1.13 -10.78 5.21
C HIS A 27 2.25 -11.04 6.20
N GLU A 28 2.90 -12.17 6.05
CA GLU A 28 3.77 -12.82 7.01
C GLU A 28 5.19 -12.22 7.08
N GLY A 29 5.40 -11.11 6.39
CA GLY A 29 6.69 -10.41 6.29
C GLY A 29 7.56 -10.95 5.15
N GLY A 30 8.75 -10.36 4.99
CA GLY A 30 9.57 -10.49 3.80
C GLY A 30 9.05 -9.48 2.78
N ASP A 31 9.94 -8.81 2.05
CA ASP A 31 9.53 -7.85 1.02
C ASP A 31 8.85 -8.56 -0.14
N VAL A 32 7.74 -7.97 -0.62
CA VAL A 32 6.76 -8.64 -1.48
C VAL A 32 6.23 -7.61 -2.48
N PRO A 33 6.09 -7.95 -3.77
CA PRO A 33 5.66 -7.05 -4.82
C PRO A 33 4.40 -6.25 -4.52
N LEU A 34 4.35 -4.96 -4.92
CA LEU A 34 3.09 -4.23 -4.98
C LEU A 34 2.00 -5.03 -5.70
N VAL A 35 2.36 -5.63 -6.83
CA VAL A 35 1.52 -6.41 -7.75
C VAL A 35 1.22 -7.83 -7.25
N GLU A 36 1.60 -8.12 -6.01
CA GLU A 36 1.25 -9.33 -5.32
C GLU A 36 0.49 -8.94 -4.06
N LEU A 37 0.92 -7.96 -3.27
CA LEU A 37 0.24 -7.61 -2.04
C LEU A 37 -1.10 -7.01 -2.36
N LEU A 38 -1.31 -6.41 -3.55
CA LEU A 38 -2.61 -5.87 -3.88
C LEU A 38 -3.57 -7.00 -4.24
N VAL A 39 -3.03 -8.04 -4.85
CA VAL A 39 -3.74 -9.18 -5.43
C VAL A 39 -4.23 -10.05 -4.30
N SER A 40 -3.33 -10.28 -3.37
CA SER A 40 -3.50 -10.88 -2.08
C SER A 40 -4.44 -10.01 -1.25
N ALA A 41 -4.26 -8.69 -1.22
CA ALA A 41 -5.12 -7.84 -0.39
C ALA A 41 -6.49 -7.58 -1.03
N GLY A 42 -6.68 -7.92 -2.32
CA GLY A 42 -8.00 -7.95 -2.94
C GLY A 42 -8.39 -6.62 -3.53
N ILE A 43 -7.39 -5.83 -3.92
CA ILE A 43 -7.51 -4.52 -4.53
C ILE A 43 -7.88 -4.80 -6.00
N SER A 44 -7.24 -5.79 -6.64
CA SER A 44 -7.66 -6.38 -7.92
C SER A 44 -7.06 -7.78 -7.99
N PRO A 45 -7.82 -8.85 -7.72
CA PRO A 45 -7.26 -10.20 -7.60
C PRO A 45 -6.97 -10.86 -8.95
N SER A 46 -7.51 -10.32 -10.04
CA SER A 46 -7.37 -10.92 -11.35
C SER A 46 -6.01 -10.47 -11.86
N LYS A 47 -5.01 -11.36 -11.93
CA LYS A 47 -3.61 -10.98 -12.08
C LYS A 47 -3.32 -9.98 -13.21
N ARG A 48 -4.02 -10.02 -14.36
CA ARG A 48 -3.85 -8.98 -15.41
C ARG A 48 -4.39 -7.64 -14.91
N GLN A 49 -5.60 -7.66 -14.34
CA GLN A 49 -6.20 -6.46 -13.77
C GLN A 49 -5.24 -5.91 -12.73
N ALA A 50 -4.76 -6.77 -11.83
CA ALA A 50 -3.80 -6.45 -10.79
C ALA A 50 -2.58 -5.75 -11.37
N ARG A 51 -2.05 -6.32 -12.44
CA ARG A 51 -0.87 -5.78 -13.07
C ARG A 51 -1.11 -4.40 -13.57
N GLU A 52 -2.28 -4.09 -14.16
CA GLU A 52 -2.50 -2.66 -14.47
C GLU A 52 -2.89 -1.85 -13.25
N ASP A 53 -3.48 -2.48 -12.24
CA ASP A 53 -3.79 -1.83 -10.98
C ASP A 53 -2.57 -1.44 -10.22
N ILE A 54 -1.41 -2.03 -10.56
CA ILE A 54 -0.13 -1.55 -10.17
C ILE A 54 0.43 -0.65 -11.22
N GLN A 55 0.49 -1.04 -12.50
CA GLN A 55 1.30 -0.36 -13.49
C GLN A 55 0.74 1.02 -13.79
N ASN A 56 -0.49 1.31 -13.35
CA ASN A 56 -1.04 2.64 -13.51
C ASN A 56 -0.63 3.53 -12.37
N GLY A 57 -0.17 4.73 -12.70
CA GLY A 57 0.07 5.80 -11.74
C GLY A 57 -1.21 6.35 -11.10
N ALA A 58 -2.32 5.64 -11.16
CA ALA A 58 -3.46 5.91 -10.32
C ALA A 58 -3.43 5.04 -9.05
N ILE A 59 -2.45 4.15 -8.86
CA ILE A 59 -2.15 3.56 -7.57
C ILE A 59 -1.15 4.54 -6.96
N TYR A 60 -1.75 5.51 -6.28
CA TYR A 60 -1.06 6.40 -5.39
C TYR A 60 -0.86 5.60 -4.13
N VAL A 61 0.34 5.11 -3.90
CA VAL A 61 0.62 4.40 -2.67
C VAL A 61 0.80 5.53 -1.68
N ASN A 62 0.26 5.44 -0.48
CA ASN A 62 0.41 6.37 0.64
C ASN A 62 -0.44 7.61 0.38
N GLY A 63 -0.20 8.21 -0.77
CA GLY A 63 -0.83 9.33 -1.42
C GLY A 63 -0.06 9.75 -2.69
N GLU A 64 0.99 9.03 -3.10
CA GLU A 64 1.95 9.40 -4.13
C GLU A 64 1.94 8.31 -5.21
N ARG A 65 1.79 8.71 -6.47
CA ARG A 65 1.69 7.84 -7.64
C ARG A 65 2.95 6.98 -7.73
N LEU A 66 2.87 5.68 -7.43
CA LEU A 66 4.03 4.79 -7.46
C LEU A 66 3.54 3.43 -7.95
N GLN A 67 3.96 3.05 -9.16
CA GLN A 67 3.48 1.92 -9.95
C GLN A 67 4.61 0.94 -10.31
N ASP A 68 5.74 1.02 -9.62
CA ASP A 68 6.97 0.28 -9.92
C ASP A 68 7.32 -0.60 -8.73
N VAL A 69 7.81 -1.81 -8.99
CA VAL A 69 8.25 -2.78 -7.99
C VAL A 69 9.35 -2.17 -7.11
N GLY A 70 10.29 -1.47 -7.72
CA GLY A 70 11.36 -0.80 -6.98
C GLY A 70 10.89 0.43 -6.22
N ALA A 71 9.65 0.86 -6.45
CA ALA A 71 9.03 1.89 -5.64
C ALA A 71 8.40 1.26 -4.41
N ILE A 72 7.66 0.14 -4.53
CA ILE A 72 7.04 -0.47 -3.37
C ILE A 72 7.09 -2.00 -3.39
N LEU A 73 7.59 -2.57 -2.29
CA LEU A 73 7.44 -3.95 -1.94
C LEU A 73 6.62 -3.87 -0.64
N THR A 74 7.25 -3.85 0.51
CA THR A 74 6.58 -3.86 1.82
C THR A 74 6.55 -2.51 2.51
N ALA A 75 6.04 -2.48 3.74
CA ALA A 75 5.94 -1.28 4.53
C ALA A 75 7.26 -0.56 4.76
N GLU A 76 8.36 -1.27 5.06
CA GLU A 76 9.67 -0.62 5.25
C GLU A 76 10.35 -0.37 3.91
N HIS A 77 9.77 -0.86 2.82
CA HIS A 77 10.14 -0.44 1.49
C HIS A 77 9.43 0.88 1.15
N ARG A 78 8.45 1.33 1.94
CA ARG A 78 7.65 2.51 1.62
C ARG A 78 7.86 3.58 2.68
N LEU A 79 7.34 3.37 3.89
CA LEU A 79 7.46 4.20 5.07
C LEU A 79 8.67 3.75 5.88
N GLU A 80 8.78 4.26 7.10
CA GLU A 80 9.67 3.80 8.17
C GLU A 80 9.57 2.30 8.49
N GLY A 81 8.58 1.57 7.96
CA GLY A 81 8.36 0.16 8.24
C GLY A 81 7.29 -0.07 9.28
N ARG A 82 6.02 0.17 8.92
CA ARG A 82 4.88 -0.14 9.77
C ARG A 82 3.72 -0.67 8.93
N PHE A 83 3.15 0.17 8.07
CA PHE A 83 1.98 -0.12 7.24
C PHE A 83 2.28 0.35 5.82
N THR A 84 1.30 0.39 4.93
CA THR A 84 1.32 1.09 3.66
C THR A 84 -0.14 1.32 3.28
N VAL A 85 -0.43 2.33 2.46
CA VAL A 85 -1.77 2.62 1.97
C VAL A 85 -1.71 2.55 0.45
N ILE A 86 -2.82 2.20 -0.19
CA ILE A 86 -2.89 1.88 -1.60
C ILE A 86 -4.10 2.59 -2.16
N ARG A 87 -3.91 3.75 -2.76
CA ARG A 87 -5.03 4.53 -3.26
C ARG A 87 -5.08 4.24 -4.72
N ARG A 88 -5.68 3.11 -5.11
CA ARG A 88 -5.94 2.87 -6.51
C ARG A 88 -7.18 3.70 -6.84
N GLY A 89 -7.06 4.66 -7.74
CA GLY A 89 -8.16 5.46 -8.28
C GLY A 89 -9.36 4.59 -8.66
N LYS A 90 -9.11 3.53 -9.43
CA LYS A 90 -10.10 2.53 -9.85
C LYS A 90 -10.76 1.74 -8.72
N LYS A 91 -10.41 1.93 -7.44
CA LYS A 91 -11.22 1.45 -6.32
C LYS A 91 -11.09 2.42 -5.15
N LYS A 92 -10.22 2.20 -4.17
CA LYS A 92 -10.15 2.96 -2.95
C LYS A 92 -8.73 2.90 -2.39
N TYR A 93 -8.61 3.25 -1.11
CA TYR A 93 -7.39 3.47 -0.36
C TYR A 93 -7.16 2.32 0.63
N TYR A 94 -6.73 1.16 0.14
CA TYR A 94 -6.67 0.00 1.01
C TYR A 94 -5.43 0.09 1.89
N LEU A 95 -5.42 -0.73 2.93
CA LEU A 95 -4.44 -0.73 3.99
C LEU A 95 -3.69 -2.04 3.94
N ILE A 96 -2.37 -1.95 4.05
CA ILE A 96 -1.46 -3.08 3.91
C ILE A 96 -0.57 -3.06 5.15
N ARG A 97 -0.37 -4.20 5.78
CA ARG A 97 0.63 -4.42 6.81
C ARG A 97 1.31 -5.77 6.65
N TYR A 98 2.32 -5.99 7.49
CA TYR A 98 2.88 -7.28 7.75
C TYR A 98 2.70 -7.65 9.22
N ALA A 99 2.84 -8.93 9.50
CA ALA A 99 2.82 -9.59 10.77
C ALA A 99 4.06 -10.47 10.87
N ALA A 1 4.34 5.86 17.73
CA ALA A 1 4.95 5.74 16.40
C ALA A 1 4.99 7.11 15.74
N LEU A 2 6.17 7.73 15.62
CA LEU A 2 6.37 8.95 14.84
C LEU A 2 7.85 9.00 14.46
N PHE A 3 8.19 8.54 13.25
CA PHE A 3 9.50 8.79 12.65
C PHE A 3 9.29 9.77 11.50
N SER A 4 10.35 10.47 11.09
CA SER A 4 10.26 11.67 10.26
C SER A 4 11.09 11.57 8.97
N GLY A 5 10.94 12.56 8.10
CA GLY A 5 11.58 12.64 6.79
C GLY A 5 10.66 12.01 5.74
N ASP A 6 10.15 10.82 6.02
CA ASP A 6 9.19 10.16 5.16
C ASP A 6 7.80 10.76 5.38
N ILE A 7 6.83 10.10 4.77
CA ILE A 7 5.38 10.16 4.91
C ILE A 7 4.93 9.96 6.37
N ALA A 8 5.31 10.88 7.25
CA ALA A 8 4.94 10.94 8.66
C ALA A 8 3.49 11.40 8.85
N ASN A 9 2.82 11.75 7.74
CA ASN A 9 1.39 11.97 7.68
C ASN A 9 0.67 10.62 7.61
N LEU A 10 1.38 9.58 7.18
CA LEU A 10 0.95 8.19 7.28
C LEU A 10 1.66 7.60 8.49
N THR A 11 1.22 7.97 9.70
CA THR A 11 1.56 7.24 10.92
C THR A 11 0.60 6.06 11.03
N ALA A 12 0.89 5.09 11.90
CA ALA A 12 0.19 3.81 11.94
C ALA A 12 -1.23 3.95 12.44
N ALA A 13 -1.44 4.70 13.52
CA ALA A 13 -2.80 4.98 13.96
C ALA A 13 -3.50 5.83 12.91
N GLU A 14 -2.75 6.71 12.24
CA GLU A 14 -3.28 7.64 11.28
C GLU A 14 -3.63 6.92 9.99
N ILE A 15 -3.00 5.78 9.72
CA ILE A 15 -3.26 4.92 8.61
C ILE A 15 -4.51 4.13 8.92
N GLU A 16 -4.51 3.40 10.03
CA GLU A 16 -5.69 2.62 10.38
C GLU A 16 -6.94 3.46 10.38
N GLN A 17 -6.90 4.65 10.98
CA GLN A 17 -8.06 5.50 11.15
C GLN A 17 -8.21 6.47 9.98
N GLY A 18 -7.15 6.69 9.22
CA GLY A 18 -7.18 7.42 7.97
C GLY A 18 -7.90 6.61 6.93
N PHE A 19 -7.69 5.30 6.93
CA PHE A 19 -8.07 4.51 5.76
C PHE A 19 -9.11 3.46 6.13
N LYS A 20 -9.71 3.61 7.32
CA LYS A 20 -10.81 2.80 7.85
C LYS A 20 -12.08 2.78 6.99
N ASP A 21 -12.11 3.48 5.85
CA ASP A 21 -13.26 3.44 4.92
C ASP A 21 -13.24 2.18 4.05
N VAL A 22 -12.08 1.55 3.94
CA VAL A 22 -11.83 0.31 3.20
C VAL A 22 -11.12 -0.62 4.20
N PRO A 23 -11.11 -1.94 4.00
CA PRO A 23 -10.51 -2.85 4.96
C PRO A 23 -8.99 -2.87 4.79
N SER A 24 -8.34 -3.61 5.66
CA SER A 24 -6.93 -3.90 5.59
C SER A 24 -6.69 -5.38 5.30
N PHE A 25 -5.46 -5.70 4.93
CA PHE A 25 -4.89 -7.02 4.78
C PHE A 25 -3.56 -7.02 5.54
N VAL A 26 -3.07 -8.19 5.94
CA VAL A 26 -1.83 -8.36 6.64
C VAL A 26 -1.10 -9.52 6.00
N HIS A 27 0.20 -9.43 5.76
CA HIS A 27 1.00 -10.63 5.48
C HIS A 27 2.22 -10.75 6.37
N GLU A 28 3.08 -11.72 6.08
CA GLU A 28 4.12 -12.23 6.97
C GLU A 28 5.38 -11.35 7.04
N GLY A 29 5.32 -10.18 6.39
CA GLY A 29 6.45 -9.29 6.17
C GLY A 29 7.44 -9.91 5.18
N GLY A 30 8.59 -9.25 5.00
CA GLY A 30 9.60 -9.65 4.02
C GLY A 30 9.20 -9.14 2.64
N ASP A 31 10.15 -8.57 1.90
CA ASP A 31 9.86 -7.81 0.68
C ASP A 31 9.00 -8.60 -0.31
N VAL A 32 7.98 -7.95 -0.84
CA VAL A 32 6.90 -8.59 -1.58
C VAL A 32 6.32 -7.48 -2.45
N PRO A 33 6.13 -7.75 -3.74
CA PRO A 33 5.85 -6.71 -4.71
C PRO A 33 4.43 -6.20 -4.57
N LEU A 34 4.29 -4.92 -4.94
CA LEU A 34 3.02 -4.23 -5.01
C LEU A 34 1.94 -5.11 -5.69
N VAL A 35 2.31 -5.81 -6.76
CA VAL A 35 1.45 -6.63 -7.62
C VAL A 35 1.12 -8.01 -7.07
N GLU A 36 1.70 -8.41 -5.96
CA GLU A 36 1.24 -9.56 -5.21
C GLU A 36 0.51 -9.08 -3.96
N LEU A 37 0.91 -8.00 -3.30
CA LEU A 37 0.26 -7.63 -2.05
C LEU A 37 -1.09 -7.01 -2.36
N LEU A 38 -1.33 -6.49 -3.57
CA LEU A 38 -2.64 -6.02 -3.94
C LEU A 38 -3.54 -7.21 -4.28
N VAL A 39 -2.97 -8.29 -4.79
CA VAL A 39 -3.67 -9.47 -5.30
C VAL A 39 -4.18 -10.22 -4.08
N SER A 40 -3.27 -10.40 -3.13
CA SER A 40 -3.51 -10.93 -1.81
C SER A 40 -4.48 -10.00 -1.06
N ALA A 41 -4.24 -8.67 -1.08
CA ALA A 41 -5.09 -7.79 -0.31
C ALA A 41 -6.43 -7.51 -1.00
N GLY A 42 -6.60 -7.89 -2.27
CA GLY A 42 -7.91 -7.94 -2.91
C GLY A 42 -8.30 -6.57 -3.45
N ILE A 43 -7.28 -5.84 -3.92
CA ILE A 43 -7.37 -4.58 -4.62
C ILE A 43 -7.74 -4.99 -6.05
N SER A 44 -7.00 -5.92 -6.64
CA SER A 44 -7.36 -6.57 -7.90
C SER A 44 -6.74 -7.96 -7.87
N PRO A 45 -7.52 -9.04 -7.67
CA PRO A 45 -6.98 -10.40 -7.60
C PRO A 45 -6.80 -11.06 -8.98
N SER A 46 -7.35 -10.48 -10.03
CA SER A 46 -7.29 -11.02 -11.39
C SER A 46 -6.00 -10.50 -12.01
N LYS A 47 -5.03 -11.35 -12.36
CA LYS A 47 -3.65 -10.92 -12.67
C LYS A 47 -3.53 -9.81 -13.71
N ARG A 48 -4.38 -9.74 -14.75
CA ARG A 48 -4.36 -8.58 -15.67
C ARG A 48 -4.71 -7.32 -14.88
N GLN A 49 -5.86 -7.35 -14.21
CA GLN A 49 -6.35 -6.23 -13.45
C GLN A 49 -5.30 -5.85 -12.41
N ALA A 50 -4.75 -6.80 -11.66
CA ALA A 50 -3.67 -6.60 -10.70
C ALA A 50 -2.54 -5.80 -11.31
N ARG A 51 -1.98 -6.33 -12.40
CA ARG A 51 -0.77 -5.76 -12.96
C ARG A 51 -1.04 -4.38 -13.52
N GLU A 52 -2.25 -4.06 -13.97
CA GLU A 52 -2.54 -2.69 -14.36
C GLU A 52 -2.91 -1.82 -13.16
N ASP A 53 -3.58 -2.38 -12.16
CA ASP A 53 -3.89 -1.69 -10.92
C ASP A 53 -2.62 -1.37 -10.17
N ILE A 54 -1.51 -2.01 -10.53
CA ILE A 54 -0.18 -1.64 -10.11
C ILE A 54 0.46 -0.71 -11.10
N GLN A 55 0.55 -1.04 -12.39
CA GLN A 55 1.33 -0.27 -13.35
C GLN A 55 0.69 1.07 -13.66
N ASN A 56 -0.52 1.32 -13.15
CA ASN A 56 -1.12 2.62 -13.31
C ASN A 56 -0.59 3.63 -12.33
N GLY A 57 -0.32 4.83 -12.84
CA GLY A 57 -0.04 6.01 -12.05
C GLY A 57 -1.30 6.57 -11.39
N ALA A 58 -2.21 5.68 -11.03
CA ALA A 58 -3.35 5.91 -10.18
C ALA A 58 -3.32 5.02 -8.94
N ILE A 59 -2.31 4.17 -8.73
CA ILE A 59 -2.05 3.56 -7.43
C ILE A 59 -1.06 4.49 -6.73
N TYR A 60 -1.63 5.33 -5.87
CA TYR A 60 -0.96 6.25 -4.99
C TYR A 60 -0.67 5.52 -3.68
N VAL A 61 0.59 5.15 -3.45
CA VAL A 61 1.01 4.55 -2.20
C VAL A 61 1.40 5.66 -1.27
N ASN A 62 0.89 5.65 -0.04
CA ASN A 62 1.10 6.75 0.89
C ASN A 62 0.60 8.09 0.31
N GLY A 63 -0.25 8.05 -0.71
CA GLY A 63 -0.71 9.22 -1.44
C GLY A 63 0.25 9.68 -2.54
N GLU A 64 1.27 8.89 -2.91
CA GLU A 64 2.26 9.19 -3.93
C GLU A 64 2.18 8.14 -5.03
N ARG A 65 1.95 8.57 -6.27
CA ARG A 65 1.80 7.67 -7.41
C ARG A 65 3.08 6.87 -7.60
N LEU A 66 3.01 5.56 -7.37
CA LEU A 66 4.17 4.66 -7.37
C LEU A 66 3.65 3.33 -7.95
N GLN A 67 4.05 2.99 -9.18
CA GLN A 67 3.44 1.96 -10.03
C GLN A 67 4.45 0.99 -10.64
N ASP A 68 5.55 0.70 -9.93
CA ASP A 68 6.60 -0.16 -10.46
C ASP A 68 7.18 -1.05 -9.36
N VAL A 69 7.79 -2.18 -9.74
CA VAL A 69 8.67 -2.93 -8.85
C VAL A 69 9.84 -2.01 -8.51
N GLY A 70 10.23 -2.03 -7.25
CA GLY A 70 11.23 -1.12 -6.72
C GLY A 70 10.70 0.28 -6.43
N ALA A 71 9.47 0.58 -6.84
CA ALA A 71 8.74 1.72 -6.34
C ALA A 71 8.23 1.36 -4.94
N ILE A 72 7.51 0.23 -4.78
CA ILE A 72 7.15 -0.32 -3.48
C ILE A 72 7.29 -1.85 -3.50
N LEU A 73 7.70 -2.42 -2.38
CA LEU A 73 7.60 -3.82 -2.04
C LEU A 73 6.84 -3.78 -0.71
N THR A 74 7.52 -3.74 0.43
CA THR A 74 6.93 -3.81 1.76
C THR A 74 6.77 -2.45 2.43
N ALA A 75 6.31 -2.45 3.70
CA ALA A 75 6.21 -1.24 4.48
C ALA A 75 7.54 -0.54 4.62
N GLU A 76 8.61 -1.29 4.86
CA GLU A 76 9.94 -0.73 5.07
C GLU A 76 10.56 -0.27 3.76
N HIS A 77 9.90 -0.59 2.64
CA HIS A 77 10.20 -0.08 1.33
C HIS A 77 9.34 1.17 1.03
N ARG A 78 8.41 1.58 1.91
CA ARG A 78 7.64 2.81 1.72
C ARG A 78 7.88 3.75 2.89
N LEU A 79 7.46 3.38 4.09
CA LEU A 79 7.77 4.06 5.33
C LEU A 79 9.04 3.47 5.92
N GLU A 80 9.34 3.91 7.14
CA GLU A 80 10.33 3.33 8.06
C GLU A 80 10.18 1.82 8.26
N GLY A 81 9.02 1.24 7.93
CA GLY A 81 8.68 -0.15 8.16
C GLY A 81 7.68 -0.29 9.28
N ARG A 82 6.39 -0.06 8.97
CA ARG A 82 5.29 -0.48 9.83
C ARG A 82 4.08 -0.93 9.01
N PHE A 83 3.49 -0.02 8.23
CA PHE A 83 2.24 -0.19 7.48
C PHE A 83 2.47 0.30 6.05
N THR A 84 1.44 0.36 5.21
CA THR A 84 1.41 1.08 3.94
C THR A 84 -0.08 1.26 3.56
N VAL A 85 -0.39 2.17 2.63
CA VAL A 85 -1.74 2.41 2.11
C VAL A 85 -1.65 2.48 0.60
N ILE A 86 -2.67 1.96 -0.09
CA ILE A 86 -2.77 1.77 -1.52
C ILE A 86 -4.03 2.47 -1.97
N ARG A 87 -3.93 3.69 -2.50
CA ARG A 87 -5.08 4.40 -3.05
C ARG A 87 -5.07 4.14 -4.54
N ARG A 88 -5.64 3.01 -4.98
CA ARG A 88 -5.83 2.76 -6.40
C ARG A 88 -7.10 3.48 -6.81
N GLY A 89 -6.99 4.50 -7.67
CA GLY A 89 -8.12 5.27 -8.18
C GLY A 89 -9.16 4.46 -8.98
N LYS A 90 -9.01 3.15 -9.13
CA LYS A 90 -10.06 2.25 -9.61
C LYS A 90 -11.16 2.14 -8.56
N LYS A 91 -10.79 1.94 -7.28
CA LYS A 91 -11.71 1.90 -6.15
C LYS A 91 -11.25 2.91 -5.10
N LYS A 92 -10.40 2.54 -4.15
CA LYS A 92 -10.18 3.31 -2.95
C LYS A 92 -8.78 3.01 -2.39
N TYR A 93 -8.63 3.32 -1.10
CA TYR A 93 -7.46 3.27 -0.24
C TYR A 93 -7.51 2.00 0.59
N TYR A 94 -7.04 0.91 0.03
CA TYR A 94 -6.90 -0.31 0.76
C TYR A 94 -5.63 -0.17 1.58
N LEU A 95 -5.56 -0.97 2.62
CA LEU A 95 -4.62 -0.76 3.70
C LEU A 95 -3.84 -2.05 3.87
N ILE A 96 -2.53 -1.92 3.90
CA ILE A 96 -1.61 -3.03 3.81
C ILE A 96 -0.79 -3.01 5.09
N ARG A 97 -0.83 -4.11 5.83
CA ARG A 97 -0.06 -4.31 7.01
C ARG A 97 0.69 -5.64 6.95
N TYR A 98 1.56 -5.83 7.93
CA TYR A 98 2.59 -6.80 7.95
C TYR A 98 2.70 -7.30 9.37
N ALA A 99 3.26 -8.48 9.49
CA ALA A 99 3.71 -9.15 10.70
C ALA A 99 4.88 -8.41 11.36
N ALA A 1 0.87 4.96 17.62
CA ALA A 1 2.20 4.97 18.22
C ALA A 1 3.03 6.08 17.60
N LEU A 2 3.83 6.75 18.44
CA LEU A 2 4.74 7.82 18.09
C LEU A 2 5.82 7.28 17.14
N PHE A 3 5.61 7.40 15.84
CA PHE A 3 6.54 6.96 14.80
C PHE A 3 6.15 7.68 13.49
N SER A 4 6.61 7.20 12.34
CA SER A 4 6.40 7.79 11.03
C SER A 4 6.99 9.19 10.96
N GLY A 5 8.32 9.23 10.95
CA GLY A 5 9.09 10.42 10.61
C GLY A 5 8.84 10.85 9.16
N ASP A 6 8.42 9.93 8.30
CA ASP A 6 8.19 10.18 6.87
C ASP A 6 6.86 10.89 6.78
N ILE A 7 5.78 10.13 6.86
CA ILE A 7 4.43 10.55 6.63
C ILE A 7 3.80 11.03 7.92
N ALA A 8 4.26 12.17 8.37
CA ALA A 8 3.65 12.99 9.41
C ALA A 8 2.33 13.64 8.94
N ASN A 9 1.81 13.29 7.76
CA ASN A 9 0.45 13.58 7.33
C ASN A 9 -0.42 12.33 7.56
N LEU A 10 0.21 11.18 7.78
CA LEU A 10 -0.47 9.90 7.85
C LEU A 10 0.39 8.88 8.60
N THR A 11 0.37 8.94 9.93
CA THR A 11 1.13 8.11 10.85
C THR A 11 0.42 6.76 10.93
N ALA A 12 0.96 5.77 11.63
CA ALA A 12 0.39 4.41 11.69
C ALA A 12 -0.97 4.40 12.36
N ALA A 13 -1.11 5.01 13.53
CA ALA A 13 -2.41 5.14 14.18
C ALA A 13 -3.37 5.98 13.32
N GLU A 14 -2.82 6.94 12.59
CA GLU A 14 -3.54 7.87 11.73
C GLU A 14 -4.04 7.12 10.50
N ILE A 15 -3.24 6.21 9.99
CA ILE A 15 -3.53 5.36 8.86
C ILE A 15 -4.60 4.39 9.31
N GLU A 16 -4.48 3.78 10.48
CA GLU A 16 -5.55 2.93 10.96
C GLU A 16 -6.91 3.65 10.99
N GLN A 17 -7.04 4.77 11.71
CA GLN A 17 -8.35 5.42 11.81
C GLN A 17 -8.69 6.07 10.47
N GLY A 18 -7.66 6.50 9.74
CA GLY A 18 -7.74 7.26 8.53
C GLY A 18 -8.30 6.42 7.41
N PHE A 19 -8.08 5.11 7.48
CA PHE A 19 -8.44 4.20 6.40
C PHE A 19 -9.49 3.18 6.84
N LYS A 20 -9.91 3.18 8.11
CA LYS A 20 -10.88 2.24 8.71
C LYS A 20 -12.28 2.18 8.05
N ASP A 21 -12.55 2.98 7.02
CA ASP A 21 -13.76 2.87 6.20
C ASP A 21 -13.66 1.72 5.19
N VAL A 22 -12.45 1.20 4.99
CA VAL A 22 -12.09 -0.02 4.30
C VAL A 22 -11.21 -0.82 5.29
N PRO A 23 -11.08 -2.15 5.15
CA PRO A 23 -10.17 -2.90 5.99
C PRO A 23 -8.78 -2.92 5.36
N SER A 24 -7.84 -3.53 6.07
CA SER A 24 -6.46 -3.67 5.64
C SER A 24 -6.21 -5.12 5.22
N PHE A 25 -5.01 -5.40 4.75
CA PHE A 25 -4.49 -6.75 4.63
C PHE A 25 -3.20 -6.84 5.40
N VAL A 26 -2.81 -8.05 5.81
CA VAL A 26 -1.59 -8.33 6.52
C VAL A 26 -0.96 -9.58 5.91
N HIS A 27 0.35 -9.56 5.65
CA HIS A 27 1.12 -10.78 5.41
C HIS A 27 2.30 -10.91 6.37
N GLU A 28 3.11 -11.93 6.23
CA GLU A 28 4.07 -12.39 7.25
C GLU A 28 5.45 -11.73 7.14
N GLY A 29 5.53 -10.43 6.84
CA GLY A 29 6.78 -9.73 6.53
C GLY A 29 7.56 -10.37 5.39
N GLY A 30 8.77 -9.87 5.08
CA GLY A 30 9.51 -10.29 3.90
C GLY A 30 8.88 -9.69 2.63
N ASP A 31 9.71 -9.10 1.78
CA ASP A 31 9.27 -8.26 0.68
C ASP A 31 8.45 -9.00 -0.38
N VAL A 32 7.50 -8.29 -0.99
CA VAL A 32 6.50 -8.85 -1.90
C VAL A 32 6.07 -7.76 -2.87
N PRO A 33 5.94 -8.06 -4.17
CA PRO A 33 5.67 -7.06 -5.19
C PRO A 33 4.31 -6.42 -5.00
N LEU A 34 4.20 -5.12 -5.32
CA LEU A 34 2.92 -4.43 -5.38
C LEU A 34 1.81 -5.27 -6.08
N VAL A 35 2.16 -5.99 -7.15
CA VAL A 35 1.24 -6.79 -7.96
C VAL A 35 0.85 -8.14 -7.33
N GLU A 36 1.54 -8.60 -6.27
CA GLU A 36 1.05 -9.71 -5.47
C GLU A 36 0.40 -9.17 -4.19
N LEU A 37 0.84 -8.05 -3.59
CA LEU A 37 0.28 -7.62 -2.31
C LEU A 37 -1.10 -7.08 -2.56
N LEU A 38 -1.41 -6.50 -3.73
CA LEU A 38 -2.75 -6.00 -3.97
C LEU A 38 -3.69 -7.17 -4.27
N VAL A 39 -3.16 -8.22 -4.87
CA VAL A 39 -3.87 -9.42 -5.31
C VAL A 39 -4.23 -10.20 -4.06
N SER A 40 -3.26 -10.35 -3.18
CA SER A 40 -3.32 -10.96 -1.88
C SER A 40 -4.23 -10.11 -1.00
N ALA A 41 -4.12 -8.77 -1.09
CA ALA A 41 -4.94 -7.91 -0.24
C ALA A 41 -6.37 -7.72 -0.75
N GLY A 42 -6.63 -7.99 -2.04
CA GLY A 42 -7.98 -8.06 -2.58
C GLY A 42 -8.43 -6.74 -3.19
N ILE A 43 -7.46 -5.98 -3.68
CA ILE A 43 -7.66 -4.72 -4.38
C ILE A 43 -8.08 -5.14 -5.80
N SER A 44 -7.39 -6.09 -6.45
CA SER A 44 -7.77 -6.65 -7.74
C SER A 44 -7.15 -8.03 -7.82
N PRO A 45 -7.92 -9.12 -7.83
CA PRO A 45 -7.36 -10.47 -7.84
C PRO A 45 -6.95 -10.95 -9.23
N SER A 46 -7.45 -10.30 -10.28
CA SER A 46 -7.35 -10.85 -11.63
C SER A 46 -5.99 -10.40 -12.14
N LYS A 47 -5.07 -11.33 -12.41
CA LYS A 47 -3.66 -10.99 -12.58
C LYS A 47 -3.38 -9.92 -13.62
N ARG A 48 -4.10 -9.86 -14.74
CA ARG A 48 -3.94 -8.80 -15.73
C ARG A 48 -4.43 -7.47 -15.17
N GLN A 49 -5.58 -7.49 -14.49
CA GLN A 49 -6.14 -6.29 -13.90
C GLN A 49 -5.18 -5.75 -12.88
N ALA A 50 -4.76 -6.63 -11.97
CA ALA A 50 -3.81 -6.39 -10.93
C ALA A 50 -2.55 -5.75 -11.51
N ARG A 51 -2.00 -6.38 -12.55
CA ARG A 51 -0.81 -5.90 -13.22
C ARG A 51 -0.95 -4.47 -13.66
N GLU A 52 -2.05 -4.13 -14.31
CA GLU A 52 -2.18 -2.74 -14.78
C GLU A 52 -2.56 -1.80 -13.67
N ASP A 53 -3.33 -2.28 -12.70
CA ASP A 53 -3.69 -1.57 -11.51
C ASP A 53 -2.47 -1.25 -10.68
N ILE A 54 -1.37 -1.94 -10.93
CA ILE A 54 -0.07 -1.64 -10.40
C ILE A 54 0.71 -0.71 -11.29
N GLN A 55 0.93 -1.04 -12.57
CA GLN A 55 1.82 -0.27 -13.41
C GLN A 55 1.19 1.07 -13.80
N ASN A 56 -0.08 1.29 -13.46
CA ASN A 56 -0.64 2.61 -13.60
C ASN A 56 -0.23 3.51 -12.48
N GLY A 57 0.09 4.74 -12.85
CA GLY A 57 0.21 5.87 -11.96
C GLY A 57 -1.17 6.40 -11.57
N ALA A 58 -2.03 5.45 -11.22
CA ALA A 58 -3.30 5.59 -10.55
C ALA A 58 -3.35 4.69 -9.30
N ILE A 59 -2.22 4.10 -8.88
CA ILE A 59 -2.02 3.54 -7.56
C ILE A 59 -1.00 4.48 -6.89
N TYR A 60 -1.57 5.46 -6.20
CA TYR A 60 -0.89 6.43 -5.36
C TYR A 60 -0.64 5.78 -4.02
N VAL A 61 0.62 5.70 -3.60
CA VAL A 61 1.00 5.09 -2.33
C VAL A 61 1.58 6.14 -1.43
N ASN A 62 1.17 6.13 -0.16
CA ASN A 62 1.51 7.10 0.89
C ASN A 62 1.04 8.53 0.59
N GLY A 63 0.72 8.83 -0.66
CA GLY A 63 0.25 10.11 -1.15
C GLY A 63 0.59 10.34 -2.61
N GLU A 64 1.40 9.49 -3.26
CA GLU A 64 2.04 9.84 -4.52
C GLU A 64 2.15 8.62 -5.42
N ARG A 65 2.20 8.85 -6.72
CA ARG A 65 2.00 7.87 -7.77
C ARG A 65 3.17 6.90 -7.82
N LEU A 66 3.02 5.67 -7.35
CA LEU A 66 4.14 4.74 -7.23
C LEU A 66 3.70 3.38 -7.78
N GLN A 67 4.14 3.09 -9.01
CA GLN A 67 3.66 2.06 -9.91
C GLN A 67 4.79 1.19 -10.43
N ASP A 68 5.76 0.86 -9.58
CA ASP A 68 6.91 0.05 -9.96
C ASP A 68 7.27 -0.95 -8.85
N VAL A 69 7.76 -2.12 -9.22
CA VAL A 69 8.27 -3.12 -8.28
C VAL A 69 9.42 -2.54 -7.45
N GLY A 70 10.28 -1.71 -8.06
CA GLY A 70 11.36 -1.07 -7.32
C GLY A 70 10.87 0.09 -6.45
N ALA A 71 9.63 0.53 -6.63
CA ALA A 71 9.04 1.58 -5.82
C ALA A 71 8.65 1.01 -4.47
N ILE A 72 7.84 -0.07 -4.45
CA ILE A 72 7.18 -0.57 -3.26
C ILE A 72 7.10 -2.09 -3.31
N LEU A 73 7.51 -2.75 -2.23
CA LEU A 73 7.30 -4.15 -1.99
C LEU A 73 6.53 -4.25 -0.67
N THR A 74 7.19 -3.96 0.45
CA THR A 74 6.63 -4.07 1.79
C THR A 74 6.61 -2.74 2.52
N ALA A 75 6.09 -2.72 3.74
CA ALA A 75 5.96 -1.48 4.51
C ALA A 75 7.28 -0.78 4.76
N GLU A 76 8.38 -1.53 4.93
CA GLU A 76 9.70 -0.93 5.12
C GLU A 76 10.34 -0.56 3.78
N HIS A 77 9.75 -1.03 2.68
CA HIS A 77 10.05 -0.61 1.32
C HIS A 77 9.21 0.63 0.96
N ARG A 78 8.35 1.13 1.85
CA ARG A 78 7.60 2.35 1.62
C ARG A 78 8.05 3.35 2.69
N LEU A 79 7.53 3.21 3.90
CA LEU A 79 7.82 3.95 5.10
C LEU A 79 9.07 3.35 5.76
N GLU A 80 9.35 3.82 6.97
CA GLU A 80 10.23 3.26 8.00
C GLU A 80 10.03 1.77 8.33
N GLY A 81 8.94 1.17 7.84
CA GLY A 81 8.46 -0.14 8.22
C GLY A 81 7.40 -0.05 9.31
N ARG A 82 6.16 0.21 8.90
CA ARG A 82 4.97 0.00 9.72
C ARG A 82 3.91 -0.63 8.81
N PHE A 83 3.20 0.18 8.03
CA PHE A 83 2.14 -0.23 7.12
C PHE A 83 2.44 0.33 5.73
N THR A 84 1.45 0.39 4.83
CA THR A 84 1.53 1.08 3.56
C THR A 84 0.10 1.40 3.11
N VAL A 85 -0.09 2.60 2.56
CA VAL A 85 -1.38 3.18 2.23
C VAL A 85 -1.51 3.16 0.73
N ILE A 86 -2.43 2.38 0.19
CA ILE A 86 -2.70 2.27 -1.24
C ILE A 86 -3.85 3.22 -1.56
N ARG A 87 -3.79 3.92 -2.69
CA ARG A 87 -4.94 4.59 -3.28
C ARG A 87 -4.98 4.14 -4.74
N ARG A 88 -5.56 2.98 -5.01
CA ARG A 88 -5.82 2.51 -6.38
C ARG A 88 -7.06 3.25 -6.86
N GLY A 89 -6.91 4.37 -7.57
CA GLY A 89 -8.03 5.26 -7.93
C GLY A 89 -9.32 4.56 -8.39
N LYS A 90 -9.20 3.59 -9.31
CA LYS A 90 -10.32 2.86 -9.91
C LYS A 90 -11.04 1.93 -8.94
N LYS A 91 -10.38 1.53 -7.86
CA LYS A 91 -10.92 0.67 -6.83
C LYS A 91 -11.23 1.62 -5.68
N LYS A 92 -10.35 1.71 -4.68
CA LYS A 92 -10.42 2.68 -3.62
C LYS A 92 -9.03 2.82 -3.00
N TYR A 93 -9.03 3.39 -1.81
CA TYR A 93 -7.98 3.38 -0.86
C TYR A 93 -8.06 2.01 -0.20
N TYR A 94 -6.92 1.48 0.18
CA TYR A 94 -6.69 0.29 0.98
C TYR A 94 -5.47 0.53 1.86
N LEU A 95 -5.23 -0.45 2.73
CA LEU A 95 -4.17 -0.48 3.71
C LEU A 95 -3.55 -1.86 3.67
N ILE A 96 -2.23 -1.90 3.72
CA ILE A 96 -1.42 -3.08 3.57
C ILE A 96 -0.45 -3.05 4.74
N ARG A 97 -0.30 -4.15 5.47
CA ARG A 97 0.66 -4.30 6.53
C ARG A 97 1.32 -5.68 6.49
N TYR A 98 2.32 -5.86 7.34
CA TYR A 98 2.84 -7.13 7.69
C TYR A 98 2.58 -7.43 9.16
N ALA A 99 2.83 -8.68 9.55
CA ALA A 99 2.75 -9.24 10.89
C ALA A 99 3.70 -8.49 11.83
N ALA A 1 2.85 13.29 18.39
CA ALA A 1 2.18 12.46 17.39
C ALA A 1 2.35 11.00 17.82
N LEU A 2 2.16 10.04 16.91
CA LEU A 2 2.79 8.73 17.00
C LEU A 2 4.29 8.99 16.75
N PHE A 3 4.70 9.16 15.49
CA PHE A 3 6.02 9.67 15.10
C PHE A 3 5.84 10.61 13.90
N SER A 4 6.90 11.00 13.18
CA SER A 4 6.85 11.76 11.94
C SER A 4 8.13 11.50 11.13
N GLY A 5 8.18 11.99 9.89
CA GLY A 5 9.32 11.83 8.98
C GLY A 5 8.81 11.82 7.55
N ASP A 6 8.54 10.63 7.02
CA ASP A 6 8.10 10.44 5.64
C ASP A 6 6.64 10.79 5.56
N ILE A 7 5.86 10.00 6.28
CA ILE A 7 4.42 10.03 6.27
C ILE A 7 3.88 10.97 7.35
N ALA A 8 4.41 12.18 7.40
CA ALA A 8 4.06 13.15 8.43
C ALA A 8 2.60 13.59 8.35
N ASN A 9 1.95 13.33 7.22
CA ASN A 9 0.56 13.62 6.95
C ASN A 9 -0.31 12.42 7.31
N LEU A 10 0.30 11.24 7.47
CA LEU A 10 -0.39 9.96 7.55
C LEU A 10 0.46 8.96 8.33
N THR A 11 0.47 9.05 9.66
CA THR A 11 1.19 8.09 10.51
C THR A 11 0.37 6.80 10.62
N ALA A 12 0.86 5.81 11.34
CA ALA A 12 0.27 4.47 11.39
C ALA A 12 -1.09 4.51 12.06
N ALA A 13 -1.20 5.26 13.16
CA ALA A 13 -2.50 5.45 13.81
C ALA A 13 -3.43 6.21 12.87
N GLU A 14 -2.86 7.19 12.18
CA GLU A 14 -3.58 8.09 11.30
C GLU A 14 -3.94 7.37 9.99
N ILE A 15 -3.26 6.28 9.66
CA ILE A 15 -3.46 5.43 8.53
C ILE A 15 -4.59 4.48 8.88
N GLU A 16 -4.49 3.73 9.99
CA GLU A 16 -5.60 2.85 10.34
C GLU A 16 -6.92 3.62 10.46
N GLN A 17 -6.90 4.80 11.11
CA GLN A 17 -8.12 5.57 11.28
C GLN A 17 -8.44 6.30 9.98
N GLY A 18 -7.42 6.68 9.21
CA GLY A 18 -7.57 7.43 7.99
C GLY A 18 -8.24 6.57 6.92
N PHE A 19 -7.92 5.28 6.93
CA PHE A 19 -8.26 4.35 5.87
C PHE A 19 -9.15 3.24 6.41
N LYS A 20 -9.75 3.48 7.58
CA LYS A 20 -10.83 2.73 8.22
C LYS A 20 -12.10 2.60 7.35
N ASP A 21 -12.06 3.07 6.10
CA ASP A 21 -13.09 2.97 5.08
C ASP A 21 -13.11 1.57 4.46
N VAL A 22 -11.97 0.88 4.44
CA VAL A 22 -11.74 -0.40 3.81
C VAL A 22 -11.02 -1.28 4.82
N PRO A 23 -10.93 -2.60 4.59
CA PRO A 23 -10.05 -3.44 5.37
C PRO A 23 -8.61 -3.17 4.94
N SER A 24 -7.70 -3.79 5.69
CA SER A 24 -6.32 -3.89 5.32
C SER A 24 -6.03 -5.32 4.88
N PHE A 25 -4.80 -5.59 4.45
CA PHE A 25 -4.26 -6.92 4.33
C PHE A 25 -3.00 -6.96 5.17
N VAL A 26 -2.66 -8.13 5.66
CA VAL A 26 -1.50 -8.36 6.47
C VAL A 26 -0.86 -9.67 6.04
N HIS A 27 0.46 -9.67 5.87
CA HIS A 27 1.23 -10.91 5.79
C HIS A 27 2.28 -10.99 6.91
N GLU A 28 3.06 -12.05 6.92
CA GLU A 28 3.87 -12.53 8.03
C GLU A 28 5.23 -11.84 8.20
N GLY A 29 5.49 -10.80 7.40
CA GLY A 29 6.80 -10.18 7.18
C GLY A 29 7.32 -10.56 5.80
N GLY A 30 8.56 -10.15 5.48
CA GLY A 30 9.15 -10.33 4.17
C GLY A 30 8.79 -9.13 3.30
N ASP A 31 9.62 -8.88 2.30
CA ASP A 31 9.30 -8.03 1.15
C ASP A 31 8.73 -8.85 0.00
N VAL A 32 7.78 -8.24 -0.71
CA VAL A 32 6.86 -8.93 -1.62
C VAL A 32 6.32 -7.87 -2.58
N PRO A 33 6.22 -8.15 -3.88
CA PRO A 33 5.88 -7.13 -4.85
C PRO A 33 4.42 -6.69 -4.74
N LEU A 34 4.20 -5.41 -5.04
CA LEU A 34 2.87 -4.79 -5.05
C LEU A 34 1.81 -5.58 -5.85
N VAL A 35 2.20 -6.38 -6.85
CA VAL A 35 1.30 -7.35 -7.49
C VAL A 35 0.83 -8.41 -6.51
N GLU A 36 1.74 -9.20 -5.95
CA GLU A 36 1.34 -10.34 -5.14
C GLU A 36 0.63 -9.86 -3.89
N LEU A 37 1.05 -8.74 -3.29
CA LEU A 37 0.41 -8.30 -2.06
C LEU A 37 -0.88 -7.58 -2.38
N LEU A 38 -1.08 -6.99 -3.57
CA LEU A 38 -2.37 -6.38 -3.84
C LEU A 38 -3.40 -7.46 -4.12
N VAL A 39 -2.99 -8.51 -4.82
CA VAL A 39 -3.85 -9.59 -5.26
C VAL A 39 -4.20 -10.44 -4.05
N SER A 40 -3.22 -10.74 -3.19
CA SER A 40 -3.44 -11.37 -1.90
C SER A 40 -4.26 -10.45 -1.00
N ALA A 41 -4.10 -9.12 -1.13
CA ALA A 41 -4.90 -8.22 -0.31
C ALA A 41 -6.33 -8.08 -0.86
N GLY A 42 -6.56 -8.47 -2.11
CA GLY A 42 -7.89 -8.49 -2.69
C GLY A 42 -8.27 -7.11 -3.20
N ILE A 43 -7.25 -6.33 -3.58
CA ILE A 43 -7.39 -5.02 -4.15
C ILE A 43 -7.76 -5.26 -5.62
N SER A 44 -7.10 -6.19 -6.34
CA SER A 44 -7.50 -6.52 -7.71
C SER A 44 -6.97 -7.93 -8.00
N PRO A 45 -7.75 -8.98 -7.75
CA PRO A 45 -7.23 -10.35 -7.68
C PRO A 45 -6.89 -10.92 -9.06
N SER A 46 -7.38 -10.29 -10.12
CA SER A 46 -7.22 -10.80 -11.47
C SER A 46 -5.90 -10.24 -11.95
N LYS A 47 -4.83 -11.04 -12.01
CA LYS A 47 -3.46 -10.52 -12.19
C LYS A 47 -3.26 -9.58 -13.40
N ARG A 48 -4.10 -9.62 -14.43
CA ARG A 48 -4.13 -8.60 -15.48
C ARG A 48 -4.49 -7.23 -14.89
N GLN A 49 -5.69 -7.19 -14.31
CA GLN A 49 -6.29 -6.05 -13.65
C GLN A 49 -5.28 -5.55 -12.63
N ALA A 50 -4.74 -6.45 -11.80
CA ALA A 50 -3.69 -6.15 -10.86
C ALA A 50 -2.55 -5.39 -11.52
N ARG A 51 -1.92 -5.95 -12.56
CA ARG A 51 -0.76 -5.29 -13.15
C ARG A 51 -1.11 -3.97 -13.80
N GLU A 52 -2.34 -3.71 -14.24
CA GLU A 52 -2.65 -2.31 -14.59
C GLU A 52 -2.91 -1.47 -13.36
N ASP A 53 -3.59 -2.00 -12.37
CA ASP A 53 -3.85 -1.33 -11.10
C ASP A 53 -2.57 -0.91 -10.44
N ILE A 54 -1.47 -1.60 -10.75
CA ILE A 54 -0.16 -1.22 -10.32
C ILE A 54 0.38 -0.20 -11.28
N GLN A 55 0.47 -0.51 -12.57
CA GLN A 55 1.28 0.25 -13.49
C GLN A 55 0.64 1.55 -13.90
N ASN A 56 -0.60 1.82 -13.50
CA ASN A 56 -1.08 3.17 -13.60
C ASN A 56 -0.59 3.97 -12.41
N GLY A 57 -0.22 5.21 -12.68
CA GLY A 57 -0.04 6.26 -11.69
C GLY A 57 -1.31 6.58 -10.89
N ALA A 58 -2.36 5.77 -11.04
CA ALA A 58 -3.58 5.81 -10.27
C ALA A 58 -3.36 5.16 -8.91
N ILE A 59 -2.25 4.47 -8.65
CA ILE A 59 -1.92 3.95 -7.33
C ILE A 59 -0.88 4.83 -6.66
N TYR A 60 -1.44 5.76 -5.90
CA TYR A 60 -0.79 6.67 -5.02
C TYR A 60 -0.47 5.93 -3.73
N VAL A 61 0.77 5.48 -3.58
CA VAL A 61 1.21 4.84 -2.37
C VAL A 61 1.62 5.92 -1.40
N ASN A 62 1.18 5.83 -0.15
CA ASN A 62 1.49 6.84 0.88
C ASN A 62 0.94 8.23 0.48
N GLY A 63 0.04 8.29 -0.50
CA GLY A 63 -0.49 9.50 -1.09
C GLY A 63 0.20 9.90 -2.40
N GLU A 64 1.20 9.15 -2.87
CA GLU A 64 2.11 9.59 -3.92
C GLU A 64 2.24 8.50 -4.98
N ARG A 65 1.94 8.84 -6.23
CA ARG A 65 1.96 8.00 -7.41
C ARG A 65 3.23 7.17 -7.45
N LEU A 66 3.13 5.85 -7.27
CA LEU A 66 4.25 4.93 -7.39
C LEU A 66 3.71 3.62 -7.95
N GLN A 67 3.93 3.39 -9.24
CA GLN A 67 3.27 2.39 -10.08
C GLN A 67 4.26 1.32 -10.54
N ASP A 68 5.17 0.89 -9.65
CA ASP A 68 6.32 0.07 -10.02
C ASP A 68 6.72 -0.90 -8.90
N VAL A 69 7.34 -2.02 -9.26
CA VAL A 69 8.02 -2.97 -8.37
C VAL A 69 9.28 -2.34 -7.80
N GLY A 70 10.03 -1.62 -8.64
CA GLY A 70 11.16 -0.82 -8.20
C GLY A 70 10.76 0.42 -7.43
N ALA A 71 9.44 0.66 -7.28
CA ALA A 71 8.89 1.59 -6.33
C ALA A 71 8.56 0.91 -5.00
N ILE A 72 7.65 -0.09 -4.96
CA ILE A 72 7.26 -0.70 -3.70
C ILE A 72 7.14 -2.22 -3.78
N LEU A 73 7.75 -2.87 -2.79
CA LEU A 73 7.50 -4.25 -2.46
C LEU A 73 6.54 -4.12 -1.26
N THR A 74 7.02 -4.05 -0.01
CA THR A 74 6.19 -4.07 1.19
C THR A 74 6.17 -2.76 1.98
N ALA A 75 5.63 -2.82 3.20
CA ALA A 75 5.55 -1.74 4.13
C ALA A 75 6.89 -1.11 4.49
N GLU A 76 7.85 -1.89 4.98
CA GLU A 76 9.19 -1.38 5.28
C GLU A 76 9.96 -1.00 4.01
N HIS A 77 9.47 -1.44 2.85
CA HIS A 77 10.04 -1.01 1.58
C HIS A 77 9.49 0.38 1.22
N ARG A 78 8.41 0.84 1.87
CA ARG A 78 7.80 2.11 1.57
C ARG A 78 8.17 3.07 2.70
N LEU A 79 7.47 3.02 3.83
CA LEU A 79 7.67 3.86 4.98
C LEU A 79 8.67 3.18 5.91
N GLU A 80 9.03 3.91 6.96
CA GLU A 80 9.84 3.54 8.11
C GLU A 80 9.85 2.04 8.44
N GLY A 81 8.67 1.43 8.57
CA GLY A 81 8.50 0.06 9.00
C GLY A 81 7.17 -0.09 9.73
N ARG A 82 6.05 0.12 9.02
CA ARG A 82 4.72 -0.19 9.58
C ARG A 82 3.84 -0.79 8.49
N PHE A 83 3.23 0.06 7.67
CA PHE A 83 2.12 -0.27 6.79
C PHE A 83 2.40 0.22 5.37
N THR A 84 1.37 0.35 4.53
CA THR A 84 1.39 1.01 3.25
C THR A 84 -0.05 1.34 2.85
N VAL A 85 -0.30 2.63 2.66
CA VAL A 85 -1.54 3.17 2.14
C VAL A 85 -1.49 2.98 0.63
N ILE A 86 -2.58 2.50 0.05
CA ILE A 86 -2.77 2.26 -1.36
C ILE A 86 -3.94 3.11 -1.79
N ARG A 87 -3.73 4.29 -2.37
CA ARG A 87 -4.83 5.03 -2.96
C ARG A 87 -4.83 4.61 -4.41
N ARG A 88 -5.45 3.46 -4.68
CA ARG A 88 -5.68 2.84 -5.96
C ARG A 88 -6.95 3.50 -6.49
N GLY A 89 -6.82 4.51 -7.34
CA GLY A 89 -7.96 5.24 -7.89
C GLY A 89 -8.96 4.34 -8.61
N LYS A 90 -8.54 3.17 -9.09
CA LYS A 90 -9.43 2.16 -9.63
C LYS A 90 -10.48 1.70 -8.62
N LYS A 91 -10.18 1.66 -7.32
CA LYS A 91 -11.08 1.09 -6.31
C LYS A 91 -11.17 1.99 -5.06
N LYS A 92 -10.17 2.03 -4.18
CA LYS A 92 -10.25 2.71 -2.90
C LYS A 92 -8.84 2.98 -2.38
N TYR A 93 -8.82 3.48 -1.15
CA TYR A 93 -7.65 3.72 -0.33
C TYR A 93 -7.39 2.54 0.61
N TYR A 94 -6.86 1.43 0.10
CA TYR A 94 -6.65 0.23 0.90
C TYR A 94 -5.40 0.37 1.75
N LEU A 95 -5.24 -0.59 2.63
CA LEU A 95 -4.17 -0.65 3.60
C LEU A 95 -3.48 -2.00 3.48
N ILE A 96 -2.16 -2.01 3.54
CA ILE A 96 -1.29 -3.16 3.37
C ILE A 96 -0.32 -3.13 4.53
N ARG A 97 -0.10 -4.25 5.22
CA ARG A 97 0.84 -4.34 6.30
C ARG A 97 1.46 -5.73 6.43
N TYR A 98 2.43 -5.84 7.34
CA TYR A 98 2.89 -7.08 7.85
C TYR A 98 2.47 -7.20 9.31
N ALA A 99 2.66 -8.41 9.83
CA ALA A 99 2.53 -8.88 11.18
C ALA A 99 3.74 -9.74 11.45
N ALA A 1 12.23 7.38 14.61
CA ALA A 1 11.03 7.31 13.76
C ALA A 1 11.40 7.83 12.37
N LEU A 2 10.69 8.82 11.81
CA LEU A 2 11.09 9.50 10.60
C LEU A 2 12.25 10.44 10.94
N PHE A 3 13.16 10.64 9.98
CA PHE A 3 14.26 11.61 10.02
C PHE A 3 14.45 12.15 8.61
N SER A 4 14.49 11.26 7.62
CA SER A 4 14.32 11.62 6.22
C SER A 4 12.87 12.04 5.98
N GLY A 5 12.60 12.58 4.79
CA GLY A 5 11.34 13.23 4.44
C GLY A 5 10.32 12.21 3.96
N ASP A 6 10.00 11.21 4.79
CA ASP A 6 8.98 10.21 4.45
C ASP A 6 7.61 10.84 4.72
N ILE A 7 6.56 10.04 4.51
CA ILE A 7 5.13 10.35 4.67
C ILE A 7 4.76 10.72 6.12
N ALA A 8 5.17 11.90 6.56
CA ALA A 8 4.96 12.41 7.90
C ALA A 8 3.51 12.79 8.17
N ASN A 9 2.73 12.91 7.11
CA ASN A 9 1.30 13.15 7.17
C ASN A 9 0.58 11.84 7.48
N LEU A 10 1.23 10.70 7.24
CA LEU A 10 0.62 9.38 7.33
C LEU A 10 1.22 8.62 8.51
N THR A 11 0.77 8.89 9.73
CA THR A 11 1.17 8.17 10.93
C THR A 11 0.40 6.84 10.97
N ALA A 12 0.65 6.00 11.96
CA ALA A 12 0.01 4.69 12.12
C ALA A 12 -1.48 4.81 12.39
N ALA A 13 -1.85 5.60 13.39
CA ALA A 13 -3.27 5.84 13.66
C ALA A 13 -3.90 6.64 12.52
N GLU A 14 -3.11 7.44 11.81
CA GLU A 14 -3.56 8.23 10.70
C GLU A 14 -3.89 7.31 9.54
N ILE A 15 -3.04 6.32 9.28
CA ILE A 15 -3.26 5.34 8.25
C ILE A 15 -4.43 4.47 8.65
N GLU A 16 -4.43 3.87 9.84
CA GLU A 16 -5.54 3.00 10.17
C GLU A 16 -6.87 3.76 10.15
N GLN A 17 -7.00 4.91 10.81
CA GLN A 17 -8.28 5.60 10.82
C GLN A 17 -8.55 6.16 9.42
N GLY A 18 -7.50 6.50 8.68
CA GLY A 18 -7.57 7.10 7.38
C GLY A 18 -8.23 6.14 6.41
N PHE A 19 -7.84 4.87 6.52
CA PHE A 19 -8.12 3.90 5.48
C PHE A 19 -9.09 2.81 5.95
N LYS A 20 -9.57 2.89 7.19
CA LYS A 20 -10.72 2.19 7.77
C LYS A 20 -12.05 2.47 7.05
N ASP A 21 -12.02 2.99 5.83
CA ASP A 21 -13.11 3.04 4.85
C ASP A 21 -13.23 1.64 4.22
N VAL A 22 -12.09 0.99 4.00
CA VAL A 22 -11.98 -0.34 3.41
C VAL A 22 -11.14 -1.19 4.39
N PRO A 23 -11.12 -2.53 4.28
CA PRO A 23 -10.38 -3.37 5.19
C PRO A 23 -8.90 -3.38 4.79
N SER A 24 -8.12 -4.09 5.58
CA SER A 24 -6.68 -4.14 5.47
C SER A 24 -6.24 -5.55 5.06
N PHE A 25 -4.93 -5.76 4.96
CA PHE A 25 -4.32 -7.06 4.85
C PHE A 25 -3.06 -7.08 5.68
N VAL A 26 -2.56 -8.26 5.98
CA VAL A 26 -1.31 -8.50 6.63
C VAL A 26 -0.71 -9.77 6.01
N HIS A 27 0.61 -9.75 5.76
CA HIS A 27 1.35 -10.97 5.52
C HIS A 27 2.41 -11.14 6.58
N GLU A 28 2.60 -12.36 7.05
CA GLU A 28 3.78 -12.71 7.81
C GLU A 28 4.87 -12.99 6.79
N GLY A 29 5.36 -11.89 6.21
CA GLY A 29 6.28 -11.92 5.09
C GLY A 29 7.35 -10.84 5.17
N GLY A 30 8.48 -11.13 4.53
CA GLY A 30 9.50 -10.17 4.18
C GLY A 30 9.07 -9.46 2.91
N ASP A 31 10.04 -8.90 2.19
CA ASP A 31 9.76 -8.08 1.01
C ASP A 31 9.03 -8.89 -0.06
N VAL A 32 8.06 -8.25 -0.72
CA VAL A 32 7.05 -8.90 -1.52
C VAL A 32 6.54 -7.92 -2.56
N PRO A 33 6.36 -8.34 -3.82
CA PRO A 33 5.85 -7.51 -4.91
C PRO A 33 4.59 -6.75 -4.52
N LEU A 34 4.53 -5.42 -4.78
CA LEU A 34 3.28 -4.69 -4.69
C LEU A 34 2.11 -5.41 -5.39
N VAL A 35 2.38 -6.07 -6.53
CA VAL A 35 1.38 -6.75 -7.35
C VAL A 35 1.03 -8.16 -6.87
N GLU A 36 1.70 -8.61 -5.82
CA GLU A 36 1.35 -9.80 -5.08
C GLU A 36 0.57 -9.38 -3.84
N LEU A 37 1.00 -8.34 -3.11
CA LEU A 37 0.36 -7.99 -1.87
C LEU A 37 -0.95 -7.29 -2.14
N LEU A 38 -1.19 -6.69 -3.32
CA LEU A 38 -2.49 -6.11 -3.60
C LEU A 38 -3.52 -7.20 -3.94
N VAL A 39 -3.04 -8.33 -4.47
CA VAL A 39 -3.82 -9.43 -5.01
C VAL A 39 -4.29 -10.26 -3.81
N SER A 40 -3.37 -10.45 -2.88
CA SER A 40 -3.57 -10.95 -1.55
C SER A 40 -4.48 -9.99 -0.79
N ALA A 41 -4.19 -8.68 -0.82
CA ALA A 41 -4.92 -7.76 0.03
C ALA A 41 -6.29 -7.42 -0.54
N GLY A 42 -6.52 -7.70 -1.82
CA GLY A 42 -7.87 -7.74 -2.38
C GLY A 42 -8.25 -6.38 -2.93
N ILE A 43 -7.26 -5.71 -3.50
CA ILE A 43 -7.41 -4.49 -4.23
C ILE A 43 -7.93 -4.98 -5.58
N SER A 44 -7.19 -5.89 -6.25
CA SER A 44 -7.57 -6.41 -7.55
C SER A 44 -7.00 -7.82 -7.64
N PRO A 45 -7.83 -8.87 -7.49
CA PRO A 45 -7.35 -10.25 -7.41
C PRO A 45 -7.03 -10.87 -8.77
N SER A 46 -7.41 -10.21 -9.86
CA SER A 46 -7.22 -10.71 -11.21
C SER A 46 -5.87 -10.17 -11.68
N LYS A 47 -4.88 -11.03 -11.96
CA LYS A 47 -3.51 -10.60 -12.25
C LYS A 47 -3.39 -9.54 -13.36
N ARG A 48 -4.21 -9.58 -14.41
CA ARG A 48 -4.22 -8.51 -15.42
C ARG A 48 -4.58 -7.19 -14.74
N GLN A 49 -5.72 -7.19 -14.04
CA GLN A 49 -6.19 -5.99 -13.38
C GLN A 49 -5.12 -5.52 -12.44
N ALA A 50 -4.66 -6.41 -11.58
CA ALA A 50 -3.61 -6.17 -10.61
C ALA A 50 -2.43 -5.43 -11.24
N ARG A 51 -1.87 -6.00 -12.32
CA ARG A 51 -0.74 -5.41 -13.02
C ARG A 51 -1.06 -4.02 -13.49
N GLU A 52 -2.24 -3.76 -14.03
CA GLU A 52 -2.57 -2.38 -14.41
C GLU A 52 -2.82 -1.51 -13.21
N ASP A 53 -3.46 -2.06 -12.18
CA ASP A 53 -3.73 -1.44 -10.92
C ASP A 53 -2.44 -1.06 -10.22
N ILE A 54 -1.31 -1.61 -10.67
CA ILE A 54 0.00 -1.30 -10.17
C ILE A 54 0.95 -0.68 -11.17
N GLN A 55 0.69 -0.73 -12.47
CA GLN A 55 1.41 0.04 -13.46
C GLN A 55 0.73 1.38 -13.72
N ASN A 56 -0.44 1.62 -13.13
CA ASN A 56 -1.10 2.91 -13.28
C ASN A 56 -0.58 3.94 -12.33
N GLY A 57 -0.36 5.13 -12.85
CA GLY A 57 -0.15 6.34 -12.06
C GLY A 57 -1.34 6.72 -11.15
N ALA A 58 -2.37 5.89 -11.10
CA ALA A 58 -3.52 6.03 -10.23
C ALA A 58 -3.37 5.22 -8.93
N ILE A 59 -2.28 4.48 -8.71
CA ILE A 59 -1.97 3.78 -7.45
C ILE A 59 -0.92 4.60 -6.70
N TYR A 60 -1.47 5.38 -5.79
CA TYR A 60 -0.78 6.27 -4.89
C TYR A 60 -0.46 5.49 -3.61
N VAL A 61 0.77 4.99 -3.49
CA VAL A 61 1.21 4.25 -2.31
C VAL A 61 1.60 5.24 -1.23
N ASN A 62 1.02 5.05 -0.05
CA ASN A 62 1.09 6.00 1.06
C ASN A 62 0.66 7.41 0.63
N GLY A 63 -0.17 7.49 -0.41
CA GLY A 63 -0.70 8.72 -0.95
C GLY A 63 0.12 9.29 -2.11
N GLU A 64 1.13 8.58 -2.64
CA GLU A 64 2.04 9.11 -3.66
C GLU A 64 2.11 8.12 -4.83
N ARG A 65 1.86 8.57 -6.06
CA ARG A 65 1.83 7.75 -7.27
C ARG A 65 3.14 7.00 -7.39
N LEU A 66 3.13 5.68 -7.21
CA LEU A 66 4.34 4.87 -7.20
C LEU A 66 3.98 3.51 -7.82
N GLN A 67 3.94 3.42 -9.15
CA GLN A 67 3.41 2.30 -9.94
C GLN A 67 4.52 1.33 -10.39
N ASP A 68 5.43 0.93 -9.49
CA ASP A 68 6.57 0.10 -9.86
C ASP A 68 7.04 -0.85 -8.76
N VAL A 69 7.61 -1.99 -9.14
CA VAL A 69 8.20 -3.00 -8.26
C VAL A 69 9.40 -2.46 -7.50
N GLY A 70 10.27 -1.72 -8.19
CA GLY A 70 11.39 -1.04 -7.57
C GLY A 70 10.94 0.21 -6.83
N ALA A 71 9.68 0.64 -7.01
CA ALA A 71 9.11 1.65 -6.16
C ALA A 71 8.68 1.01 -4.85
N ILE A 72 7.84 -0.05 -4.82
CA ILE A 72 7.46 -0.71 -3.59
C ILE A 72 7.42 -2.23 -3.69
N LEU A 73 7.94 -2.86 -2.64
CA LEU A 73 7.74 -4.25 -2.31
C LEU A 73 6.87 -4.14 -1.05
N THR A 74 7.44 -4.03 0.15
CA THR A 74 6.71 -4.03 1.41
C THR A 74 6.55 -2.63 2.02
N ALA A 75 5.99 -2.59 3.24
CA ALA A 75 5.75 -1.35 3.95
C ALA A 75 7.01 -0.56 4.24
N GLU A 76 8.07 -1.20 4.74
CA GLU A 76 9.35 -0.53 4.96
C GLU A 76 10.03 -0.16 3.64
N HIS A 77 9.59 -0.77 2.54
CA HIS A 77 10.09 -0.40 1.23
C HIS A 77 9.39 0.89 0.77
N ARG A 78 8.34 1.37 1.48
CA ARG A 78 7.68 2.63 1.19
C ARG A 78 7.98 3.62 2.31
N LEU A 79 7.34 3.48 3.48
CA LEU A 79 7.54 4.32 4.64
C LEU A 79 8.63 3.72 5.53
N GLU A 80 8.80 4.27 6.73
CA GLU A 80 9.85 3.88 7.68
C GLU A 80 9.85 2.37 8.03
N GLY A 81 8.68 1.73 7.93
CA GLY A 81 8.44 0.32 8.18
C GLY A 81 7.30 0.12 9.16
N ARG A 82 6.07 0.42 8.73
CA ARG A 82 4.87 0.30 9.59
C ARG A 82 3.61 -0.17 8.87
N PHE A 83 3.28 0.35 7.69
CA PHE A 83 2.09 0.03 6.91
C PHE A 83 2.34 0.40 5.43
N THR A 84 1.34 0.25 4.58
CA THR A 84 1.32 0.85 3.26
C THR A 84 -0.15 1.10 2.90
N VAL A 85 -0.49 2.34 2.58
CA VAL A 85 -1.75 2.70 1.95
C VAL A 85 -1.60 2.38 0.46
N ILE A 86 -2.69 1.98 -0.18
CA ILE A 86 -2.78 1.75 -1.62
C ILE A 86 -3.99 2.50 -2.10
N ARG A 87 -3.80 3.73 -2.54
CA ARG A 87 -4.88 4.52 -3.09
C ARG A 87 -4.91 4.22 -4.57
N ARG A 88 -5.56 3.13 -4.99
CA ARG A 88 -5.90 2.91 -6.39
C ARG A 88 -7.12 3.80 -6.63
N GLY A 89 -6.91 4.98 -7.19
CA GLY A 89 -7.99 5.84 -7.66
C GLY A 89 -8.90 5.04 -8.60
N LYS A 90 -10.21 5.29 -8.52
CA LYS A 90 -11.32 4.55 -9.12
C LYS A 90 -11.56 3.17 -8.48
N LYS A 91 -10.78 2.74 -7.49
CA LYS A 91 -11.12 1.61 -6.63
C LYS A 91 -11.26 2.15 -5.21
N LYS A 92 -10.30 1.93 -4.31
CA LYS A 92 -10.28 2.48 -2.99
C LYS A 92 -8.83 2.55 -2.53
N TYR A 93 -8.72 2.89 -1.26
CA TYR A 93 -7.49 3.18 -0.55
C TYR A 93 -7.30 2.10 0.50
N TYR A 94 -6.74 0.97 0.07
CA TYR A 94 -6.57 -0.20 0.90
C TYR A 94 -5.37 -0.02 1.80
N LEU A 95 -5.23 -0.92 2.77
CA LEU A 95 -4.21 -0.87 3.79
C LEU A 95 -3.54 -2.23 3.86
N ILE A 96 -2.22 -2.23 3.95
CA ILE A 96 -1.40 -3.43 3.90
C ILE A 96 -0.37 -3.33 5.02
N ARG A 97 -0.19 -4.42 5.75
CA ARG A 97 0.87 -4.59 6.73
C ARG A 97 1.55 -5.94 6.63
N TYR A 98 2.46 -6.14 7.56
CA TYR A 98 3.04 -7.39 7.90
C TYR A 98 2.82 -7.72 9.37
N ALA A 99 2.92 -9.02 9.64
CA ALA A 99 2.92 -9.66 10.92
C ALA A 99 4.26 -10.37 11.09
#